data_3QNK
#
_entry.id   3QNK
#
_cell.length_a   146.653
_cell.length_b   146.653
_cell.length_c   226.178
_cell.angle_alpha   90.000
_cell.angle_beta   90.000
_cell.angle_gamma   120.000
#
_symmetry.space_group_name_H-M   'P 31 2 1'
#
loop_
_entity.id
_entity.type
_entity.pdbx_description
1 polymer 'Putative lipoprotein'
2 non-polymer 'CHLORIDE ION'
3 non-polymer 'PHOSPHATE ION'
4 non-polymer 'ACETATE ION'
5 water water
#
_entity_poly.entity_id   1
_entity_poly.type   'polypeptide(L)'
_entity_poly.pdbx_seq_one_letter_code
;GKAPLDEIADDSFWSDETLVKYYVNDLYSEISVDGLQLQENRSDNSVSAQRDKYRASWFKFNYD(MSE)VSASDPQDDDV
WEDYYVKVRKCNRFFERIGTSTIEESEKSRLTGEVHFLRA(MSE)FYFE(MSE)VKRYGGVILLDKVLT(MSE)EDNWEI
PRSSEKECYDFILEDLKKATE(MSE)LPASYGSREKGRATKGAAYALKSRVELYDKRYEDVIKSCAEVYKLGYELVDGTT
PEKYRSIWWTTNKDNKEIIFDVQYKSPDVYNN(MSE)(MSE)VCN(MSE)VTYINDKYGDRGWGGLGPTQELIDAFE
(MSE)ADGTPATQYSQAPADQVFDINTCGIYEGREPRFYANIVFHGSQIFFNADKGAVTVDRYL(MSE)DTPDKGDGSLT
GYNVWKWIDYDNYNYPYAGAGSPDFSTNWIILRYAEIYLNDAEARLETGDVEGARKAVN(MSE)IRQRVGLPDLTESDPE
KLRELIRKERRIEFAFEEQRFYDVRRWKIGPETQTTLHGVRFVSPTEFKVTKTDIRTWNDRLYLTPVPHDEIVRSSVLKQ
NLGY
;
_entity_poly.pdbx_strand_id   A,B,C,D
#
# COMPACT_ATOMS: atom_id res chain seq x y z
N LYS A 2 -4.74 -30.85 4.05
CA LYS A 2 -3.72 -29.93 3.53
C LYS A 2 -2.35 -30.59 3.41
N ALA A 3 -1.90 -31.33 4.44
CA ALA A 3 -0.61 -32.00 4.44
C ALA A 3 -0.60 -33.21 3.51
N PRO A 4 0.57 -33.55 2.89
CA PRO A 4 0.64 -34.77 2.06
C PRO A 4 0.35 -36.01 2.91
N LEU A 5 -0.27 -37.03 2.32
CA LEU A 5 -0.73 -38.26 2.99
C LEU A 5 0.36 -38.93 3.85
N ASP A 6 1.64 -38.95 3.38
CA ASP A 6 2.74 -39.59 4.10
C ASP A 6 3.00 -39.01 5.52
N GLU A 7 2.56 -37.76 5.80
CA GLU A 7 2.73 -37.09 7.10
C GLU A 7 1.90 -37.75 8.23
N ILE A 8 0.82 -38.47 7.87
CA ILE A 8 -0.08 -39.18 8.78
C ILE A 8 0.51 -40.54 9.21
N ALA A 9 1.33 -41.16 8.32
CA ALA A 9 1.91 -42.49 8.52
C ALA A 9 3.36 -42.52 9.04
N ASP A 10 3.80 -43.75 9.41
CA ASP A 10 5.10 -44.16 9.92
C ASP A 10 6.20 -43.99 8.85
N ASP A 11 7.47 -43.85 9.31
CA ASP A 11 8.65 -43.67 8.46
C ASP A 11 9.03 -45.02 7.79
N SER A 12 8.12 -45.51 6.92
CA SER A 12 8.19 -46.74 6.12
C SER A 12 7.03 -46.74 5.11
N PHE A 13 6.49 -45.53 4.85
CA PHE A 13 5.33 -45.27 4.00
C PHE A 13 5.60 -45.55 2.54
N TRP A 14 6.71 -45.01 1.98
CA TRP A 14 6.99 -45.10 0.54
C TRP A 14 7.43 -46.52 0.08
N SER A 15 7.72 -47.42 1.03
CA SER A 15 8.05 -48.80 0.70
C SER A 15 6.77 -49.58 0.35
N ASP A 16 5.69 -49.32 1.13
CA ASP A 16 4.36 -49.92 1.01
C ASP A 16 3.64 -49.46 -0.28
N GLU A 17 3.39 -50.41 -1.20
CA GLU A 17 2.71 -50.18 -2.48
C GLU A 17 1.28 -49.68 -2.30
N THR A 18 0.58 -50.18 -1.27
CA THR A 18 -0.80 -49.82 -0.96
C THR A 18 -0.87 -48.35 -0.51
N LEU A 19 0.07 -47.92 0.35
CA LEU A 19 0.12 -46.55 0.85
C LEU A 19 0.51 -45.58 -0.25
N VAL A 20 1.43 -45.99 -1.16
CA VAL A 20 1.85 -45.16 -2.29
C VAL A 20 0.68 -45.03 -3.24
N LYS A 21 -0.08 -46.14 -3.46
CA LYS A 21 -1.26 -46.12 -4.32
C LYS A 21 -2.33 -45.19 -3.71
N TYR A 22 -2.45 -45.16 -2.36
CA TYR A 22 -3.37 -44.29 -1.63
C TYR A 22 -2.94 -42.82 -1.77
N TYR A 23 -1.63 -42.54 -1.80
CA TYR A 23 -1.10 -41.19 -1.97
C TYR A 23 -1.56 -40.62 -3.32
N VAL A 24 -1.45 -41.43 -4.40
CA VAL A 24 -1.84 -41.02 -5.75
C VAL A 24 -3.37 -40.82 -5.77
N ASN A 25 -4.16 -41.66 -5.04
CA ASN A 25 -5.62 -41.48 -4.94
C ASN A 25 -5.95 -40.13 -4.30
N ASP A 26 -5.14 -39.72 -3.31
CA ASP A 26 -5.29 -38.44 -2.62
C ASP A 26 -5.03 -37.29 -3.60
N LEU A 27 -4.05 -37.49 -4.52
CA LEU A 27 -3.72 -36.49 -5.54
C LEU A 27 -4.87 -36.36 -6.54
N TYR A 28 -5.51 -37.48 -6.91
CA TYR A 28 -6.68 -37.44 -7.78
C TYR A 28 -7.83 -36.75 -7.07
N SER A 29 -7.96 -36.97 -5.75
CA SER A 29 -9.02 -36.39 -4.93
C SER A 29 -8.87 -34.85 -4.85
N GLU A 30 -7.68 -34.33 -5.19
CA GLU A 30 -7.40 -32.91 -5.21
C GLU A 30 -7.99 -32.24 -6.46
N ILE A 31 -8.53 -33.02 -7.41
CA ILE A 31 -9.22 -32.47 -8.59
C ILE A 31 -10.53 -31.82 -8.08
N SER A 32 -10.66 -30.51 -8.32
CA SER A 32 -11.83 -29.75 -7.89
C SER A 32 -12.78 -29.44 -9.04
N VAL A 33 -14.09 -29.53 -8.76
CA VAL A 33 -15.18 -29.22 -9.70
C VAL A 33 -16.00 -28.13 -9.09
N ASP A 34 -16.20 -27.04 -9.81
CA ASP A 34 -17.01 -25.92 -9.34
C ASP A 34 -18.46 -26.25 -9.65
N GLY A 35 -19.17 -26.71 -8.64
CA GLY A 35 -20.58 -27.06 -8.77
C GLY A 35 -21.45 -25.89 -9.21
N LEU A 36 -21.01 -24.65 -8.90
CA LEU A 36 -21.74 -23.41 -9.20
C LEU A 36 -21.38 -22.81 -10.54
N GLN A 37 -20.26 -23.30 -11.13
CA GLN A 37 -19.76 -22.95 -12.45
C GLN A 37 -19.71 -21.44 -12.61
N LEU A 38 -18.98 -20.80 -11.68
CA LEU A 38 -18.88 -19.37 -11.57
C LEU A 38 -18.24 -18.78 -12.78
N GLN A 39 -17.20 -19.44 -13.33
CA GLN A 39 -16.57 -18.97 -14.57
C GLN A 39 -17.60 -18.88 -15.73
N GLU A 40 -18.51 -19.87 -15.87
CA GLU A 40 -19.52 -19.85 -16.93
C GLU A 40 -20.52 -18.72 -16.72
N ASN A 41 -20.84 -18.43 -15.46
CA ASN A 41 -21.74 -17.35 -15.05
C ASN A 41 -21.04 -15.99 -15.14
N ARG A 42 -19.74 -16.01 -15.49
CA ARG A 42 -18.90 -14.83 -15.69
C ARG A 42 -18.58 -14.74 -17.22
N SER A 43 -19.46 -15.35 -18.04
CA SER A 43 -19.39 -15.40 -19.50
C SER A 43 -20.74 -15.11 -20.12
N ASP A 44 -20.77 -14.80 -21.43
CA ASP A 44 -22.00 -14.48 -22.14
C ASP A 44 -22.96 -15.67 -22.31
N ASN A 45 -22.61 -16.87 -21.80
CA ASN A 45 -23.47 -18.07 -21.90
C ASN A 45 -24.50 -18.15 -20.79
N SER A 46 -24.23 -17.50 -19.65
CA SER A 46 -25.13 -17.59 -18.51
C SER A 46 -25.21 -16.34 -17.63
N VAL A 47 -26.42 -16.11 -17.07
CA VAL A 47 -26.77 -15.14 -16.02
C VAL A 47 -27.31 -16.00 -14.89
N SER A 48 -26.53 -16.12 -13.80
CA SER A 48 -26.88 -16.92 -12.62
C SER A 48 -28.20 -16.48 -11.98
N ALA A 49 -29.00 -17.44 -11.50
CA ALA A 49 -30.24 -17.19 -10.76
C ALA A 49 -29.94 -16.44 -9.44
N GLN A 50 -28.64 -16.40 -9.05
CA GLN A 50 -28.05 -15.75 -7.86
C GLN A 50 -27.36 -14.42 -8.20
N ARG A 51 -27.68 -13.87 -9.42
CA ARG A 51 -27.14 -12.64 -9.99
C ARG A 51 -27.16 -11.50 -8.99
N ASP A 52 -28.30 -11.34 -8.29
CA ASP A 52 -28.51 -10.29 -7.28
C ASP A 52 -28.07 -10.73 -5.91
N LYS A 53 -28.37 -11.99 -5.51
CA LYS A 53 -28.04 -12.60 -4.21
C LYS A 53 -26.55 -12.56 -3.87
N TYR A 54 -25.67 -12.97 -4.82
CA TYR A 54 -24.19 -13.03 -4.68
C TYR A 54 -23.48 -12.11 -5.68
N ARG A 55 -24.11 -10.99 -6.06
CA ARG A 55 -23.54 -9.97 -6.93
C ARG A 55 -22.12 -9.65 -6.48
N ALA A 56 -21.94 -9.04 -5.30
CA ALA A 56 -20.64 -8.62 -4.76
C ALA A 56 -19.70 -9.78 -4.38
N SER A 57 -20.21 -11.00 -4.04
CA SER A 57 -19.26 -12.07 -3.69
C SER A 57 -18.83 -12.86 -4.87
N TRP A 58 -19.72 -13.09 -5.84
CA TRP A 58 -19.37 -14.01 -6.94
C TRP A 58 -19.17 -13.39 -8.28
N PHE A 59 -19.87 -12.29 -8.56
CA PHE A 59 -19.87 -11.77 -9.90
C PHE A 59 -19.33 -10.36 -10.06
N LYS A 60 -18.31 -9.97 -9.29
CA LYS A 60 -17.71 -8.64 -9.47
C LYS A 60 -17.03 -8.55 -10.82
N PHE A 61 -16.57 -9.71 -11.40
CA PHE A 61 -15.92 -9.79 -12.72
C PHE A 61 -16.80 -9.21 -13.81
N ASN A 62 -18.10 -9.50 -13.74
CA ASN A 62 -19.09 -9.09 -14.72
C ASN A 62 -19.27 -7.57 -14.82
N TYR A 63 -18.80 -6.81 -13.82
CA TYR A 63 -18.93 -5.36 -13.82
C TYR A 63 -17.57 -4.67 -13.64
N ASP A 64 -16.45 -5.40 -13.92
CA ASP A 64 -15.07 -4.92 -13.78
C ASP A 64 -14.88 -4.33 -12.36
N VAL A 66 -13.58 -6.39 -9.70
CA VAL A 66 -12.58 -7.17 -8.99
C VAL A 66 -11.36 -6.27 -8.73
N SER A 67 -10.58 -6.60 -7.70
CA SER A 67 -9.36 -5.88 -7.33
C SER A 67 -8.38 -6.88 -6.74
N ALA A 68 -7.16 -6.49 -6.40
CA ALA A 68 -6.21 -7.42 -5.79
C ALA A 68 -6.74 -7.87 -4.42
N SER A 69 -7.42 -6.95 -3.70
CA SER A 69 -8.02 -7.16 -2.37
C SER A 69 -9.28 -8.05 -2.48
N ASP A 70 -10.09 -7.93 -3.58
CA ASP A 70 -11.23 -8.85 -3.84
C ASP A 70 -11.00 -9.46 -5.22
N PRO A 71 -10.09 -10.45 -5.33
CA PRO A 71 -9.74 -10.96 -6.67
C PRO A 71 -10.76 -11.88 -7.32
N GLN A 72 -11.59 -12.55 -6.51
CA GLN A 72 -12.62 -13.53 -6.94
C GLN A 72 -11.99 -14.56 -7.87
N ASP A 73 -10.84 -15.09 -7.42
CA ASP A 73 -10.00 -16.06 -8.13
C ASP A 73 -10.43 -17.45 -7.79
N ASP A 74 -11.44 -17.58 -6.90
CA ASP A 74 -11.99 -18.85 -6.43
C ASP A 74 -10.95 -19.63 -5.60
N ASP A 75 -10.05 -18.86 -4.93
CA ASP A 75 -8.96 -19.31 -4.07
C ASP A 75 -8.03 -20.28 -4.80
N VAL A 76 -7.93 -20.15 -6.16
CA VAL A 76 -7.13 -21.08 -6.96
C VAL A 76 -5.64 -20.98 -6.62
N TRP A 77 -5.06 -19.77 -6.51
CA TRP A 77 -3.65 -19.58 -6.14
C TRP A 77 -3.38 -20.29 -4.81
N GLU A 78 -4.12 -19.92 -3.75
CA GLU A 78 -4.00 -20.49 -2.40
C GLU A 78 -4.09 -22.03 -2.41
N ASP A 79 -5.18 -22.56 -2.96
CA ASP A 79 -5.49 -23.99 -2.94
C ASP A 79 -4.61 -24.84 -3.84
N TYR A 80 -4.28 -24.34 -5.04
CA TYR A 80 -3.58 -25.15 -6.01
C TYR A 80 -2.09 -25.29 -5.68
N TYR A 81 -1.49 -24.33 -4.95
CA TYR A 81 -0.08 -24.50 -4.57
C TYR A 81 0.05 -25.64 -3.55
N VAL A 82 -1.02 -25.88 -2.75
CA VAL A 82 -1.10 -26.99 -1.79
C VAL A 82 -1.10 -28.30 -2.58
N LYS A 83 -1.92 -28.36 -3.66
CA LYS A 83 -2.07 -29.51 -4.57
C LYS A 83 -0.74 -29.80 -5.25
N VAL A 84 -0.06 -28.74 -5.72
CA VAL A 84 1.23 -28.84 -6.36
C VAL A 84 2.26 -29.31 -5.33
N ARG A 85 2.21 -28.81 -4.07
CA ARG A 85 3.14 -29.23 -3.02
C ARG A 85 3.07 -30.76 -2.85
N LYS A 86 1.84 -31.32 -2.84
CA LYS A 86 1.59 -32.75 -2.68
C LYS A 86 2.20 -33.56 -3.85
N CYS A 87 2.19 -32.99 -5.09
CA CYS A 87 2.78 -33.62 -6.27
C CYS A 87 4.30 -33.67 -6.14
N ASN A 88 4.91 -32.51 -5.80
CA ASN A 88 6.36 -32.31 -5.65
C ASN A 88 6.93 -33.24 -4.57
N ARG A 89 6.17 -33.54 -3.50
CA ARG A 89 6.59 -34.47 -2.44
C ARG A 89 6.64 -35.88 -3.01
N PHE A 90 5.64 -36.27 -3.82
CA PHE A 90 5.63 -37.58 -4.48
C PHE A 90 6.90 -37.73 -5.32
N PHE A 91 7.21 -36.73 -6.14
CA PHE A 91 8.40 -36.72 -6.98
C PHE A 91 9.67 -36.83 -6.15
N GLU A 92 9.72 -36.18 -4.96
CA GLU A 92 10.88 -36.23 -4.05
C GLU A 92 11.06 -37.62 -3.41
N ARG A 93 9.95 -38.26 -2.98
CA ARG A 93 10.01 -39.50 -2.22
C ARG A 93 9.79 -40.81 -3.03
N ILE A 94 9.34 -40.73 -4.31
CA ILE A 94 9.08 -41.95 -5.12
C ILE A 94 10.39 -42.68 -5.50
N GLY A 95 11.50 -41.97 -5.60
CA GLY A 95 12.80 -42.58 -5.94
C GLY A 95 13.26 -43.68 -5.00
N THR A 96 13.00 -43.48 -3.69
CA THR A 96 13.34 -44.40 -2.60
C THR A 96 12.31 -45.55 -2.49
N SER A 97 11.20 -45.50 -3.25
CA SER A 97 10.18 -46.54 -3.21
C SER A 97 10.69 -47.89 -3.73
N THR A 98 10.25 -48.98 -3.08
CA THR A 98 10.68 -50.34 -3.43
C THR A 98 9.70 -51.00 -4.42
N ILE A 99 8.68 -50.25 -4.86
CA ILE A 99 7.65 -50.70 -5.81
C ILE A 99 8.27 -51.05 -7.17
N GLU A 100 7.65 -52.02 -7.89
CA GLU A 100 8.00 -52.49 -9.23
C GLU A 100 8.17 -51.29 -10.18
N GLU A 101 9.29 -51.28 -10.94
CA GLU A 101 9.68 -50.23 -11.89
C GLU A 101 8.51 -49.81 -12.80
N SER A 102 7.82 -50.77 -13.46
CA SER A 102 6.69 -50.50 -14.37
C SER A 102 5.54 -49.78 -13.68
N GLU A 103 5.15 -50.24 -12.46
CA GLU A 103 4.07 -49.64 -11.66
C GLU A 103 4.49 -48.24 -11.20
N LYS A 104 5.75 -48.11 -10.74
CA LYS A 104 6.36 -46.86 -10.28
C LYS A 104 6.36 -45.83 -11.43
N SER A 105 6.71 -46.27 -12.66
CA SER A 105 6.74 -45.42 -13.85
C SER A 105 5.34 -44.88 -14.19
N ARG A 106 4.33 -45.78 -14.28
CA ARG A 106 2.93 -45.42 -14.56
C ARG A 106 2.43 -44.41 -13.53
N LEU A 107 2.61 -44.71 -12.21
CA LEU A 107 2.17 -43.82 -11.12
C LEU A 107 2.81 -42.45 -11.25
N THR A 108 4.14 -42.39 -11.52
CA THR A 108 4.85 -41.13 -11.73
C THR A 108 4.22 -40.34 -12.89
N GLY A 109 3.82 -41.04 -13.96
CA GLY A 109 3.15 -40.46 -15.11
C GLY A 109 1.83 -39.79 -14.73
N GLU A 110 1.02 -40.48 -13.86
CA GLU A 110 -0.26 -39.97 -13.33
C GLU A 110 -0.05 -38.67 -12.51
N VAL A 111 1.07 -38.57 -11.76
CA VAL A 111 1.40 -37.38 -10.96
C VAL A 111 1.87 -36.24 -11.88
N HIS A 112 2.56 -36.56 -13.02
CA HIS A 112 2.98 -35.57 -13.99
C HIS A 112 1.75 -34.94 -14.62
N PHE A 113 0.76 -35.79 -14.99
CA PHE A 113 -0.52 -35.35 -15.56
C PHE A 113 -1.27 -34.46 -14.58
N LEU A 114 -1.32 -34.86 -13.29
CA LEU A 114 -2.02 -34.12 -12.25
C LEU A 114 -1.32 -32.79 -11.96
N ARG A 115 0.02 -32.78 -11.83
CA ARG A 115 0.75 -31.52 -11.58
C ARG A 115 0.55 -30.53 -12.73
N ALA A 116 0.54 -31.04 -13.97
CA ALA A 116 0.32 -30.23 -15.19
C ALA A 116 -1.08 -29.64 -15.16
N PHE A 118 -2.95 -29.09 -12.46
CA PHE A 118 -3.05 -28.13 -11.35
C PHE A 118 -2.43 -26.79 -11.72
N TYR A 119 -1.25 -26.80 -12.37
CA TYR A 119 -0.59 -25.57 -12.83
C TYR A 119 -1.38 -24.90 -13.94
N PHE A 120 -2.00 -25.69 -14.83
CA PHE A 120 -2.83 -25.15 -15.92
C PHE A 120 -4.01 -24.38 -15.36
N GLU A 121 -4.63 -24.85 -14.26
CA GLU A 121 -5.75 -24.12 -13.63
C GLU A 121 -5.32 -22.74 -13.14
N VAL A 123 -2.36 -21.03 -14.35
CA VAL A 123 -1.87 -20.29 -15.50
C VAL A 123 -3.02 -19.74 -16.36
N LYS A 124 -4.07 -20.54 -16.62
CA LYS A 124 -5.23 -20.06 -17.42
C LYS A 124 -5.93 -18.83 -16.78
N ARG A 125 -5.70 -18.58 -15.46
CA ARG A 125 -6.28 -17.46 -14.73
C ARG A 125 -5.33 -16.25 -14.56
N TYR A 126 -4.19 -16.45 -13.88
CA TYR A 126 -3.28 -15.36 -13.59
C TYR A 126 -2.22 -15.12 -14.66
N GLY A 127 -1.95 -16.11 -15.50
CA GLY A 127 -0.90 -16.04 -16.52
C GLY A 127 0.35 -16.67 -15.93
N GLY A 128 1.44 -15.91 -15.87
CA GLY A 128 2.66 -16.40 -15.24
C GLY A 128 2.45 -16.60 -13.75
N VAL A 129 2.98 -17.71 -13.19
CA VAL A 129 2.88 -18.03 -11.74
C VAL A 129 4.28 -18.41 -11.20
N ILE A 130 4.39 -18.73 -9.91
CA ILE A 130 5.65 -19.20 -9.31
C ILE A 130 5.80 -20.67 -9.67
N LEU A 131 6.86 -21.02 -10.44
CA LEU A 131 7.06 -22.41 -10.81
C LEU A 131 7.88 -23.13 -9.74
N LEU A 132 7.27 -24.16 -9.11
CA LEU A 132 7.92 -24.96 -8.06
C LEU A 132 7.93 -26.43 -8.44
N ASP A 133 9.12 -27.03 -8.42
CA ASP A 133 9.34 -28.43 -8.78
C ASP A 133 9.81 -29.25 -7.56
N LYS A 134 9.99 -28.56 -6.41
CA LYS A 134 10.40 -29.15 -5.14
C LYS A 134 9.54 -28.57 -4.03
N VAL A 135 9.49 -29.28 -2.88
CA VAL A 135 8.77 -28.83 -1.69
C VAL A 135 9.70 -27.85 -0.96
N LEU A 136 9.26 -26.59 -0.84
CA LEU A 136 10.05 -25.55 -0.20
C LEU A 136 10.13 -25.82 1.29
N THR A 137 11.31 -25.57 1.83
CA THR A 137 11.74 -25.75 3.20
C THR A 137 12.30 -24.44 3.76
N GLU A 139 15.31 -23.94 4.42
CA GLU A 139 16.61 -23.80 3.76
C GLU A 139 16.51 -22.94 2.52
N ASP A 140 15.33 -22.95 1.89
CA ASP A 140 15.05 -22.22 0.67
C ASP A 140 14.71 -20.75 0.89
N ASN A 141 14.99 -19.92 -0.12
CA ASN A 141 14.61 -18.52 -0.15
C ASN A 141 13.21 -18.50 -0.74
N TRP A 142 12.25 -17.90 -0.02
CA TRP A 142 10.89 -17.94 -0.48
C TRP A 142 10.49 -16.75 -1.33
N GLU A 143 11.42 -15.78 -1.50
CA GLU A 143 11.15 -14.64 -2.37
C GLU A 143 11.48 -15.06 -3.78
N ILE A 144 10.52 -15.75 -4.39
CA ILE A 144 10.60 -16.31 -5.73
C ILE A 144 9.63 -15.53 -6.64
N PRO A 145 10.13 -14.94 -7.73
CA PRO A 145 9.22 -14.19 -8.61
C PRO A 145 8.41 -15.13 -9.48
N ARG A 146 7.36 -14.56 -10.07
CA ARG A 146 6.53 -15.28 -11.01
C ARG A 146 7.35 -15.51 -12.27
N SER A 147 7.21 -16.67 -12.91
CA SER A 147 7.86 -16.90 -14.18
C SER A 147 6.97 -16.28 -15.27
N SER A 148 7.48 -16.17 -16.50
CA SER A 148 6.67 -15.64 -17.61
C SER A 148 5.60 -16.67 -17.96
N GLU A 149 4.50 -16.21 -18.58
CA GLU A 149 3.44 -17.11 -19.02
C GLU A 149 4.02 -18.20 -19.96
N LYS A 150 4.97 -17.82 -20.86
CA LYS A 150 5.61 -18.74 -21.80
C LYS A 150 6.31 -19.87 -21.05
N GLU A 151 7.10 -19.51 -20.01
CA GLU A 151 7.84 -20.45 -19.15
C GLU A 151 6.91 -21.42 -18.43
N CYS A 152 5.76 -20.91 -17.97
CA CYS A 152 4.75 -21.69 -17.27
C CYS A 152 4.10 -22.67 -18.21
N TYR A 153 3.77 -22.23 -19.45
CA TYR A 153 3.22 -23.13 -20.46
C TYR A 153 4.24 -24.20 -20.84
N ASP A 154 5.55 -23.84 -20.86
CA ASP A 154 6.65 -24.78 -21.11
C ASP A 154 6.70 -25.84 -20.01
N PHE A 155 6.59 -25.42 -18.72
CA PHE A 155 6.58 -26.32 -17.57
C PHE A 155 5.45 -27.32 -17.66
N ILE A 156 4.20 -26.84 -17.89
CA ILE A 156 2.99 -27.67 -18.01
C ILE A 156 3.17 -28.68 -19.13
N LEU A 157 3.63 -28.21 -20.29
CA LEU A 157 3.81 -29.06 -21.45
C LEU A 157 4.93 -30.06 -21.28
N GLU A 158 5.99 -29.76 -20.50
CA GLU A 158 7.07 -30.73 -20.26
C GLU A 158 6.53 -31.86 -19.38
N ASP A 159 5.67 -31.51 -18.40
CA ASP A 159 5.00 -32.48 -17.50
C ASP A 159 4.06 -33.39 -18.31
N LEU A 160 3.30 -32.81 -19.25
CA LEU A 160 2.39 -33.58 -20.11
C LEU A 160 3.16 -34.44 -21.13
N LYS A 161 4.36 -33.98 -21.57
CA LYS A 161 5.20 -34.78 -22.48
C LYS A 161 5.67 -36.02 -21.74
N LYS A 162 6.09 -35.86 -20.46
CA LYS A 162 6.55 -36.96 -19.60
C LYS A 162 5.38 -37.92 -19.35
N ALA A 163 4.16 -37.36 -19.12
CA ALA A 163 2.93 -38.13 -18.93
C ALA A 163 2.61 -39.03 -20.15
N THR A 164 2.65 -38.49 -21.38
CA THR A 164 2.39 -39.27 -22.61
C THR A 164 3.38 -40.43 -22.75
N GLU A 165 4.64 -40.20 -22.35
CA GLU A 165 5.70 -41.20 -22.43
C GLU A 165 5.52 -42.32 -21.41
N LEU A 167 2.39 -42.98 -19.36
CA LEU A 167 1.05 -43.49 -19.11
C LEU A 167 0.59 -44.56 -20.12
N PRO A 168 -0.27 -45.52 -19.69
CA PRO A 168 -0.83 -46.47 -20.68
C PRO A 168 -1.99 -45.82 -21.48
N ALA A 169 -2.34 -46.40 -22.64
CA ALA A 169 -3.46 -45.90 -23.45
C ALA A 169 -4.79 -46.34 -22.84
N SER A 170 -4.75 -47.49 -22.13
CA SER A 170 -5.91 -48.12 -21.52
C SER A 170 -5.59 -48.78 -20.19
N TYR A 171 -6.64 -49.00 -19.37
CA TYR A 171 -6.59 -49.70 -18.08
C TYR A 171 -7.55 -50.89 -18.06
N GLY A 172 -7.37 -51.77 -17.07
CA GLY A 172 -8.27 -52.89 -16.80
C GLY A 172 -9.57 -52.35 -16.19
N SER A 173 -10.53 -53.24 -15.90
CA SER A 173 -11.84 -52.86 -15.33
C SER A 173 -11.69 -52.07 -14.00
N ARG A 174 -10.86 -52.60 -13.07
CA ARG A 174 -10.56 -52.08 -11.74
C ARG A 174 -9.93 -50.67 -11.74
N GLU A 175 -8.89 -50.44 -12.58
CA GLU A 175 -8.16 -49.18 -12.66
C GLU A 175 -8.79 -48.14 -13.64
N LYS A 176 -10.01 -48.40 -14.15
CA LYS A 176 -10.70 -47.45 -15.05
C LYS A 176 -11.07 -46.18 -14.26
N GLY A 177 -10.75 -45.01 -14.83
CA GLY A 177 -10.97 -43.69 -14.23
C GLY A 177 -9.70 -42.86 -14.11
N ARG A 178 -8.53 -43.55 -14.13
CA ARG A 178 -7.18 -43.01 -14.03
C ARG A 178 -6.79 -42.28 -15.33
N ALA A 179 -5.75 -41.44 -15.27
CA ALA A 179 -5.22 -40.71 -16.42
C ALA A 179 -4.58 -41.65 -17.44
N THR A 180 -4.97 -41.50 -18.72
CA THR A 180 -4.46 -42.31 -19.84
C THR A 180 -3.49 -41.50 -20.68
N LYS A 181 -2.85 -42.16 -21.65
CA LYS A 181 -1.96 -41.53 -22.63
C LYS A 181 -2.78 -40.51 -23.42
N GLY A 182 -4.01 -40.91 -23.78
CA GLY A 182 -4.99 -40.07 -24.47
C GLY A 182 -5.36 -38.82 -23.68
N ALA A 183 -5.62 -38.97 -22.37
CA ALA A 183 -5.95 -37.83 -21.52
C ALA A 183 -4.80 -36.81 -21.52
N ALA A 184 -3.54 -37.30 -21.43
CA ALA A 184 -2.36 -36.44 -21.44
C ALA A 184 -2.22 -35.70 -22.79
N TYR A 185 -2.39 -36.41 -23.93
CA TYR A 185 -2.33 -35.79 -25.25
C TYR A 185 -3.48 -34.78 -25.44
N ALA A 186 -4.69 -35.15 -24.98
CA ALA A 186 -5.87 -34.29 -25.07
C ALA A 186 -5.65 -33.02 -24.26
N LEU A 187 -5.11 -33.12 -23.01
CA LEU A 187 -4.86 -31.91 -22.22
C LEU A 187 -3.77 -31.08 -22.90
N LYS A 188 -2.71 -31.75 -23.44
CA LYS A 188 -1.59 -31.11 -24.15
C LYS A 188 -2.12 -30.23 -25.27
N SER A 189 -3.03 -30.76 -26.13
CA SER A 189 -3.61 -30.01 -27.26
C SER A 189 -4.33 -28.74 -26.79
N ARG A 190 -5.03 -28.81 -25.63
CA ARG A 190 -5.76 -27.67 -25.03
C ARG A 190 -4.78 -26.60 -24.56
N VAL A 191 -3.76 -27.01 -23.76
CA VAL A 191 -2.70 -26.17 -23.22
C VAL A 191 -1.92 -25.49 -24.38
N GLU A 192 -1.59 -26.25 -25.45
CA GLU A 192 -0.89 -25.74 -26.63
C GLU A 192 -1.74 -24.71 -27.38
N LEU A 193 -3.07 -24.93 -27.46
CA LEU A 193 -3.99 -24.03 -28.16
C LEU A 193 -4.10 -22.70 -27.40
N TYR A 194 -4.17 -22.75 -26.06
CA TYR A 194 -4.24 -21.56 -25.20
C TYR A 194 -2.97 -20.70 -25.41
N ASP A 195 -1.81 -21.35 -25.61
CA ASP A 195 -0.56 -20.63 -25.83
C ASP A 195 -0.24 -20.43 -27.34
N LYS A 196 -1.23 -20.59 -28.22
CA LYS A 196 -1.14 -20.39 -29.68
C LYS A 196 0.02 -21.19 -30.35
N ARG A 197 0.32 -22.39 -29.83
CA ARG A 197 1.30 -23.33 -30.38
C ARG A 197 0.56 -24.26 -31.33
N TYR A 198 0.03 -23.69 -32.43
CA TYR A 198 -0.85 -24.35 -33.39
C TYR A 198 -0.22 -25.58 -34.08
N GLU A 199 1.04 -25.47 -34.55
CA GLU A 199 1.71 -26.60 -35.20
C GLU A 199 1.75 -27.81 -34.24
N ASP A 200 1.91 -27.54 -32.93
CA ASP A 200 1.95 -28.55 -31.87
C ASP A 200 0.56 -29.16 -31.60
N VAL A 201 -0.50 -28.32 -31.59
CA VAL A 201 -1.90 -28.76 -31.36
C VAL A 201 -2.27 -29.89 -32.32
N ILE A 202 -1.99 -29.67 -33.62
CA ILE A 202 -2.28 -30.58 -34.73
C ILE A 202 -1.61 -31.94 -34.51
N LYS A 203 -0.36 -31.92 -34.03
CA LYS A 203 0.43 -33.12 -33.73
C LYS A 203 -0.19 -33.87 -32.56
N SER A 204 -0.56 -33.16 -31.49
CA SER A 204 -1.19 -33.73 -30.30
C SER A 204 -2.55 -34.38 -30.64
N CYS A 205 -3.35 -33.70 -31.48
CA CYS A 205 -4.66 -34.16 -31.95
C CYS A 205 -4.50 -35.44 -32.76
N ALA A 206 -3.48 -35.49 -33.66
CA ALA A 206 -3.17 -36.64 -34.51
C ALA A 206 -2.94 -37.91 -33.68
N GLU A 207 -2.36 -37.74 -32.48
CA GLU A 207 -2.08 -38.83 -31.57
C GLU A 207 -3.36 -39.39 -30.96
N VAL A 208 -4.31 -38.53 -30.56
CA VAL A 208 -5.59 -38.94 -29.95
C VAL A 208 -6.47 -39.69 -30.99
N TYR A 209 -6.37 -39.29 -32.28
CA TYR A 209 -7.14 -39.92 -33.36
C TYR A 209 -6.77 -41.41 -33.51
N LYS A 210 -5.56 -41.78 -33.09
CA LYS A 210 -5.02 -43.13 -33.18
C LYS A 210 -5.36 -43.99 -31.94
N LEU A 211 -5.86 -43.37 -30.87
CA LEU A 211 -6.07 -44.05 -29.60
C LEU A 211 -7.45 -44.71 -29.41
N GLY A 212 -8.18 -44.88 -30.51
CA GLY A 212 -9.47 -45.56 -30.50
C GLY A 212 -10.63 -44.87 -29.82
N TYR A 213 -10.64 -43.52 -29.80
CA TYR A 213 -11.79 -42.84 -29.24
C TYR A 213 -12.85 -42.73 -30.37
N GLU A 214 -14.12 -42.51 -30.02
CA GLU A 214 -15.18 -42.40 -31.04
C GLU A 214 -16.26 -41.44 -30.54
N LEU A 215 -16.77 -40.57 -31.43
CA LEU A 215 -17.84 -39.63 -31.06
C LEU A 215 -19.17 -40.36 -30.93
N VAL A 216 -19.89 -40.15 -29.82
CA VAL A 216 -21.21 -40.70 -29.58
C VAL A 216 -22.18 -40.08 -30.62
N ASP A 217 -23.07 -40.91 -31.20
CA ASP A 217 -24.09 -40.42 -32.16
C ASP A 217 -24.99 -39.43 -31.44
N GLY A 218 -25.11 -38.24 -31.99
CA GLY A 218 -25.93 -37.18 -31.41
C GLY A 218 -27.01 -36.66 -32.33
N THR A 219 -27.56 -37.53 -33.20
CA THR A 219 -28.57 -37.13 -34.18
C THR A 219 -29.94 -36.87 -33.55
N THR A 220 -30.10 -37.18 -32.24
CA THR A 220 -31.29 -36.84 -31.47
C THR A 220 -30.84 -36.20 -30.15
N PRO A 221 -31.64 -35.28 -29.57
CA PRO A 221 -31.26 -34.66 -28.28
C PRO A 221 -30.94 -35.67 -27.17
N GLU A 222 -31.79 -36.71 -27.01
CA GLU A 222 -31.61 -37.79 -26.04
C GLU A 222 -30.25 -38.48 -26.30
N LYS A 223 -29.95 -38.83 -27.57
CA LYS A 223 -28.68 -39.46 -27.98
C LYS A 223 -27.46 -38.61 -27.58
N TYR A 224 -27.50 -37.29 -27.84
CA TYR A 224 -26.40 -36.38 -27.52
C TYR A 224 -26.22 -36.28 -26.03
N ARG A 225 -27.32 -36.05 -25.30
CA ARG A 225 -27.26 -35.94 -23.83
C ARG A 225 -26.64 -37.17 -23.18
N SER A 226 -26.87 -38.36 -23.77
CA SER A 226 -26.40 -39.63 -23.23
C SER A 226 -24.86 -39.69 -22.99
N ILE A 227 -24.10 -38.69 -23.46
CA ILE A 227 -22.65 -38.62 -23.24
C ILE A 227 -22.39 -38.49 -21.72
N TRP A 228 -23.20 -37.65 -21.05
CA TRP A 228 -23.08 -37.37 -19.61
C TRP A 228 -23.91 -38.33 -18.75
N TRP A 229 -24.58 -39.38 -19.31
CA TRP A 229 -25.33 -40.34 -18.48
C TRP A 229 -24.40 -41.21 -17.68
N THR A 230 -24.77 -41.43 -16.41
CA THR A 230 -24.04 -42.30 -15.47
C THR A 230 -24.18 -43.75 -15.94
N THR A 231 -25.31 -44.09 -16.62
CA THR A 231 -25.55 -45.40 -17.23
C THR A 231 -24.81 -45.55 -18.58
N ASN A 232 -24.01 -44.55 -18.97
CA ASN A 232 -23.24 -44.58 -20.22
C ASN A 232 -21.83 -44.08 -19.97
N LYS A 233 -21.39 -44.13 -18.69
CA LYS A 233 -20.08 -43.68 -18.20
C LYS A 233 -18.90 -44.37 -18.93
N ASP A 234 -19.19 -45.46 -19.71
CA ASP A 234 -18.21 -46.26 -20.45
C ASP A 234 -18.18 -45.99 -21.96
N ASN A 235 -18.75 -44.86 -22.43
CA ASN A 235 -18.78 -44.53 -23.86
C ASN A 235 -17.37 -44.14 -24.39
N LYS A 236 -17.15 -44.26 -25.72
CA LYS A 236 -15.86 -44.03 -26.38
C LYS A 236 -15.53 -42.54 -26.62
N GLU A 237 -16.39 -41.61 -26.17
CA GLU A 237 -16.16 -40.16 -26.32
C GLU A 237 -15.40 -39.60 -25.10
N ILE A 238 -15.62 -40.17 -23.91
CA ILE A 238 -14.97 -39.73 -22.68
C ILE A 238 -13.46 -40.00 -22.74
N ILE A 239 -12.64 -38.96 -22.54
CA ILE A 239 -11.18 -39.09 -22.50
C ILE A 239 -10.74 -39.04 -21.01
N PHE A 240 -11.24 -38.07 -20.25
CA PHE A 240 -10.97 -37.92 -18.82
C PHE A 240 -12.18 -37.29 -18.13
N ASP A 241 -12.61 -37.92 -17.02
CA ASP A 241 -13.76 -37.45 -16.25
C ASP A 241 -13.58 -37.69 -14.73
N VAL A 242 -14.50 -37.11 -13.95
CA VAL A 242 -14.64 -37.25 -12.50
C VAL A 242 -16.13 -37.36 -12.20
N GLN A 243 -16.51 -38.34 -11.34
CA GLN A 243 -17.89 -38.51 -10.91
C GLN A 243 -18.00 -37.67 -9.65
N TYR A 244 -18.45 -36.43 -9.81
CA TYR A 244 -18.51 -35.44 -8.72
C TYR A 244 -19.80 -35.57 -7.93
N LYS A 245 -19.67 -35.98 -6.67
CA LYS A 245 -20.78 -36.09 -5.72
C LYS A 245 -20.41 -35.25 -4.51
N SER A 246 -20.83 -33.97 -4.51
CA SER A 246 -20.55 -32.99 -3.45
C SER A 246 -21.24 -33.39 -2.15
N PRO A 247 -20.56 -33.19 -0.98
CA PRO A 247 -21.19 -33.56 0.30
C PRO A 247 -22.51 -32.78 0.56
N ASP A 248 -22.44 -31.42 0.47
CA ASP A 248 -23.57 -30.55 0.77
C ASP A 248 -24.42 -30.19 -0.40
N VAL A 249 -25.72 -30.02 -0.10
CA VAL A 249 -26.82 -29.63 -0.99
C VAL A 249 -26.54 -28.24 -1.58
N TYR A 250 -25.77 -27.42 -0.84
CA TYR A 250 -25.45 -26.05 -1.21
C TYR A 250 -24.32 -25.99 -2.23
N ASN A 251 -23.60 -27.10 -2.44
CA ASN A 251 -22.48 -27.14 -3.38
C ASN A 251 -22.62 -28.27 -4.44
N ASN A 252 -23.71 -29.08 -4.32
CA ASN A 252 -24.03 -30.18 -5.23
C ASN A 252 -24.36 -29.62 -6.60
N VAL A 255 -28.15 -30.13 -7.89
CA VAL A 255 -29.16 -29.38 -7.17
C VAL A 255 -28.98 -27.88 -7.40
N CYS A 256 -27.74 -27.40 -7.41
CA CYS A 256 -27.41 -25.99 -7.64
C CYS A 256 -27.86 -25.49 -8.97
N ASN A 257 -27.90 -26.35 -10.01
CA ASN A 257 -28.24 -25.93 -11.36
C ASN A 257 -29.57 -26.53 -11.85
N VAL A 259 -33.80 -26.82 -12.02
CA VAL A 259 -34.98 -25.94 -12.07
C VAL A 259 -35.55 -25.92 -10.66
N THR A 260 -35.82 -24.71 -10.12
CA THR A 260 -36.27 -24.64 -8.76
C THR A 260 -37.74 -25.08 -8.65
N TYR A 261 -38.64 -24.31 -9.29
CA TYR A 261 -40.08 -24.46 -9.19
C TYR A 261 -40.63 -25.45 -10.20
N ILE A 262 -40.58 -26.69 -9.74
CA ILE A 262 -40.98 -27.94 -10.37
C ILE A 262 -41.82 -28.64 -9.28
N ASN A 263 -42.30 -27.82 -8.33
CA ASN A 263 -42.99 -28.25 -7.10
C ASN A 263 -44.49 -28.57 -7.27
N ASP A 264 -44.99 -28.47 -8.51
CA ASP A 264 -46.36 -28.87 -8.86
C ASP A 264 -46.47 -30.41 -8.82
N LYS A 265 -45.34 -31.10 -9.16
CA LYS A 265 -45.18 -32.55 -9.19
C LYS A 265 -44.05 -33.01 -8.24
N TYR A 266 -42.96 -32.23 -8.14
CA TYR A 266 -41.80 -32.66 -7.35
C TYR A 266 -41.51 -31.77 -6.12
N GLY A 267 -40.64 -30.77 -6.26
CA GLY A 267 -40.31 -29.88 -5.15
C GLY A 267 -39.52 -28.66 -5.56
N ASP A 268 -39.07 -27.88 -4.56
CA ASP A 268 -38.28 -26.66 -4.77
C ASP A 268 -36.86 -26.77 -4.21
N ARG A 269 -36.33 -28.00 -4.21
CA ARG A 269 -35.00 -28.33 -3.72
C ARG A 269 -33.88 -27.63 -4.56
N GLY A 270 -34.09 -27.44 -5.86
CA GLY A 270 -33.09 -26.79 -6.72
C GLY A 270 -32.81 -25.33 -6.38
N TRP A 271 -31.73 -24.76 -6.99
CA TRP A 271 -31.31 -23.37 -6.81
C TRP A 271 -31.22 -22.59 -8.14
N GLY A 272 -31.62 -23.21 -9.25
CA GLY A 272 -31.63 -22.58 -10.56
C GLY A 272 -30.28 -22.61 -11.25
N GLY A 273 -29.32 -21.93 -10.62
CA GLY A 273 -27.93 -21.84 -11.05
C GLY A 273 -27.74 -21.20 -12.40
N LEU A 274 -27.12 -21.94 -13.31
CA LEU A 274 -26.87 -21.49 -14.67
C LEU A 274 -28.17 -21.08 -15.31
N GLY A 275 -28.15 -19.92 -15.97
CA GLY A 275 -29.28 -19.34 -16.67
C GLY A 275 -28.86 -19.02 -18.09
N PRO A 276 -29.01 -19.98 -19.03
CA PRO A 276 -28.62 -19.70 -20.42
C PRO A 276 -29.24 -18.39 -20.90
N THR A 277 -28.42 -17.57 -21.58
CA THR A 277 -28.84 -16.27 -22.05
C THR A 277 -29.57 -16.38 -23.37
N GLN A 278 -30.38 -15.36 -23.72
CA GLN A 278 -31.01 -15.30 -25.02
C GLN A 278 -29.94 -15.30 -26.09
N GLU A 279 -28.83 -14.60 -25.83
CA GLU A 279 -27.66 -14.51 -26.72
C GLU A 279 -27.18 -15.89 -27.14
N LEU A 280 -27.11 -16.85 -26.17
CA LEU A 280 -26.73 -18.21 -26.46
C LEU A 280 -27.84 -18.94 -27.19
N ILE A 281 -29.11 -18.75 -26.75
CA ILE A 281 -30.25 -19.41 -27.40
C ILE A 281 -30.29 -19.04 -28.88
N ASP A 282 -30.02 -17.75 -29.18
CA ASP A 282 -30.00 -17.20 -30.53
C ASP A 282 -28.92 -17.87 -31.42
N ALA A 283 -27.83 -18.38 -30.79
CA ALA A 283 -26.69 -18.98 -31.48
C ALA A 283 -26.94 -20.44 -31.95
N PHE A 284 -27.99 -21.11 -31.41
CA PHE A 284 -28.34 -22.47 -31.84
C PHE A 284 -29.03 -22.41 -33.17
N GLU A 285 -28.46 -23.10 -34.16
CA GLU A 285 -29.00 -23.11 -35.53
C GLU A 285 -30.24 -23.99 -35.63
N ALA A 287 -32.33 -27.13 -37.44
CA ALA A 287 -31.88 -28.51 -37.71
C ALA A 287 -31.19 -28.69 -39.09
N ASP A 288 -31.57 -27.83 -40.08
CA ASP A 288 -31.03 -27.80 -41.45
C ASP A 288 -29.83 -26.82 -41.61
N GLY A 289 -29.23 -26.36 -40.51
CA GLY A 289 -28.09 -25.46 -40.56
C GLY A 289 -28.41 -24.02 -40.94
N THR A 290 -29.71 -23.66 -40.89
CA THR A 290 -30.27 -22.35 -41.18
C THR A 290 -30.20 -21.53 -39.90
N PRO A 291 -30.05 -20.18 -39.96
CA PRO A 291 -30.07 -19.42 -38.69
C PRO A 291 -31.48 -19.30 -38.16
N ALA A 292 -31.59 -19.30 -36.83
CA ALA A 292 -32.85 -19.14 -36.14
C ALA A 292 -33.18 -17.62 -36.07
N THR A 293 -34.45 -17.28 -35.74
CA THR A 293 -34.80 -15.88 -35.51
C THR A 293 -34.03 -15.43 -34.26
N GLN A 294 -33.46 -14.23 -34.30
CA GLN A 294 -32.71 -13.64 -33.19
C GLN A 294 -33.65 -12.79 -32.34
N TYR A 295 -33.66 -13.00 -31.01
CA TYR A 295 -34.58 -12.25 -30.16
C TYR A 295 -33.91 -11.30 -29.18
N SER A 296 -32.59 -11.43 -28.94
CA SER A 296 -31.91 -10.62 -27.94
C SER A 296 -32.10 -9.11 -28.09
N GLN A 297 -32.11 -8.61 -29.34
CA GLN A 297 -32.22 -7.16 -29.55
C GLN A 297 -33.66 -6.70 -29.83
N ALA A 298 -34.65 -7.56 -29.54
CA ALA A 298 -36.07 -7.24 -29.72
C ALA A 298 -36.47 -6.11 -28.81
N PRO A 299 -37.37 -5.19 -29.23
CA PRO A 299 -37.84 -4.15 -28.27
C PRO A 299 -38.55 -4.79 -27.06
N ALA A 300 -38.37 -4.22 -25.87
CA ALA A 300 -38.93 -4.72 -24.62
C ALA A 300 -40.47 -4.69 -24.55
N ASP A 301 -41.12 -3.82 -25.29
CA ASP A 301 -42.58 -3.73 -25.30
C ASP A 301 -43.22 -4.79 -26.22
N GLN A 302 -42.39 -5.47 -27.08
CA GLN A 302 -42.87 -6.47 -28.03
C GLN A 302 -43.16 -7.80 -27.36
N VAL A 303 -44.35 -8.33 -27.69
CA VAL A 303 -44.90 -9.58 -27.18
C VAL A 303 -44.89 -10.61 -28.30
N PHE A 304 -44.34 -11.80 -28.00
CA PHE A 304 -44.23 -12.90 -28.96
C PHE A 304 -45.03 -14.10 -28.50
N ASP A 305 -45.56 -14.90 -29.44
CA ASP A 305 -46.30 -16.11 -29.14
C ASP A 305 -45.41 -17.26 -29.48
N ILE A 306 -45.15 -18.12 -28.49
CA ILE A 306 -44.28 -19.28 -28.59
C ILE A 306 -44.68 -20.21 -29.76
N ASN A 307 -45.97 -20.17 -30.15
CA ASN A 307 -46.50 -21.02 -31.20
C ASN A 307 -46.61 -20.33 -32.56
N THR A 308 -46.85 -18.99 -32.62
CA THR A 308 -46.92 -18.31 -33.93
C THR A 308 -45.47 -18.18 -34.41
N CYS A 309 -44.58 -17.57 -33.59
CA CYS A 309 -43.14 -17.57 -33.88
C CYS A 309 -42.66 -18.97 -33.45
N GLY A 310 -41.56 -19.49 -33.96
CA GLY A 310 -41.23 -20.86 -33.53
C GLY A 310 -39.97 -20.92 -32.71
N ILE A 311 -39.83 -19.99 -31.76
CA ILE A 311 -38.62 -19.77 -30.97
C ILE A 311 -37.95 -21.09 -30.59
N TYR A 312 -38.66 -22.03 -29.92
CA TYR A 312 -38.12 -23.31 -29.43
C TYR A 312 -38.45 -24.51 -30.36
N GLU A 313 -38.96 -24.24 -31.58
CA GLU A 313 -39.29 -25.25 -32.59
C GLU A 313 -38.20 -25.34 -33.64
N GLY A 314 -37.98 -26.55 -34.14
CA GLY A 314 -37.09 -26.86 -35.26
C GLY A 314 -35.60 -26.68 -35.13
N ARG A 315 -35.10 -26.53 -33.90
CA ARG A 315 -33.67 -26.39 -33.64
C ARG A 315 -32.89 -27.70 -33.78
N GLU A 316 -31.54 -27.58 -33.92
CA GLU A 316 -30.60 -28.69 -34.05
C GLU A 316 -30.53 -29.46 -32.67
N PRO A 317 -30.20 -30.78 -32.65
CA PRO A 317 -30.25 -31.55 -31.38
C PRO A 317 -29.56 -30.93 -30.14
N ARG A 318 -28.42 -30.22 -30.29
CA ARG A 318 -27.69 -29.65 -29.15
C ARG A 318 -28.50 -28.58 -28.43
N PHE A 319 -29.49 -27.98 -29.11
CA PHE A 319 -30.36 -27.00 -28.47
C PHE A 319 -31.18 -27.68 -27.35
N TYR A 320 -31.91 -28.76 -27.68
CA TYR A 320 -32.76 -29.52 -26.76
C TYR A 320 -31.94 -30.30 -25.76
N ALA A 321 -30.66 -30.55 -26.11
CA ALA A 321 -29.72 -31.25 -25.26
C ALA A 321 -29.14 -30.37 -24.18
N ASN A 322 -29.06 -29.07 -24.42
CA ASN A 322 -28.48 -28.11 -23.47
C ASN A 322 -29.48 -27.22 -22.72
N ILE A 323 -30.59 -26.86 -23.36
CA ILE A 323 -31.51 -25.87 -22.80
C ILE A 323 -32.84 -26.44 -22.29
N VAL A 324 -33.20 -26.06 -21.05
CA VAL A 324 -34.47 -26.28 -20.37
C VAL A 324 -35.20 -24.95 -20.52
N PHE A 325 -36.27 -24.93 -21.30
CA PHE A 325 -37.00 -23.70 -21.60
C PHE A 325 -38.51 -23.88 -21.25
N HIS A 326 -39.37 -22.86 -21.52
CA HIS A 326 -40.81 -22.94 -21.23
C HIS A 326 -41.44 -24.05 -22.04
N GLY A 327 -42.00 -25.03 -21.35
CA GLY A 327 -42.65 -26.16 -21.99
C GLY A 327 -41.80 -27.41 -22.11
N SER A 328 -40.53 -27.37 -21.62
CA SER A 328 -39.63 -28.53 -21.61
C SER A 328 -40.12 -29.57 -20.62
N GLN A 329 -40.06 -30.83 -21.03
CA GLN A 329 -40.35 -31.96 -20.16
C GLN A 329 -39.04 -32.57 -19.68
N ILE A 330 -38.94 -32.74 -18.35
CA ILE A 330 -37.77 -33.29 -17.66
C ILE A 330 -38.25 -34.31 -16.63
N PHE A 331 -37.34 -35.17 -16.14
CA PHE A 331 -37.54 -36.19 -15.10
C PHE A 331 -38.52 -37.30 -15.54
N PHE A 332 -38.35 -37.75 -16.80
CA PHE A 332 -39.16 -38.81 -17.42
C PHE A 332 -39.17 -40.10 -16.61
N ASN A 333 -37.98 -40.52 -16.12
CA ASN A 333 -37.78 -41.79 -15.40
C ASN A 333 -37.63 -41.61 -13.86
N ALA A 334 -38.31 -40.56 -13.35
CA ALA A 334 -38.47 -40.28 -11.94
C ALA A 334 -39.83 -40.82 -11.55
N ASP A 335 -40.08 -41.13 -10.26
CA ASP A 335 -41.43 -41.57 -9.84
C ASP A 335 -42.37 -40.41 -10.18
N LYS A 336 -43.63 -40.66 -10.53
CA LYS A 336 -44.56 -39.56 -10.92
C LYS A 336 -44.32 -39.09 -12.40
N GLY A 337 -43.22 -39.51 -13.03
CA GLY A 337 -42.91 -39.19 -14.42
C GLY A 337 -42.54 -37.76 -14.75
N ALA A 338 -42.49 -37.45 -16.06
CA ALA A 338 -42.09 -36.14 -16.57
C ALA A 338 -42.95 -34.98 -16.06
N VAL A 339 -42.28 -33.88 -15.71
CA VAL A 339 -42.83 -32.61 -15.25
C VAL A 339 -42.56 -31.60 -16.39
N THR A 340 -43.50 -30.69 -16.66
CA THR A 340 -43.32 -29.69 -17.70
C THR A 340 -42.93 -28.40 -17.04
N VAL A 341 -41.83 -27.79 -17.52
CA VAL A 341 -41.33 -26.53 -16.96
C VAL A 341 -42.26 -25.40 -17.44
N ASP A 342 -42.65 -24.56 -16.49
CA ASP A 342 -43.56 -23.44 -16.71
C ASP A 342 -42.90 -22.14 -16.23
N ARG A 343 -42.57 -21.29 -17.20
CA ARG A 343 -41.96 -19.99 -16.96
C ARG A 343 -43.02 -18.95 -16.64
N TYR A 344 -44.29 -19.23 -16.99
CA TYR A 344 -45.37 -18.29 -16.74
C TYR A 344 -45.81 -18.34 -15.25
N LEU A 345 -46.20 -19.51 -14.75
CA LEU A 345 -46.72 -19.64 -13.39
C LEU A 345 -45.74 -20.12 -12.34
N ASP A 347 -41.56 -21.37 -12.56
CA ASP A 347 -40.19 -20.93 -12.43
C ASP A 347 -40.07 -19.58 -13.14
N THR A 348 -40.27 -18.53 -12.33
CA THR A 348 -40.36 -17.12 -12.67
C THR A 348 -39.18 -16.33 -12.06
N PRO A 349 -38.67 -15.30 -12.77
CA PRO A 349 -37.54 -14.52 -12.22
C PRO A 349 -37.85 -13.82 -10.88
N ASP A 350 -39.12 -13.51 -10.64
CA ASP A 350 -39.64 -12.82 -9.45
C ASP A 350 -39.55 -13.70 -8.22
N LYS A 351 -39.50 -15.01 -8.41
CA LYS A 351 -39.37 -15.95 -7.30
C LYS A 351 -37.88 -16.15 -6.98
N GLY A 352 -37.58 -16.39 -5.72
CA GLY A 352 -36.21 -16.60 -5.27
C GLY A 352 -35.65 -17.89 -5.85
N ASP A 353 -34.47 -17.78 -6.47
CA ASP A 353 -33.73 -18.86 -7.13
C ASP A 353 -34.46 -19.40 -8.35
N GLY A 354 -35.47 -18.66 -8.81
CA GLY A 354 -36.13 -18.95 -10.07
C GLY A 354 -35.21 -18.41 -11.17
N SER A 355 -35.32 -18.93 -12.40
CA SER A 355 -34.51 -18.50 -13.55
C SER A 355 -34.75 -17.04 -13.91
N LEU A 356 -33.67 -16.27 -13.89
CA LEU A 356 -33.74 -14.87 -14.26
C LEU A 356 -33.78 -14.70 -15.81
N THR A 357 -33.40 -15.76 -16.60
CA THR A 357 -33.35 -15.65 -18.08
C THR A 357 -34.54 -16.32 -18.77
N GLY A 358 -35.18 -17.24 -18.07
CA GLY A 358 -36.26 -18.03 -18.63
C GLY A 358 -35.75 -19.35 -19.15
N TYR A 359 -34.47 -19.68 -18.82
CA TYR A 359 -33.78 -20.92 -19.21
C TYR A 359 -32.98 -21.47 -18.05
N ASN A 360 -32.74 -22.79 -18.10
CA ASN A 360 -31.88 -23.57 -17.19
C ASN A 360 -31.05 -24.51 -18.03
N VAL A 361 -29.94 -24.99 -17.49
CA VAL A 361 -29.07 -25.92 -18.20
C VAL A 361 -29.65 -27.34 -18.12
N TRP A 362 -29.36 -28.15 -19.16
CA TRP A 362 -29.66 -29.57 -19.21
C TRP A 362 -28.30 -30.23 -19.21
N LYS A 363 -27.78 -30.57 -20.41
CA LYS A 363 -26.49 -31.22 -20.70
C LYS A 363 -26.12 -32.33 -19.68
N TRP A 364 -25.29 -32.02 -18.65
CA TRP A 364 -24.79 -32.97 -17.64
C TRP A 364 -25.77 -33.18 -16.45
N ILE A 365 -26.98 -32.56 -16.49
CA ILE A 365 -28.01 -32.88 -15.50
C ILE A 365 -28.82 -34.00 -16.17
N ASP A 366 -28.82 -35.21 -15.55
CA ASP A 366 -29.49 -36.39 -16.09
C ASP A 366 -31.00 -36.35 -15.81
N TYR A 367 -31.71 -35.41 -16.47
CA TYR A 367 -33.16 -35.29 -16.38
C TYR A 367 -33.82 -36.45 -17.16
N ASP A 368 -33.03 -37.14 -18.01
CA ASP A 368 -33.52 -38.30 -18.75
C ASP A 368 -33.75 -39.51 -17.82
N ASN A 369 -32.77 -39.82 -16.98
CA ASN A 369 -32.82 -41.04 -16.17
C ASN A 369 -33.05 -40.85 -14.69
N TYR A 370 -32.44 -39.85 -14.08
CA TYR A 370 -32.49 -39.63 -12.64
C TYR A 370 -33.89 -39.46 -12.09
N ASN A 371 -34.01 -39.77 -10.80
CA ASN A 371 -35.20 -39.56 -10.01
C ASN A 371 -35.01 -38.20 -9.29
N TYR A 372 -36.10 -37.57 -8.82
CA TYR A 372 -36.02 -36.27 -8.14
C TYR A 372 -35.28 -36.41 -6.80
N PRO A 373 -34.32 -35.50 -6.48
CA PRO A 373 -33.58 -35.63 -5.21
C PRO A 373 -34.40 -35.19 -3.97
N TYR A 374 -35.37 -36.03 -3.57
CA TYR A 374 -36.17 -35.72 -2.38
C TYR A 374 -35.34 -35.83 -1.13
N ALA A 375 -35.60 -34.96 -0.14
CA ALA A 375 -34.94 -35.06 1.16
C ALA A 375 -35.67 -36.10 1.98
N GLY A 376 -35.54 -37.35 1.60
CA GLY A 376 -36.21 -38.45 2.27
C GLY A 376 -35.19 -39.46 2.76
N ALA A 377 -35.16 -40.62 2.11
CA ALA A 377 -34.25 -41.72 2.42
C ALA A 377 -33.89 -42.44 1.12
N PHE A 382 -26.48 -38.06 -5.58
CA PHE A 382 -26.77 -37.42 -6.85
C PHE A 382 -25.54 -36.78 -7.45
N SER A 383 -24.72 -37.64 -8.04
CA SER A 383 -23.45 -37.30 -8.66
C SER A 383 -23.64 -36.84 -10.11
N THR A 384 -22.66 -36.08 -10.58
CA THR A 384 -22.61 -35.58 -11.94
C THR A 384 -21.38 -36.21 -12.55
N ASN A 385 -21.47 -36.60 -13.81
CA ASN A 385 -20.31 -37.17 -14.49
C ASN A 385 -19.63 -35.99 -15.21
N TRP A 386 -18.70 -35.33 -14.49
CA TRP A 386 -18.01 -34.15 -15.02
C TRP A 386 -16.91 -34.59 -15.98
N ILE A 387 -17.13 -34.38 -17.29
CA ILE A 387 -16.20 -34.77 -18.32
C ILE A 387 -15.28 -33.61 -18.63
N ILE A 388 -14.07 -33.70 -18.07
CA ILE A 388 -13.03 -32.67 -18.23
C ILE A 388 -12.51 -32.73 -19.69
N LEU A 389 -12.31 -33.95 -20.24
CA LEU A 389 -11.84 -34.08 -21.61
C LEU A 389 -12.72 -35.08 -22.41
N ARG A 390 -13.34 -34.59 -23.51
CA ARG A 390 -14.19 -35.29 -24.48
C ARG A 390 -13.51 -35.36 -25.83
N TYR A 391 -13.78 -36.41 -26.62
CA TYR A 391 -13.23 -36.57 -27.96
C TYR A 391 -13.60 -35.40 -28.91
N ALA A 392 -14.80 -34.79 -28.73
CA ALA A 392 -15.26 -33.66 -29.54
C ALA A 392 -14.25 -32.48 -29.58
N GLU A 393 -13.53 -32.25 -28.46
CA GLU A 393 -12.55 -31.17 -28.34
C GLU A 393 -11.36 -31.37 -29.27
N ILE A 394 -10.92 -32.62 -29.47
CA ILE A 394 -9.80 -32.93 -30.34
C ILE A 394 -10.06 -32.33 -31.72
N TYR A 395 -11.27 -32.55 -32.26
CA TYR A 395 -11.68 -32.05 -33.57
C TYR A 395 -11.67 -30.55 -33.64
N LEU A 396 -12.20 -29.88 -32.59
CA LEU A 396 -12.33 -28.43 -32.54
C LEU A 396 -11.00 -27.73 -32.27
N ASN A 397 -10.10 -28.33 -31.45
CA ASN A 397 -8.75 -27.78 -31.21
C ASN A 397 -7.96 -27.87 -32.50
N ASP A 398 -8.12 -29.00 -33.23
CA ASP A 398 -7.48 -29.28 -34.50
C ASP A 398 -7.97 -28.27 -35.52
N ALA A 399 -9.30 -28.08 -35.63
CA ALA A 399 -9.90 -27.17 -36.60
C ALA A 399 -9.34 -25.74 -36.43
N GLU A 400 -9.24 -25.29 -35.15
CA GLU A 400 -8.72 -24.00 -34.73
C GLU A 400 -7.28 -23.81 -35.17
N ALA A 401 -6.39 -24.74 -34.75
CA ALA A 401 -4.96 -24.70 -35.07
C ALA A 401 -4.71 -24.83 -36.56
N ARG A 402 -5.47 -25.70 -37.25
CA ARG A 402 -5.36 -25.91 -38.70
C ARG A 402 -5.69 -24.66 -39.47
N LEU A 403 -6.72 -23.91 -39.05
CA LEU A 403 -7.07 -22.67 -39.71
C LEU A 403 -5.94 -21.62 -39.55
N GLU A 404 -5.47 -21.38 -38.30
CA GLU A 404 -4.42 -20.40 -38.00
C GLU A 404 -3.11 -20.72 -38.72
N THR A 405 -2.93 -21.98 -39.10
CA THR A 405 -1.79 -22.56 -39.81
C THR A 405 -1.95 -22.35 -41.34
N GLY A 406 -3.19 -22.14 -41.79
CA GLY A 406 -3.50 -21.91 -43.20
C GLY A 406 -4.12 -23.11 -43.90
N ASP A 407 -4.38 -24.18 -43.13
CA ASP A 407 -5.00 -25.40 -43.63
C ASP A 407 -6.52 -25.24 -43.49
N VAL A 408 -7.12 -24.42 -44.37
CA VAL A 408 -8.56 -24.14 -44.41
C VAL A 408 -9.34 -25.42 -44.75
N GLU A 409 -8.82 -26.23 -45.70
CA GLU A 409 -9.42 -27.50 -46.11
C GLU A 409 -9.45 -28.47 -44.92
N GLY A 410 -8.35 -28.53 -44.17
CA GLY A 410 -8.21 -29.36 -42.97
C GLY A 410 -9.11 -28.95 -41.83
N ALA A 411 -9.14 -27.62 -41.54
CA ALA A 411 -9.98 -27.00 -40.51
C ALA A 411 -11.46 -27.29 -40.78
N ARG A 412 -11.91 -27.12 -42.04
CA ARG A 412 -13.28 -27.38 -42.48
C ARG A 412 -13.60 -28.85 -42.22
N LYS A 413 -12.71 -29.76 -42.66
CA LYS A 413 -12.86 -31.21 -42.50
C LYS A 413 -13.10 -31.56 -41.03
N ALA A 414 -12.26 -31.03 -40.13
CA ALA A 414 -12.31 -31.28 -38.68
C ALA A 414 -13.60 -30.73 -38.02
N VAL A 415 -13.98 -29.48 -38.30
CA VAL A 415 -15.17 -28.89 -37.67
C VAL A 415 -16.46 -29.58 -38.20
N ASN A 416 -16.45 -30.05 -39.47
CA ASN A 416 -17.62 -30.73 -40.05
C ASN A 416 -17.86 -32.11 -39.43
N ILE A 418 -17.94 -32.54 -36.14
CA ILE A 418 -18.78 -32.14 -35.01
C ILE A 418 -20.22 -31.84 -35.50
N ARG A 419 -20.35 -31.21 -36.68
CA ARG A 419 -21.65 -30.90 -37.29
C ARG A 419 -22.32 -32.16 -37.80
N GLN A 420 -21.53 -33.08 -38.41
CA GLN A 420 -22.07 -34.34 -38.93
C GLN A 420 -22.73 -35.15 -37.82
N ARG A 421 -22.14 -35.19 -36.58
CA ARG A 421 -22.75 -36.03 -35.55
C ARG A 421 -24.08 -35.48 -34.97
N VAL A 422 -24.48 -34.25 -35.32
CA VAL A 422 -25.76 -33.71 -34.85
C VAL A 422 -26.68 -33.44 -36.07
N GLY A 423 -26.38 -34.09 -37.20
CA GLY A 423 -27.16 -33.97 -38.44
C GLY A 423 -27.11 -32.63 -39.15
N LEU A 424 -26.12 -31.78 -38.81
CA LEU A 424 -25.98 -30.45 -39.41
C LEU A 424 -25.20 -30.53 -40.75
N PRO A 425 -25.64 -29.77 -41.78
CA PRO A 425 -24.91 -29.80 -43.06
C PRO A 425 -23.49 -29.27 -42.96
N ASP A 426 -22.60 -29.73 -43.84
CA ASP A 426 -21.20 -29.33 -43.81
C ASP A 426 -20.99 -27.85 -44.16
N LEU A 427 -20.02 -27.22 -43.46
CA LEU A 427 -19.59 -25.87 -43.75
C LEU A 427 -18.83 -25.92 -45.06
N THR A 428 -19.03 -24.89 -45.87
CA THR A 428 -18.49 -24.77 -47.23
C THR A 428 -17.47 -23.66 -47.32
N GLU A 429 -17.51 -22.72 -46.36
CA GLU A 429 -16.68 -21.51 -46.29
C GLU A 429 -15.22 -21.76 -46.58
N SER A 430 -14.71 -21.01 -47.56
CA SER A 430 -13.33 -21.05 -48.04
C SER A 430 -12.51 -19.87 -47.50
N ASP A 431 -13.15 -18.72 -47.14
CA ASP A 431 -12.46 -17.54 -46.60
C ASP A 431 -11.96 -17.82 -45.17
N PRO A 432 -10.64 -17.69 -44.92
CA PRO A 432 -10.10 -17.98 -43.57
C PRO A 432 -10.72 -17.15 -42.45
N GLU A 433 -10.94 -15.85 -42.69
CA GLU A 433 -11.48 -14.92 -41.70
C GLU A 433 -12.91 -15.32 -41.30
N LYS A 434 -13.74 -15.70 -42.30
CA LYS A 434 -15.12 -16.15 -42.12
C LYS A 434 -15.15 -17.55 -41.49
N LEU A 435 -14.29 -18.48 -41.98
CA LEU A 435 -14.23 -19.84 -41.44
C LEU A 435 -13.83 -19.85 -39.96
N ARG A 436 -12.92 -18.92 -39.57
CA ARG A 436 -12.48 -18.73 -38.18
C ARG A 436 -13.69 -18.59 -37.29
N GLU A 437 -14.58 -17.65 -37.64
CA GLU A 437 -15.75 -17.35 -36.83
C GLU A 437 -16.70 -18.53 -36.72
N LEU A 438 -16.85 -19.29 -37.83
CA LEU A 438 -17.71 -20.47 -37.87
C LEU A 438 -17.22 -21.58 -36.90
N ILE A 439 -15.89 -21.76 -36.81
CA ILE A 439 -15.25 -22.73 -35.91
C ILE A 439 -15.50 -22.27 -34.46
N ARG A 440 -15.22 -21.00 -34.19
CA ARG A 440 -15.42 -20.38 -32.88
C ARG A 440 -16.89 -20.50 -32.45
N LYS A 441 -17.85 -20.29 -33.39
CA LYS A 441 -19.30 -20.45 -33.17
C LYS A 441 -19.59 -21.92 -32.79
N GLU A 442 -19.04 -22.89 -33.56
CA GLU A 442 -19.21 -24.33 -33.29
C GLU A 442 -18.69 -24.73 -31.93
N ARG A 443 -17.53 -24.16 -31.55
CA ARG A 443 -16.93 -24.42 -30.25
C ARG A 443 -17.85 -23.97 -29.12
N ARG A 444 -18.50 -22.81 -29.31
CA ARG A 444 -19.37 -22.24 -28.31
C ARG A 444 -20.56 -23.15 -28.03
N ILE A 445 -21.19 -23.67 -29.11
CA ILE A 445 -22.37 -24.53 -29.00
C ILE A 445 -21.99 -25.90 -28.45
N GLU A 446 -20.92 -26.47 -28.95
CA GLU A 446 -20.48 -27.80 -28.58
C GLU A 446 -20.11 -27.84 -27.13
N PHE A 447 -19.28 -26.86 -26.66
CA PHE A 447 -18.79 -26.83 -25.28
C PHE A 447 -19.50 -25.86 -24.36
N ALA A 448 -20.78 -25.53 -24.66
CA ALA A 448 -21.57 -24.71 -23.75
C ALA A 448 -21.79 -25.52 -22.46
N PHE A 449 -21.62 -24.85 -21.29
CA PHE A 449 -21.80 -25.38 -19.95
C PHE A 449 -20.78 -26.41 -19.60
N GLU A 450 -19.57 -26.23 -20.17
CA GLU A 450 -18.45 -27.13 -19.90
C GLU A 450 -17.19 -26.33 -19.51
N GLU A 451 -17.39 -25.22 -18.77
CA GLU A 451 -16.35 -24.36 -18.19
C GLU A 451 -15.24 -23.95 -19.20
N GLN A 452 -15.63 -23.62 -20.45
CA GLN A 452 -14.66 -23.25 -21.49
C GLN A 452 -14.87 -21.86 -22.03
N ARG A 453 -16.14 -21.42 -22.12
CA ARG A 453 -16.53 -20.14 -22.69
C ARG A 453 -15.72 -18.96 -22.13
N PHE A 454 -15.55 -18.91 -20.82
CA PHE A 454 -14.79 -17.87 -20.14
C PHE A 454 -13.38 -17.74 -20.76
N TYR A 455 -12.68 -18.89 -20.82
CA TYR A 455 -11.31 -18.97 -21.32
C TYR A 455 -11.26 -18.80 -22.84
N ASP A 456 -12.34 -19.13 -23.56
CA ASP A 456 -12.39 -18.91 -25.00
C ASP A 456 -12.47 -17.40 -25.28
N VAL A 457 -13.34 -16.68 -24.55
CA VAL A 457 -13.50 -15.23 -24.64
C VAL A 457 -12.16 -14.52 -24.33
N ARG A 458 -11.47 -15.00 -23.30
CA ARG A 458 -10.20 -14.49 -22.79
C ARG A 458 -9.06 -14.67 -23.79
N ARG A 459 -8.91 -15.91 -24.31
CA ARG A 459 -7.84 -16.25 -25.26
C ARG A 459 -8.10 -15.66 -26.64
N TRP A 460 -9.37 -15.61 -27.09
CA TRP A 460 -9.73 -15.00 -28.37
C TRP A 460 -9.75 -13.49 -28.27
N LYS A 461 -9.73 -12.97 -27.03
CA LYS A 461 -9.77 -11.55 -26.72
C LYS A 461 -11.04 -10.89 -27.34
N ILE A 462 -12.23 -11.39 -26.92
CA ILE A 462 -13.54 -10.90 -27.40
C ILE A 462 -14.44 -10.46 -26.20
N GLY A 463 -13.80 -10.00 -25.13
CA GLY A 463 -14.47 -9.52 -23.93
C GLY A 463 -15.41 -8.35 -24.15
N PRO A 464 -14.98 -7.29 -24.88
CA PRO A 464 -15.89 -6.15 -25.12
C PRO A 464 -17.18 -6.53 -25.84
N GLU A 465 -17.10 -7.49 -26.77
CA GLU A 465 -18.19 -7.98 -27.60
C GLU A 465 -19.15 -8.87 -26.81
N THR A 466 -18.65 -9.59 -25.79
CA THR A 466 -19.47 -10.55 -25.05
C THR A 466 -19.94 -10.03 -23.68
N GLN A 467 -19.10 -9.31 -22.93
CA GLN A 467 -19.47 -8.79 -21.60
C GLN A 467 -20.18 -7.43 -21.75
N THR A 468 -21.44 -7.49 -22.22
CA THR A 468 -22.32 -6.33 -22.45
C THR A 468 -23.67 -6.55 -21.79
N THR A 469 -24.73 -6.01 -22.39
CA THR A 469 -26.06 -6.21 -21.87
C THR A 469 -26.55 -7.53 -22.43
N LEU A 470 -26.87 -8.46 -21.51
CA LEU A 470 -27.36 -9.79 -21.83
C LEU A 470 -28.87 -9.82 -21.61
N HIS A 471 -29.53 -10.73 -22.32
CA HIS A 471 -30.98 -10.79 -22.34
C HIS A 471 -31.52 -12.16 -21.95
N GLY A 472 -32.84 -12.23 -21.83
CA GLY A 472 -33.60 -13.41 -21.49
C GLY A 472 -35.05 -13.20 -21.82
N VAL A 473 -35.92 -14.12 -21.41
CA VAL A 473 -37.36 -13.99 -21.69
C VAL A 473 -38.17 -13.98 -20.36
N ARG A 474 -39.39 -13.47 -20.46
CA ARG A 474 -40.37 -13.40 -19.37
C ARG A 474 -41.71 -13.73 -20.00
N PHE A 475 -42.45 -14.70 -19.46
CA PHE A 475 -43.74 -15.11 -20.02
C PHE A 475 -44.87 -14.28 -19.41
N VAL A 476 -45.72 -13.69 -20.25
CA VAL A 476 -46.81 -12.83 -19.79
C VAL A 476 -48.16 -13.58 -19.83
N SER A 477 -48.12 -14.79 -20.41
CA SER A 477 -49.26 -15.69 -20.53
C SER A 477 -48.71 -17.09 -20.73
N PRO A 478 -49.54 -18.18 -20.80
CA PRO A 478 -48.97 -19.52 -21.00
C PRO A 478 -48.27 -19.68 -22.32
N THR A 479 -48.55 -18.78 -23.26
CA THR A 479 -48.04 -18.88 -24.64
C THR A 479 -47.17 -17.66 -25.09
N GLU A 480 -47.37 -16.48 -24.47
CA GLU A 480 -46.70 -15.26 -24.86
C GLU A 480 -45.60 -14.85 -23.91
N PHE A 481 -44.54 -14.22 -24.47
CA PHE A 481 -43.36 -13.75 -23.77
C PHE A 481 -42.80 -12.45 -24.37
N LYS A 482 -41.96 -11.75 -23.58
CA LYS A 482 -41.24 -10.51 -23.89
C LYS A 482 -39.74 -10.72 -23.65
N VAL A 483 -38.89 -10.03 -24.40
CA VAL A 483 -37.44 -10.16 -24.24
C VAL A 483 -37.01 -9.13 -23.20
N THR A 484 -36.24 -9.59 -22.20
CA THR A 484 -35.78 -8.78 -21.08
C THR A 484 -34.28 -8.58 -21.06
N LYS A 485 -33.80 -7.54 -20.35
CA LYS A 485 -32.39 -7.33 -20.03
C LYS A 485 -32.12 -8.20 -18.80
N THR A 486 -31.10 -9.08 -18.82
CA THR A 486 -30.86 -9.96 -17.65
C THR A 486 -29.62 -9.58 -16.87
N ASP A 487 -28.68 -8.82 -17.49
CA ASP A 487 -27.45 -8.36 -16.84
C ASP A 487 -26.81 -7.24 -17.65
N ILE A 488 -26.51 -6.11 -16.99
CA ILE A 488 -25.85 -4.98 -17.64
C ILE A 488 -24.36 -5.05 -17.26
N ARG A 489 -23.60 -5.82 -18.02
CA ARG A 489 -22.18 -6.06 -17.80
C ARG A 489 -21.32 -5.01 -18.47
N THR A 490 -20.05 -4.96 -18.06
CA THR A 490 -19.10 -4.07 -18.67
C THR A 490 -17.77 -4.80 -18.82
N TRP A 491 -16.84 -4.19 -19.53
CA TRP A 491 -15.54 -4.75 -19.81
C TRP A 491 -14.41 -3.72 -19.63
N ASN A 492 -13.21 -4.25 -19.31
CA ASN A 492 -11.92 -3.59 -19.27
C ASN A 492 -10.88 -4.64 -19.62
N ASP A 493 -9.92 -4.29 -20.46
CA ASP A 493 -8.91 -5.24 -20.93
C ASP A 493 -8.08 -5.88 -19.81
N ARG A 494 -8.07 -5.30 -18.59
CA ARG A 494 -7.33 -5.90 -17.46
C ARG A 494 -7.94 -7.25 -17.07
N LEU A 495 -9.24 -7.45 -17.43
CA LEU A 495 -10.01 -8.67 -17.14
C LEU A 495 -9.55 -9.87 -18.00
N TYR A 496 -8.54 -9.66 -18.89
CA TYR A 496 -7.97 -10.76 -19.67
C TYR A 496 -7.02 -11.61 -18.78
N LEU A 497 -6.76 -11.14 -17.55
CA LEU A 497 -6.01 -11.85 -16.52
C LEU A 497 -6.66 -11.65 -15.17
N THR A 498 -6.61 -12.68 -14.34
CA THR A 498 -7.17 -12.69 -13.00
C THR A 498 -6.13 -12.03 -12.07
N PRO A 499 -6.55 -11.14 -11.13
CA PRO A 499 -5.54 -10.54 -10.24
C PRO A 499 -4.92 -11.55 -9.28
N VAL A 500 -3.64 -11.36 -8.98
CA VAL A 500 -2.95 -12.16 -7.97
C VAL A 500 -3.47 -11.63 -6.64
N PRO A 501 -3.89 -12.49 -5.68
CA PRO A 501 -4.38 -11.97 -4.38
C PRO A 501 -3.41 -10.99 -3.70
N HIS A 502 -3.93 -9.86 -3.24
CA HIS A 502 -3.18 -8.75 -2.65
C HIS A 502 -2.22 -9.16 -1.55
N ASP A 503 -2.69 -9.99 -0.61
CA ASP A 503 -1.88 -10.41 0.53
C ASP A 503 -0.65 -11.19 0.09
N GLU A 504 -0.74 -11.88 -1.06
CA GLU A 504 0.35 -12.63 -1.66
C GLU A 504 1.43 -11.67 -2.20
N ILE A 505 1.01 -10.58 -2.88
CA ILE A 505 1.84 -9.54 -3.47
C ILE A 505 2.59 -8.76 -2.39
N VAL A 506 1.92 -8.41 -1.27
CA VAL A 506 2.54 -7.60 -0.20
C VAL A 506 3.59 -8.40 0.59
N ARG A 507 3.42 -9.73 0.61
CA ARG A 507 4.26 -10.74 1.27
C ARG A 507 5.67 -10.81 0.66
N SER A 508 5.77 -10.53 -0.66
CA SER A 508 7.00 -10.66 -1.45
C SER A 508 7.33 -9.41 -2.26
N SER A 509 8.60 -8.98 -2.19
CA SER A 509 9.08 -7.82 -2.96
C SER A 509 9.12 -8.14 -4.45
N VAL A 510 9.53 -9.37 -4.79
CA VAL A 510 9.72 -9.87 -6.16
C VAL A 510 8.39 -10.27 -6.85
N LEU A 511 7.33 -10.49 -6.07
CA LEU A 511 6.04 -10.86 -6.63
C LEU A 511 5.32 -9.60 -7.15
N LYS A 512 5.10 -9.58 -8.49
CA LYS A 512 4.49 -8.48 -9.24
C LYS A 512 3.05 -8.80 -9.65
N GLN A 513 2.17 -7.79 -9.57
CA GLN A 513 0.76 -7.91 -9.89
C GLN A 513 0.54 -7.88 -11.39
N ASN A 514 -0.61 -8.39 -11.84
CA ASN A 514 -1.01 -8.35 -13.24
C ASN A 514 -1.43 -6.93 -13.60
N LEU A 515 -1.33 -6.57 -14.88
CA LEU A 515 -1.67 -5.25 -15.41
C LEU A 515 -3.11 -4.84 -15.06
N GLY A 516 -3.27 -3.59 -14.62
CA GLY A 516 -4.58 -3.01 -14.31
C GLY A 516 -5.05 -3.15 -12.89
N TYR A 517 -4.37 -3.97 -12.06
CA TYR A 517 -4.74 -4.20 -10.66
C TYR A 517 -3.66 -3.70 -9.68
N LYS B 2 -9.78 -32.26 2.31
CA LYS B 2 -11.14 -31.95 2.77
C LYS B 2 -11.95 -33.19 3.10
N ALA B 3 -11.86 -34.22 2.26
CA ALA B 3 -12.59 -35.46 2.46
C ALA B 3 -12.01 -36.28 3.63
N PRO B 4 -12.85 -37.07 4.35
CA PRO B 4 -12.32 -37.97 5.38
C PRO B 4 -11.37 -39.01 4.77
N LEU B 5 -10.35 -39.44 5.52
CA LEU B 5 -9.30 -40.36 5.06
C LEU B 5 -9.83 -41.63 4.40
N ASP B 6 -10.93 -42.23 4.91
CA ASP B 6 -11.51 -43.47 4.38
C ASP B 6 -11.96 -43.36 2.89
N GLU B 7 -12.17 -42.13 2.36
CA GLU B 7 -12.60 -41.91 0.97
C GLU B 7 -11.48 -42.25 -0.07
N ILE B 8 -10.21 -42.25 0.38
CA ILE B 8 -9.02 -42.56 -0.42
C ILE B 8 -8.83 -44.09 -0.56
N ALA B 9 -9.30 -44.86 0.43
CA ALA B 9 -9.14 -46.31 0.52
C ALA B 9 -10.35 -47.14 0.04
N ASP B 10 -10.08 -48.47 -0.07
CA ASP B 10 -10.95 -49.58 -0.47
C ASP B 10 -12.10 -49.81 0.56
N ASP B 11 -13.18 -50.49 0.12
CA ASP B 11 -14.34 -50.82 0.95
C ASP B 11 -13.99 -51.97 1.93
N SER B 12 -13.04 -51.67 2.86
CA SER B 12 -12.49 -52.56 3.91
C SER B 12 -11.54 -51.76 4.82
N PHE B 13 -11.73 -50.43 4.90
CA PHE B 13 -10.88 -49.50 5.67
C PHE B 13 -11.10 -49.60 7.17
N TRP B 14 -12.37 -49.61 7.62
CA TRP B 14 -12.72 -49.56 9.04
C TRP B 14 -12.43 -50.87 9.76
N SER B 15 -12.04 -51.90 9.01
CA SER B 15 -11.66 -53.19 9.58
C SER B 15 -10.18 -53.14 9.99
N ASP B 16 -9.32 -52.53 9.12
CA ASP B 16 -7.87 -52.39 9.31
C ASP B 16 -7.56 -51.40 10.46
N GLU B 17 -6.92 -51.91 11.53
CA GLU B 17 -6.53 -51.17 12.73
C GLU B 17 -5.55 -50.05 12.41
N THR B 18 -4.62 -50.30 11.46
CA THR B 18 -3.59 -49.34 11.04
C THR B 18 -4.24 -48.17 10.32
N LEU B 19 -5.21 -48.43 9.42
CA LEU B 19 -5.92 -47.40 8.68
C LEU B 19 -6.81 -46.57 9.61
N VAL B 20 -7.45 -47.22 10.61
CA VAL B 20 -8.30 -46.53 11.57
C VAL B 20 -7.42 -45.67 12.45
N LYS B 21 -6.22 -46.17 12.83
CA LYS B 21 -5.26 -45.41 13.63
C LYS B 21 -4.78 -44.18 12.81
N TYR B 22 -4.61 -44.34 11.47
CA TYR B 22 -4.22 -43.26 10.55
C TYR B 22 -5.33 -42.20 10.43
N TYR B 23 -6.61 -42.64 10.48
CA TYR B 23 -7.76 -41.75 10.43
C TYR B 23 -7.73 -40.79 11.62
N VAL B 24 -7.48 -41.34 12.83
CA VAL B 24 -7.43 -40.55 14.07
C VAL B 24 -6.21 -39.59 14.01
N ASN B 25 -5.08 -40.02 13.40
CA ASN B 25 -3.92 -39.15 13.20
C ASN B 25 -4.27 -37.96 12.32
N ASP B 26 -5.12 -38.20 11.29
CA ASP B 26 -5.61 -37.16 10.39
C ASP B 26 -6.47 -36.17 11.15
N LEU B 27 -7.26 -36.66 12.13
CA LEU B 27 -8.12 -35.81 12.95
C LEU B 27 -7.27 -34.94 13.86
N TYR B 28 -6.17 -35.48 14.39
CA TYR B 28 -5.25 -34.69 15.21
C TYR B 28 -4.58 -33.64 14.33
N SER B 29 -4.26 -34.00 13.06
CA SER B 29 -3.61 -33.11 12.10
C SER B 29 -4.53 -31.91 11.75
N GLU B 30 -5.83 -32.04 12.03
CA GLU B 30 -6.81 -30.98 11.80
C GLU B 30 -6.73 -29.90 12.88
N ILE B 31 -5.91 -30.09 13.93
CA ILE B 31 -5.74 -29.06 14.95
C ILE B 31 -4.96 -27.92 14.29
N SER B 32 -5.54 -26.72 14.26
CA SER B 32 -4.89 -25.57 13.63
C SER B 32 -4.31 -24.61 14.65
N VAL B 33 -3.14 -24.04 14.31
CA VAL B 33 -2.46 -23.02 15.12
C VAL B 33 -2.29 -21.77 14.26
N ASP B 34 -2.78 -20.64 14.76
CA ASP B 34 -2.62 -19.36 14.09
C ASP B 34 -1.22 -18.83 14.38
N GLY B 35 -0.31 -19.03 13.43
CA GLY B 35 1.07 -18.57 13.53
C GLY B 35 1.21 -17.07 13.72
N LEU B 36 0.20 -16.30 13.24
CA LEU B 36 0.18 -14.84 13.27
C LEU B 36 -0.51 -14.28 14.52
N GLN B 37 -1.18 -15.15 15.30
CA GLN B 37 -1.87 -14.81 16.56
C GLN B 37 -2.71 -13.55 16.39
N LEU B 38 -3.64 -13.62 15.43
CA LEU B 38 -4.44 -12.48 15.05
C LEU B 38 -5.38 -12.08 16.16
N GLN B 39 -5.99 -13.03 16.86
CA GLN B 39 -6.86 -12.73 18.01
C GLN B 39 -6.11 -11.96 19.12
N GLU B 40 -4.82 -12.30 19.39
CA GLU B 40 -4.00 -11.60 20.39
C GLU B 40 -3.72 -10.15 19.94
N ASN B 41 -3.53 -9.97 18.61
CA ASN B 41 -3.29 -8.68 17.98
C ASN B 41 -4.61 -7.90 17.88
N ARG B 42 -5.72 -8.54 18.32
CA ARG B 42 -7.05 -7.90 18.34
C ARG B 42 -7.43 -7.71 19.80
N SER B 43 -6.41 -7.61 20.68
CA SER B 43 -6.52 -7.44 22.13
C SER B 43 -5.53 -6.38 22.63
N ASP B 44 -5.73 -5.90 23.86
CA ASP B 44 -4.90 -4.86 24.46
C ASP B 44 -3.46 -5.35 24.80
N ASN B 45 -3.12 -6.64 24.49
CA ASN B 45 -1.78 -7.18 24.76
C ASN B 45 -0.81 -6.91 23.63
N SER B 46 -1.32 -6.66 22.40
CA SER B 46 -0.45 -6.52 21.26
C SER B 46 -0.97 -5.60 20.18
N VAL B 47 -0.03 -4.87 19.54
CA VAL B 47 -0.20 -4.07 18.32
C VAL B 47 0.75 -4.72 17.31
N SER B 48 0.21 -5.41 16.30
CA SER B 48 1.01 -6.12 15.29
C SER B 48 2.02 -5.23 14.56
N ALA B 49 3.20 -5.79 14.28
CA ALA B 49 4.22 -5.15 13.45
C ALA B 49 3.66 -4.96 12.01
N GLN B 50 2.47 -5.60 11.74
CA GLN B 50 1.74 -5.53 10.46
C GLN B 50 0.50 -4.66 10.56
N ARG B 51 0.41 -3.83 11.64
CA ARG B 51 -0.70 -2.95 11.96
C ARG B 51 -1.12 -2.19 10.75
N ASP B 52 -0.13 -1.63 10.00
CA ASP B 52 -0.36 -0.81 8.79
C ASP B 52 -0.41 -1.66 7.53
N LYS B 53 0.52 -2.63 7.39
CA LYS B 53 0.65 -3.48 6.21
C LYS B 53 -0.61 -4.31 5.95
N TYR B 54 -1.26 -4.85 6.99
CA TYR B 54 -2.45 -5.70 6.80
C TYR B 54 -3.70 -5.16 7.50
N ARG B 55 -3.73 -3.84 7.76
CA ARG B 55 -4.81 -3.09 8.40
C ARG B 55 -6.20 -3.55 7.98
N ALA B 56 -6.51 -3.41 6.70
CA ALA B 56 -7.81 -3.73 6.12
C ALA B 56 -8.09 -5.22 6.09
N SER B 57 -7.06 -6.04 5.82
CA SER B 57 -7.21 -7.50 5.74
C SER B 57 -7.40 -8.17 7.09
N TRP B 58 -6.61 -7.78 8.11
CA TRP B 58 -6.58 -8.47 9.38
C TRP B 58 -7.10 -7.73 10.58
N PHE B 59 -7.10 -6.38 10.60
CA PHE B 59 -7.39 -5.73 11.89
C PHE B 59 -8.59 -4.82 11.94
N LYS B 60 -9.61 -5.06 11.07
CA LYS B 60 -10.83 -4.26 11.08
C LYS B 60 -11.57 -4.31 12.44
N PHE B 61 -11.40 -5.41 13.22
CA PHE B 61 -12.04 -5.57 14.55
C PHE B 61 -11.66 -4.42 15.46
N ASN B 62 -10.37 -4.12 15.47
CA ASN B 62 -9.78 -3.09 16.33
C ASN B 62 -10.41 -1.70 16.16
N TYR B 63 -11.15 -1.47 15.07
CA TYR B 63 -11.79 -0.17 14.81
C TYR B 63 -13.31 -0.35 14.58
N ASP B 64 -13.88 -1.49 15.00
CA ASP B 64 -15.29 -1.86 14.84
C ASP B 64 -15.70 -1.68 13.35
N VAL B 66 -15.53 -4.46 11.05
CA VAL B 66 -15.94 -5.76 10.50
C VAL B 66 -17.45 -5.68 10.13
N SER B 67 -17.90 -6.59 9.24
CA SER B 67 -19.31 -6.69 8.81
C SER B 67 -19.55 -8.12 8.44
N ALA B 68 -20.78 -8.50 8.08
CA ALA B 68 -21.04 -9.87 7.67
C ALA B 68 -20.27 -10.21 6.35
N SER B 69 -20.13 -9.20 5.47
CA SER B 69 -19.43 -9.27 4.18
C SER B 69 -17.91 -9.31 4.40
N ASP B 70 -17.36 -8.58 5.41
CA ASP B 70 -15.94 -8.70 5.78
C ASP B 70 -15.88 -9.11 7.27
N PRO B 71 -16.13 -10.42 7.58
CA PRO B 71 -16.24 -10.82 8.98
C PRO B 71 -14.94 -10.95 9.74
N GLN B 72 -13.83 -11.23 9.05
CA GLN B 72 -12.50 -11.46 9.60
C GLN B 72 -12.56 -12.49 10.73
N ASP B 73 -13.29 -13.60 10.45
CA ASP B 73 -13.55 -14.73 11.35
C ASP B 73 -12.46 -15.79 11.28
N ASP B 74 -11.45 -15.54 10.41
CA ASP B 74 -10.29 -16.38 10.17
C ASP B 74 -10.73 -17.70 9.55
N ASP B 75 -11.87 -17.69 8.81
CA ASP B 75 -12.50 -18.81 8.11
C ASP B 75 -12.83 -19.96 9.03
N VAL B 76 -13.05 -19.66 10.33
CA VAL B 76 -13.30 -20.69 11.33
C VAL B 76 -14.63 -21.45 11.04
N TRP B 77 -15.71 -20.73 10.69
CA TRP B 77 -16.99 -21.37 10.36
C TRP B 77 -16.82 -22.38 9.18
N GLU B 78 -16.22 -21.94 8.07
CA GLU B 78 -15.96 -22.74 6.88
C GLU B 78 -15.09 -23.99 7.17
N ASP B 79 -13.91 -23.77 7.79
CA ASP B 79 -12.92 -24.78 8.06
C ASP B 79 -13.30 -25.79 9.14
N TYR B 80 -13.88 -25.34 10.22
CA TYR B 80 -14.14 -26.18 11.37
C TYR B 80 -15.32 -27.13 11.17
N TYR B 81 -16.26 -26.84 10.24
CA TYR B 81 -17.34 -27.78 9.95
C TYR B 81 -16.80 -28.97 9.17
N VAL B 82 -15.72 -28.76 8.40
CA VAL B 82 -15.03 -29.84 7.64
C VAL B 82 -14.41 -30.80 8.66
N LYS B 83 -13.74 -30.23 9.69
CA LYS B 83 -13.09 -30.94 10.79
C LYS B 83 -14.09 -31.76 11.55
N VAL B 84 -15.25 -31.13 11.86
CA VAL B 84 -16.35 -31.77 12.57
C VAL B 84 -16.91 -32.90 11.70
N ARG B 85 -17.06 -32.67 10.36
CA ARG B 85 -17.56 -33.70 9.44
C ARG B 85 -16.70 -34.98 9.54
N LYS B 86 -15.36 -34.83 9.60
CA LYS B 86 -14.40 -35.92 9.71
C LYS B 86 -14.58 -36.68 11.03
N CYS B 87 -14.93 -35.99 12.14
CA CYS B 87 -15.20 -36.62 13.44
C CYS B 87 -16.45 -37.45 13.39
N ASN B 88 -17.55 -36.84 12.87
CA ASN B 88 -18.88 -37.46 12.74
C ASN B 88 -18.84 -38.71 11.89
N ARG B 89 -17.95 -38.74 10.89
CA ARG B 89 -17.78 -39.92 10.06
C ARG B 89 -17.19 -41.03 10.87
N PHE B 90 -16.16 -40.73 11.67
CA PHE B 90 -15.52 -41.70 12.56
C PHE B 90 -16.61 -42.37 13.40
N PHE B 91 -17.41 -41.52 14.10
CA PHE B 91 -18.49 -41.96 14.97
C PHE B 91 -19.53 -42.85 14.24
N GLU B 92 -19.80 -42.56 12.97
CA GLU B 92 -20.72 -43.35 12.13
C GLU B 92 -20.16 -44.72 11.78
N ARG B 93 -18.86 -44.80 11.44
CA ARG B 93 -18.27 -46.02 10.91
C ARG B 93 -17.50 -46.88 11.94
N ILE B 94 -17.19 -46.34 13.16
CA ILE B 94 -16.42 -47.07 14.17
C ILE B 94 -17.19 -48.27 14.76
N GLY B 95 -18.52 -48.21 14.82
CA GLY B 95 -19.35 -49.30 15.35
C GLY B 95 -19.17 -50.64 14.65
N THR B 96 -19.02 -50.59 13.32
CA THR B 96 -18.83 -51.74 12.43
C THR B 96 -17.35 -52.22 12.43
N SER B 97 -16.42 -51.44 13.06
CA SER B 97 -14.99 -51.75 13.11
C SER B 97 -14.72 -53.06 13.87
N THR B 98 -13.75 -53.85 13.36
CA THR B 98 -13.42 -55.15 13.94
C THR B 98 -12.28 -55.04 14.98
N ILE B 99 -11.80 -53.81 15.25
CA ILE B 99 -10.74 -53.50 16.22
C ILE B 99 -11.17 -53.89 17.65
N GLU B 100 -10.18 -54.26 18.49
CA GLU B 100 -10.36 -54.62 19.90
C GLU B 100 -11.18 -53.54 20.63
N GLU B 101 -12.21 -53.96 21.41
CA GLU B 101 -13.10 -53.09 22.19
C GLU B 101 -12.35 -52.00 22.99
N SER B 102 -11.30 -52.39 23.76
CA SER B 102 -10.52 -51.44 24.57
C SER B 102 -9.83 -50.36 23.71
N GLU B 103 -9.21 -50.75 22.58
CA GLU B 103 -8.53 -49.83 21.65
C GLU B 103 -9.56 -48.95 20.97
N LYS B 104 -10.70 -49.54 20.53
CA LYS B 104 -11.82 -48.87 19.89
C LYS B 104 -12.38 -47.79 20.84
N SER B 105 -12.54 -48.12 22.14
CA SER B 105 -13.04 -47.21 23.17
C SER B 105 -12.11 -46.02 23.36
N ARG B 106 -10.79 -46.26 23.55
CA ARG B 106 -9.77 -45.23 23.75
C ARG B 106 -9.76 -44.29 22.50
N LEU B 107 -9.74 -44.85 21.26
CA LEU B 107 -9.76 -44.04 20.03
C LEU B 107 -11.01 -43.18 19.96
N THR B 108 -12.19 -43.75 20.28
CA THR B 108 -13.47 -43.02 20.28
C THR B 108 -13.38 -41.82 21.24
N GLY B 109 -12.74 -42.02 22.39
CA GLY B 109 -12.52 -40.98 23.39
C GLY B 109 -11.71 -39.83 22.83
N GLU B 110 -10.68 -40.13 22.03
CA GLU B 110 -9.82 -39.14 21.39
C GLU B 110 -10.61 -38.31 20.39
N VAL B 111 -11.52 -38.93 19.64
CA VAL B 111 -12.38 -38.24 18.67
C VAL B 111 -13.41 -37.38 19.40
N HIS B 112 -13.90 -37.82 20.59
CA HIS B 112 -14.83 -37.02 21.41
C HIS B 112 -14.13 -35.73 21.85
N PHE B 113 -12.85 -35.86 22.30
CA PHE B 113 -12.03 -34.74 22.74
C PHE B 113 -11.80 -33.77 21.59
N LEU B 114 -11.47 -34.31 20.39
CA LEU B 114 -11.19 -33.50 19.20
C LEU B 114 -12.45 -32.80 18.71
N ARG B 115 -13.61 -33.50 18.65
CA ARG B 115 -14.85 -32.86 18.19
C ARG B 115 -15.26 -31.73 19.13
N ALA B 116 -15.06 -31.93 20.45
CA ALA B 116 -15.35 -30.93 21.48
C ALA B 116 -14.46 -29.71 21.29
N PHE B 118 -12.99 -28.77 18.46
CA PHE B 118 -13.32 -28.11 17.20
C PHE B 118 -14.55 -27.24 17.35
N TYR B 119 -15.62 -27.75 18.01
CA TYR B 119 -16.83 -26.98 18.26
C TYR B 119 -16.57 -25.81 19.20
N PHE B 120 -15.68 -26.00 20.20
CA PHE B 120 -15.33 -24.92 21.14
C PHE B 120 -14.68 -23.76 20.41
N GLU B 121 -13.83 -24.01 19.39
CA GLU B 121 -13.22 -22.94 18.58
C GLU B 121 -14.26 -22.09 17.87
N VAL B 123 -17.75 -21.99 18.85
CA VAL B 123 -18.63 -21.43 19.89
C VAL B 123 -18.00 -20.22 20.57
N LYS B 124 -16.68 -20.28 20.92
CA LYS B 124 -16.01 -19.14 21.58
C LYS B 124 -16.01 -17.86 20.67
N ARG B 125 -16.27 -18.01 19.38
CA ARG B 125 -16.26 -16.94 18.40
C ARG B 125 -17.66 -16.46 18.04
N TYR B 126 -18.47 -17.35 17.45
CA TYR B 126 -19.82 -17.03 16.94
C TYR B 126 -20.94 -17.19 17.99
N GLY B 127 -20.71 -17.93 19.08
CA GLY B 127 -21.71 -18.20 20.10
C GLY B 127 -22.42 -19.46 19.69
N GLY B 128 -23.74 -19.41 19.56
CA GLY B 128 -24.47 -20.56 19.08
C GLY B 128 -24.11 -20.89 17.63
N VAL B 129 -23.94 -22.18 17.31
CA VAL B 129 -23.61 -22.66 15.96
C VAL B 129 -24.60 -23.79 15.55
N ILE B 130 -24.44 -24.35 14.34
CA ILE B 130 -25.25 -25.49 13.90
C ILE B 130 -24.64 -26.74 14.52
N LEU B 131 -25.41 -27.44 15.37
CA LEU B 131 -24.90 -28.65 16.01
C LEU B 131 -25.18 -29.85 15.11
N LEU B 132 -24.11 -30.52 14.67
CA LEU B 132 -24.16 -31.70 13.82
C LEU B 132 -23.43 -32.87 14.49
N ASP B 133 -24.13 -33.98 14.64
CA ASP B 133 -23.61 -35.20 15.26
C ASP B 133 -23.52 -36.33 14.22
N LYS B 134 -23.96 -36.04 12.98
CA LYS B 134 -23.93 -36.98 11.86
C LYS B 134 -23.41 -36.25 10.62
N VAL B 135 -22.95 -37.03 9.63
CA VAL B 135 -22.51 -36.51 8.33
C VAL B 135 -23.76 -36.32 7.50
N LEU B 136 -24.04 -35.07 7.12
CA LEU B 136 -25.23 -34.77 6.35
C LEU B 136 -25.09 -35.31 4.96
N THR B 137 -26.20 -35.84 4.45
CA THR B 137 -26.38 -36.46 3.15
C THR B 137 -27.54 -35.75 2.38
N GLU B 139 -30.31 -37.10 1.84
CA GLU B 139 -31.49 -37.53 2.58
C GLU B 139 -31.89 -36.53 3.67
N ASP B 140 -30.94 -35.71 4.10
CA ASP B 140 -31.12 -34.73 5.16
C ASP B 140 -31.62 -33.37 4.67
N ASN B 141 -32.25 -32.63 5.59
CA ASN B 141 -32.66 -31.26 5.34
C ASN B 141 -31.51 -30.38 5.77
N TRP B 142 -31.02 -29.55 4.88
CA TRP B 142 -29.84 -28.76 5.22
C TRP B 142 -30.16 -27.39 5.77
N GLU B 143 -31.45 -26.99 5.79
CA GLU B 143 -31.80 -25.73 6.40
C GLU B 143 -31.94 -26.01 7.90
N ILE B 144 -30.80 -25.95 8.58
CA ILE B 144 -30.68 -26.20 10.00
C ILE B 144 -30.32 -24.89 10.68
N PRO B 145 -31.14 -24.44 11.67
CA PRO B 145 -30.81 -23.20 12.37
C PRO B 145 -29.67 -23.40 13.37
N ARG B 146 -29.11 -22.30 13.82
CA ARG B 146 -28.11 -22.31 14.87
C ARG B 146 -28.78 -22.70 16.18
N SER B 147 -28.12 -23.49 17.00
CA SER B 147 -28.63 -23.83 18.32
C SER B 147 -28.25 -22.67 19.25
N SER B 148 -28.81 -22.67 20.47
CA SER B 148 -28.46 -21.62 21.43
C SER B 148 -27.03 -21.86 21.91
N GLU B 149 -26.37 -20.81 22.39
CA GLU B 149 -25.03 -20.92 22.93
C GLU B 149 -25.02 -21.97 24.08
N LYS B 150 -26.08 -21.99 24.93
CA LYS B 150 -26.20 -22.93 26.06
C LYS B 150 -26.18 -24.36 25.57
N GLU B 151 -26.97 -24.67 24.52
CA GLU B 151 -27.05 -25.99 23.88
C GLU B 151 -25.69 -26.44 23.32
N CYS B 152 -24.98 -25.50 22.71
CA CYS B 152 -23.66 -25.74 22.12
C CYS B 152 -22.65 -26.05 23.24
N TYR B 153 -22.68 -25.28 24.36
CA TYR B 153 -21.80 -25.56 25.49
C TYR B 153 -22.15 -26.94 26.10
N ASP B 154 -23.45 -27.32 26.11
CA ASP B 154 -23.92 -28.63 26.56
C ASP B 154 -23.36 -29.74 25.67
N PHE B 155 -23.40 -29.55 24.33
CA PHE B 155 -22.87 -30.50 23.35
C PHE B 155 -21.37 -30.74 23.58
N ILE B 156 -20.58 -29.65 23.65
CA ILE B 156 -19.12 -29.69 23.90
C ILE B 156 -18.83 -30.45 25.18
N LEU B 157 -19.53 -30.08 26.26
CA LEU B 157 -19.31 -30.68 27.58
C LEU B 157 -19.75 -32.14 27.64
N GLU B 158 -20.76 -32.56 26.85
CA GLU B 158 -21.15 -33.97 26.83
C GLU B 158 -20.06 -34.79 26.14
N ASP B 159 -19.44 -34.24 25.08
CA ASP B 159 -18.32 -34.86 24.35
C ASP B 159 -17.10 -35.01 25.27
N LEU B 160 -16.80 -33.97 26.09
CA LEU B 160 -15.68 -33.98 27.02
C LEU B 160 -15.96 -34.89 28.19
N LYS B 161 -17.24 -35.04 28.60
CA LYS B 161 -17.62 -36.00 29.66
C LYS B 161 -17.30 -37.40 29.17
N LYS B 162 -17.70 -37.72 27.90
CA LYS B 162 -17.47 -39.03 27.28
C LYS B 162 -15.96 -39.27 27.17
N ALA B 163 -15.18 -38.22 26.81
CA ALA B 163 -13.72 -38.25 26.72
C ALA B 163 -13.06 -38.62 28.06
N THR B 164 -13.41 -37.92 29.19
CA THR B 164 -12.88 -38.24 30.55
C THR B 164 -13.18 -39.71 30.96
N GLU B 165 -14.33 -40.26 30.52
CA GLU B 165 -14.72 -41.64 30.82
C GLU B 165 -13.94 -42.66 29.99
N LEU B 167 -10.80 -41.97 27.97
CA LEU B 167 -9.37 -41.75 27.76
C LEU B 167 -8.48 -42.23 28.93
N PRO B 168 -7.22 -42.67 28.65
CA PRO B 168 -6.31 -43.02 29.76
C PRO B 168 -5.68 -41.74 30.37
N ALA B 169 -5.15 -41.84 31.59
CA ALA B 169 -4.51 -40.71 32.24
C ALA B 169 -3.11 -40.49 31.65
N SER B 170 -2.49 -41.56 31.15
CA SER B 170 -1.16 -41.53 30.58
C SER B 170 -1.01 -42.52 29.43
N TYR B 171 0.03 -42.32 28.61
CA TYR B 171 0.39 -43.20 27.49
C TYR B 171 1.83 -43.72 27.64
N GLY B 172 2.16 -44.74 26.82
CA GLY B 172 3.51 -45.29 26.69
C GLY B 172 4.39 -44.28 25.95
N SER B 173 5.69 -44.60 25.78
CA SER B 173 6.66 -43.71 25.13
C SER B 173 6.21 -43.29 23.70
N ARG B 174 5.83 -44.31 22.88
CA ARG B 174 5.39 -44.20 21.48
C ARG B 174 4.14 -43.34 21.28
N GLU B 175 3.07 -43.58 22.09
CA GLU B 175 1.78 -42.88 21.98
C GLU B 175 1.73 -41.54 22.76
N LYS B 176 2.88 -41.03 23.28
CA LYS B 176 2.94 -39.73 23.98
C LYS B 176 2.64 -38.60 22.97
N GLY B 177 1.73 -37.69 23.32
CA GLY B 177 1.26 -36.59 22.46
C GLY B 177 -0.25 -36.58 22.25
N ARG B 178 -0.88 -37.78 22.42
CA ARG B 178 -2.32 -38.04 22.30
C ARG B 178 -3.10 -37.29 23.42
N ALA B 179 -4.42 -37.26 23.32
CA ALA B 179 -5.28 -36.66 24.34
C ALA B 179 -5.38 -37.58 25.55
N THR B 180 -5.22 -37.03 26.75
CA THR B 180 -5.32 -37.79 28.02
C THR B 180 -6.61 -37.45 28.74
N LYS B 181 -6.88 -38.18 29.85
CA LYS B 181 -8.01 -37.94 30.73
C LYS B 181 -7.89 -36.51 31.28
N GLY B 182 -6.66 -36.12 31.62
CA GLY B 182 -6.30 -34.80 32.11
C GLY B 182 -6.58 -33.72 31.10
N ALA B 183 -6.22 -33.93 29.83
CA ALA B 183 -6.48 -32.95 28.77
C ALA B 183 -7.99 -32.70 28.65
N ALA B 184 -8.80 -33.77 28.72
CA ALA B 184 -10.26 -33.66 28.62
C ALA B 184 -10.82 -32.87 29.81
N TYR B 185 -10.37 -33.18 31.05
CA TYR B 185 -10.83 -32.46 32.24
C TYR B 185 -10.38 -31.01 32.20
N ALA B 186 -9.12 -30.77 31.78
CA ALA B 186 -8.57 -29.41 31.65
C ALA B 186 -9.38 -28.60 30.61
N LEU B 187 -9.73 -29.19 29.45
CA LEU B 187 -10.53 -28.45 28.47
C LEU B 187 -11.91 -28.20 29.02
N LYS B 188 -12.49 -29.20 29.72
CA LYS B 188 -13.82 -29.12 30.35
C LYS B 188 -13.89 -27.91 31.27
N SER B 189 -12.89 -27.73 32.17
CA SER B 189 -12.85 -26.61 33.13
C SER B 189 -12.87 -25.24 32.40
N ARG B 190 -12.15 -25.09 31.26
CA ARG B 190 -12.15 -23.82 30.52
C ARG B 190 -13.50 -23.58 29.85
N VAL B 191 -14.06 -24.62 29.14
CA VAL B 191 -15.37 -24.58 28.49
C VAL B 191 -16.47 -24.21 29.56
N GLU B 192 -16.40 -24.82 30.75
CA GLU B 192 -17.32 -24.53 31.85
C GLU B 192 -17.15 -23.10 32.37
N LEU B 193 -15.91 -22.60 32.41
CA LEU B 193 -15.61 -21.24 32.88
C LEU B 193 -16.16 -20.21 31.89
N TYR B 194 -15.97 -20.48 30.59
CA TYR B 194 -16.44 -19.64 29.49
C TYR B 194 -17.97 -19.50 29.58
N ASP B 195 -18.71 -20.55 30.03
CA ASP B 195 -20.17 -20.53 30.17
C ASP B 195 -20.63 -20.27 31.63
N LYS B 196 -19.72 -19.78 32.48
CA LYS B 196 -20.00 -19.39 33.87
C LYS B 196 -20.62 -20.54 34.72
N ARG B 197 -20.22 -21.80 34.45
CA ARG B 197 -20.63 -22.99 35.20
C ARG B 197 -19.59 -23.23 36.28
N TYR B 198 -19.50 -22.30 37.23
CA TYR B 198 -18.46 -22.25 38.27
C TYR B 198 -18.41 -23.47 39.19
N GLU B 199 -19.58 -23.95 39.69
CA GLU B 199 -19.59 -25.14 40.57
C GLU B 199 -18.95 -26.34 39.83
N ASP B 200 -19.16 -26.42 38.49
CA ASP B 200 -18.60 -27.46 37.63
C ASP B 200 -17.10 -27.30 37.41
N VAL B 201 -16.60 -26.05 37.17
CA VAL B 201 -15.18 -25.75 36.97
C VAL B 201 -14.34 -26.32 38.11
N ILE B 202 -14.75 -26.05 39.38
CA ILE B 202 -14.11 -26.47 40.62
C ILE B 202 -13.96 -28.01 40.65
N LYS B 203 -15.01 -28.73 40.23
CA LYS B 203 -15.06 -30.18 40.19
C LYS B 203 -14.09 -30.71 39.14
N SER B 204 -14.08 -30.09 37.94
CA SER B 204 -13.16 -30.47 36.86
C SER B 204 -11.69 -30.25 37.25
N CYS B 205 -11.39 -29.12 37.91
CA CYS B 205 -10.06 -28.77 38.40
C CYS B 205 -9.60 -29.77 39.44
N ALA B 206 -10.52 -30.19 40.36
CA ALA B 206 -10.23 -31.17 41.44
C ALA B 206 -9.71 -32.48 40.84
N GLU B 207 -10.23 -32.85 39.66
CA GLU B 207 -9.85 -34.06 38.96
C GLU B 207 -8.42 -33.98 38.41
N VAL B 208 -8.03 -32.84 37.84
CA VAL B 208 -6.70 -32.63 37.27
C VAL B 208 -5.62 -32.62 38.38
N TYR B 209 -5.98 -32.11 39.59
CA TYR B 209 -5.07 -32.06 40.73
C TYR B 209 -4.63 -33.47 41.17
N LYS B 210 -5.45 -34.49 40.86
CA LYS B 210 -5.22 -35.88 41.21
C LYS B 210 -4.40 -36.64 40.15
N LEU B 211 -4.23 -36.06 38.95
CA LEU B 211 -3.60 -36.74 37.82
C LEU B 211 -2.06 -36.59 37.70
N GLY B 212 -1.41 -36.17 38.79
CA GLY B 212 0.04 -36.03 38.82
C GLY B 212 0.68 -34.98 37.94
N TYR B 213 -0.02 -33.86 37.67
CA TYR B 213 0.65 -32.79 36.95
C TYR B 213 1.44 -31.94 37.97
N GLU B 214 2.41 -31.16 37.54
CA GLU B 214 3.21 -30.36 38.46
C GLU B 214 3.66 -29.08 37.76
N LEU B 215 3.60 -27.92 38.45
CA LEU B 215 4.05 -26.64 37.87
C LEU B 215 5.57 -26.59 37.81
N VAL B 216 6.12 -26.24 36.64
CA VAL B 216 7.58 -26.10 36.44
C VAL B 216 8.03 -24.93 37.32
N ASP B 217 9.19 -25.05 37.96
CA ASP B 217 9.75 -23.96 38.77
C ASP B 217 10.03 -22.76 37.84
N GLY B 218 9.49 -21.59 38.17
CA GLY B 218 9.70 -20.40 37.38
C GLY B 218 10.30 -19.24 38.15
N THR B 219 11.17 -19.54 39.12
CA THR B 219 11.78 -18.52 39.97
C THR B 219 12.84 -17.69 39.24
N THR B 220 13.23 -18.11 38.03
CA THR B 220 14.10 -17.34 37.14
C THR B 220 13.45 -17.26 35.76
N PRO B 221 13.69 -16.17 34.99
CA PRO B 221 13.12 -16.06 33.63
C PRO B 221 13.41 -17.28 32.74
N GLU B 222 14.69 -17.74 32.72
CA GLU B 222 15.12 -18.91 31.96
C GLU B 222 14.31 -20.13 32.38
N LYS B 223 14.14 -20.35 33.71
CA LYS B 223 13.38 -21.47 34.27
C LYS B 223 11.91 -21.45 33.80
N TYR B 224 11.25 -20.28 33.85
CA TYR B 224 9.87 -20.14 33.41
C TYR B 224 9.74 -20.41 31.92
N ARG B 225 10.62 -19.78 31.08
CA ARG B 225 10.65 -19.95 29.61
C ARG B 225 10.87 -21.39 29.19
N SER B 226 11.49 -22.19 30.04
CA SER B 226 11.78 -23.59 29.75
C SER B 226 10.52 -24.47 29.60
N ILE B 227 9.32 -23.95 29.93
CA ILE B 227 8.06 -24.68 29.78
C ILE B 227 7.87 -24.97 28.29
N TRP B 228 8.24 -23.98 27.47
CA TRP B 228 8.06 -24.00 26.03
C TRP B 228 9.23 -24.61 25.26
N TRP B 229 10.33 -24.99 25.95
CA TRP B 229 11.50 -25.56 25.27
C TRP B 229 11.17 -26.89 24.69
N THR B 230 11.64 -27.10 23.46
CA THR B 230 11.48 -28.35 22.72
C THR B 230 12.35 -29.41 23.43
N THR B 231 13.45 -28.99 24.09
CA THR B 231 14.30 -29.89 24.88
C THR B 231 13.69 -30.15 26.29
N ASN B 232 12.47 -29.67 26.53
CA ASN B 232 11.79 -29.87 27.82
C ASN B 232 10.34 -30.21 27.56
N LYS B 233 10.03 -30.71 26.33
CA LYS B 233 8.70 -31.09 25.84
C LYS B 233 8.02 -32.14 26.74
N ASP B 234 8.79 -32.78 27.67
CA ASP B 234 8.34 -33.83 28.60
C ASP B 234 8.09 -33.36 30.05
N ASN B 235 7.97 -32.04 30.28
CA ASN B 235 7.75 -31.50 31.63
C ASN B 235 6.33 -31.82 32.12
N LYS B 236 6.13 -31.81 33.46
CA LYS B 236 4.88 -32.17 34.12
C LYS B 236 3.81 -31.05 34.12
N GLU B 237 4.10 -29.90 33.49
CA GLU B 237 3.13 -28.80 33.40
C GLU B 237 2.25 -28.91 32.14
N ILE B 238 2.80 -29.47 31.05
CA ILE B 238 2.09 -29.63 29.80
C ILE B 238 0.94 -30.64 29.98
N ILE B 239 -0.29 -30.24 29.63
CA ILE B 239 -1.46 -31.12 29.69
C ILE B 239 -1.77 -31.55 28.24
N PHE B 240 -1.79 -30.61 27.29
CA PHE B 240 -2.02 -30.86 25.87
C PHE B 240 -1.27 -29.85 25.02
N ASP B 241 -0.51 -30.34 24.05
CA ASP B 241 0.26 -29.50 23.13
C ASP B 241 0.31 -30.06 21.70
N VAL B 242 0.82 -29.24 20.78
CA VAL B 242 1.09 -29.54 19.39
C VAL B 242 2.44 -28.94 19.03
N GLN B 243 3.29 -29.70 18.33
CA GLN B 243 4.58 -29.18 17.86
C GLN B 243 4.28 -28.68 16.47
N TYR B 244 4.04 -27.36 16.37
CA TYR B 244 3.63 -26.71 15.14
C TYR B 244 4.83 -26.30 14.33
N LYS B 245 5.00 -26.96 13.17
CA LYS B 245 6.08 -26.69 12.21
C LYS B 245 5.40 -26.39 10.88
N SER B 246 5.10 -25.09 10.63
CA SER B 246 4.42 -24.62 9.41
C SER B 246 5.30 -24.86 8.18
N PRO B 247 4.69 -25.27 7.02
CA PRO B 247 5.52 -25.51 5.82
C PRO B 247 6.26 -24.23 5.36
N ASP B 248 5.51 -23.10 5.19
CA ASP B 248 6.05 -21.85 4.69
C ASP B 248 6.54 -20.89 5.73
N VAL B 249 7.59 -20.15 5.34
CA VAL B 249 8.28 -19.09 6.09
C VAL B 249 7.29 -17.92 6.43
N TYR B 250 6.26 -17.77 5.58
CA TYR B 250 5.28 -16.72 5.67
C TYR B 250 4.21 -17.05 6.72
N ASN B 251 4.14 -18.33 7.15
CA ASN B 251 3.13 -18.73 8.13
C ASN B 251 3.76 -19.40 9.39
N ASN B 252 5.11 -19.54 9.38
CA ASN B 252 5.87 -20.11 10.47
C ASN B 252 5.77 -19.21 11.70
N VAL B 255 9.20 -17.46 12.92
CA VAL B 255 9.73 -16.44 12.00
C VAL B 255 8.79 -15.23 11.97
N CYS B 256 7.47 -15.47 11.97
CA CYS B 256 6.45 -14.42 11.95
C CYS B 256 6.50 -13.53 13.17
N ASN B 257 6.95 -14.04 14.34
CA ASN B 257 6.92 -13.25 15.56
C ASN B 257 8.33 -12.97 16.10
N VAL B 259 12.11 -11.03 16.15
CA VAL B 259 12.65 -9.67 15.96
C VAL B 259 13.18 -9.58 14.53
N THR B 260 12.83 -8.50 13.80
CA THR B 260 13.27 -8.39 12.41
C THR B 260 14.73 -7.94 12.28
N TYR B 261 15.08 -6.79 12.84
CA TYR B 261 16.41 -6.21 12.65
C TYR B 261 17.37 -6.57 13.75
N ILE B 262 17.93 -7.75 13.55
CA ILE B 262 18.89 -8.49 14.36
C ILE B 262 20.03 -8.84 13.37
N ASN B 263 20.05 -8.08 12.23
CA ASN B 263 20.93 -8.22 11.07
C ASN B 263 22.31 -7.57 11.21
N ASP B 264 22.74 -7.24 12.43
CA ASP B 264 24.09 -6.78 12.74
C ASP B 264 24.97 -8.04 12.95
N LYS B 265 24.37 -9.12 13.49
CA LYS B 265 24.95 -10.44 13.76
C LYS B 265 24.24 -11.55 12.96
N TYR B 266 22.91 -11.47 12.79
CA TYR B 266 22.15 -12.53 12.15
C TYR B 266 21.50 -12.14 10.83
N GLY B 267 20.24 -11.72 10.83
CA GLY B 267 19.55 -11.37 9.60
C GLY B 267 18.22 -10.70 9.83
N ASP B 268 17.46 -10.48 8.74
CA ASP B 268 16.16 -9.84 8.76
C ASP B 268 15.03 -10.77 8.28
N ARG B 269 15.22 -12.07 8.50
CA ARG B 269 14.28 -13.12 8.14
C ARG B 269 12.95 -12.98 8.90
N GLY B 270 12.97 -12.48 10.13
CA GLY B 270 11.77 -12.27 10.96
C GLY B 270 10.79 -11.23 10.42
N TRP B 271 9.52 -11.29 10.90
CA TRP B 271 8.46 -10.37 10.49
C TRP B 271 7.95 -9.53 11.67
N GLY B 272 8.56 -9.63 12.83
CA GLY B 272 8.17 -8.85 14.00
C GLY B 272 7.00 -9.43 14.74
N GLY B 273 5.88 -9.57 14.02
CA GLY B 273 4.64 -10.15 14.51
C GLY B 273 4.07 -9.40 15.67
N LEU B 274 3.84 -10.12 16.79
CA LEU B 274 3.26 -9.55 18.01
C LEU B 274 4.12 -8.41 18.54
N GLY B 275 3.45 -7.36 18.98
CA GLY B 275 4.11 -6.19 19.55
C GLY B 275 3.51 -5.90 20.92
N PRO B 276 4.07 -6.48 22.00
CA PRO B 276 3.54 -6.19 23.34
C PRO B 276 3.36 -4.67 23.55
N THR B 277 2.26 -4.26 24.18
CA THR B 277 1.93 -2.84 24.41
C THR B 277 2.55 -2.31 25.69
N GLN B 278 2.60 -0.99 25.79
CA GLN B 278 3.07 -0.39 27.02
C GLN B 278 2.09 -0.73 28.15
N GLU B 279 0.80 -0.90 27.82
CA GLU B 279 -0.26 -1.27 28.79
C GLU B 279 0.00 -2.65 29.41
N LEU B 280 0.50 -3.59 28.59
CA LEU B 280 0.86 -4.89 29.11
C LEU B 280 2.16 -4.80 29.91
N ILE B 281 3.15 -4.04 29.40
CA ILE B 281 4.43 -3.90 30.11
C ILE B 281 4.18 -3.32 31.50
N ASP B 282 3.27 -2.34 31.58
CA ASP B 282 2.90 -1.66 32.84
C ASP B 282 2.27 -2.61 33.84
N ALA B 283 1.62 -3.71 33.36
CA ALA B 283 0.91 -4.68 34.18
C ALA B 283 1.86 -5.72 34.84
N PHE B 284 3.12 -5.84 34.39
CA PHE B 284 4.10 -6.73 35.03
C PHE B 284 4.59 -6.08 36.31
N GLU B 285 4.41 -6.77 37.41
CA GLU B 285 4.79 -6.29 38.74
C GLU B 285 6.27 -6.37 38.96
N ALA B 287 9.55 -7.60 41.24
CA ALA B 287 9.86 -8.93 41.80
C ALA B 287 9.27 -9.16 43.18
N ASP B 288 8.97 -8.09 43.95
CA ASP B 288 8.43 -8.19 45.31
C ASP B 288 6.91 -8.00 45.35
N GLY B 289 6.28 -8.03 44.19
CA GLY B 289 4.84 -7.87 44.16
C GLY B 289 4.34 -6.45 44.30
N THR B 290 5.22 -5.48 44.07
CA THR B 290 4.96 -4.03 44.10
C THR B 290 4.61 -3.62 42.67
N PRO B 291 3.77 -2.58 42.44
CA PRO B 291 3.53 -2.17 41.04
C PRO B 291 4.74 -1.39 40.52
N ALA B 292 5.00 -1.55 39.23
CA ALA B 292 6.06 -0.87 38.49
C ALA B 292 5.64 0.57 38.18
N THR B 293 6.59 1.43 37.74
CA THR B 293 6.19 2.77 37.28
C THR B 293 5.32 2.55 36.02
N GLN B 294 4.22 3.32 35.91
CA GLN B 294 3.31 3.23 34.75
C GLN B 294 3.71 4.26 33.75
N TYR B 295 3.89 3.86 32.48
CA TYR B 295 4.34 4.80 31.44
C TYR B 295 3.30 5.10 30.38
N SER B 296 2.25 4.27 30.22
CA SER B 296 1.28 4.43 29.12
C SER B 296 0.69 5.80 29.03
N GLN B 297 0.39 6.45 30.17
CA GLN B 297 -0.27 7.76 30.16
C GLN B 297 0.73 8.92 30.30
N ALA B 298 2.02 8.64 30.06
CA ALA B 298 3.06 9.66 30.09
C ALA B 298 2.87 10.64 28.94
N PRO B 299 3.16 11.96 29.15
CA PRO B 299 3.09 12.90 28.00
C PRO B 299 4.12 12.50 26.93
N ALA B 300 3.79 12.67 25.64
CA ALA B 300 4.64 12.29 24.49
C ALA B 300 5.96 13.10 24.40
N ASP B 301 6.00 14.31 24.98
CA ASP B 301 7.20 15.14 24.94
C ASP B 301 8.17 14.76 26.06
N GLN B 302 7.78 13.86 26.98
CA GLN B 302 8.61 13.44 28.12
C GLN B 302 9.67 12.47 27.69
N VAL B 303 10.94 12.75 28.07
CA VAL B 303 12.03 11.84 27.75
C VAL B 303 12.49 11.12 29.01
N PHE B 304 12.58 9.79 28.93
CA PHE B 304 13.06 8.95 29.99
C PHE B 304 14.38 8.31 29.65
N ASP B 305 15.21 8.04 30.67
CA ASP B 305 16.47 7.35 30.53
C ASP B 305 16.30 5.98 31.13
N ILE B 306 16.52 4.95 30.31
CA ILE B 306 16.36 3.53 30.65
C ILE B 306 17.12 3.16 31.94
N ASN B 307 18.15 3.93 32.30
CA ASN B 307 18.99 3.71 33.46
C ASN B 307 18.60 4.58 34.65
N THR B 308 18.10 5.82 34.46
CA THR B 308 17.71 6.65 35.61
C THR B 308 16.38 6.10 36.13
N CYS B 309 15.37 5.98 35.26
CA CYS B 309 14.13 5.28 35.59
C CYS B 309 14.49 3.79 35.45
N GLY B 310 13.78 2.88 36.06
CA GLY B 310 14.24 1.49 35.91
C GLY B 310 13.30 0.63 35.13
N ILE B 311 12.76 1.21 34.03
CA ILE B 311 11.68 0.63 33.23
C ILE B 311 11.83 -0.90 33.08
N TYR B 312 13.02 -1.41 32.72
CA TYR B 312 13.19 -2.85 32.51
C TYR B 312 13.99 -3.55 33.60
N GLU B 313 14.24 -2.85 34.74
CA GLU B 313 14.95 -3.35 35.91
C GLU B 313 13.96 -3.80 37.01
N GLY B 314 14.36 -4.82 37.74
CA GLY B 314 13.69 -5.35 38.93
C GLY B 314 12.32 -5.98 38.83
N ARG B 315 11.93 -6.37 37.60
CA ARG B 315 10.62 -6.99 37.33
C ARG B 315 10.56 -8.44 37.76
N GLU B 316 9.33 -8.98 37.88
CA GLU B 316 9.12 -10.38 38.24
C GLU B 316 9.53 -11.32 37.03
N PRO B 317 9.94 -12.60 37.25
CA PRO B 317 10.46 -13.43 36.14
C PRO B 317 9.64 -13.48 34.84
N ARG B 318 8.28 -13.44 34.91
CA ARG B 318 7.43 -13.56 33.71
C ARG B 318 7.62 -12.38 32.77
N PHE B 319 8.13 -11.24 33.30
CA PHE B 319 8.39 -10.08 32.46
C PHE B 319 9.51 -10.41 31.46
N TYR B 320 10.67 -10.88 31.95
CA TYR B 320 11.85 -11.22 31.14
C TYR B 320 11.62 -12.49 30.34
N ALA B 321 10.63 -13.29 30.76
CA ALA B 321 10.24 -14.53 30.09
C ALA B 321 9.36 -14.25 28.89
N ASN B 322 8.58 -13.16 28.92
CA ASN B 322 7.64 -12.83 27.85
C ASN B 322 8.07 -11.70 26.90
N ILE B 323 8.81 -10.69 27.44
CA ILE B 323 9.08 -9.48 26.67
C ILE B 323 10.53 -9.37 26.20
N VAL B 324 10.67 -9.11 24.87
CA VAL B 324 11.92 -8.76 24.19
C VAL B 324 11.86 -7.22 24.09
N PHE B 325 12.77 -6.53 24.81
CA PHE B 325 12.83 -5.06 24.89
C PHE B 325 14.24 -4.51 24.52
N HIS B 326 14.36 -3.18 24.42
CA HIS B 326 15.62 -2.53 24.09
C HIS B 326 16.67 -2.99 25.07
N GLY B 327 17.70 -3.64 24.56
CA GLY B 327 18.80 -4.14 25.38
C GLY B 327 18.71 -5.61 25.74
N SER B 328 17.65 -6.32 25.32
CA SER B 328 17.49 -7.75 25.55
C SER B 328 18.51 -8.54 24.75
N GLN B 329 19.11 -9.55 25.38
CA GLN B 329 19.98 -10.51 24.73
C GLN B 329 19.20 -11.77 24.42
N ILE B 330 19.25 -12.20 23.15
CA ILE B 330 18.57 -13.38 22.62
C ILE B 330 19.56 -14.17 21.75
N PHE B 331 19.23 -15.45 21.44
CA PHE B 331 20.00 -16.38 20.60
C PHE B 331 21.37 -16.74 21.18
N PHE B 332 21.41 -16.99 22.49
CA PHE B 332 22.61 -17.34 23.25
C PHE B 332 23.33 -18.56 22.69
N ASN B 333 22.55 -19.61 22.33
CA ASN B 333 23.09 -20.90 21.86
C ASN B 333 22.95 -21.08 20.32
N ALA B 334 23.02 -19.96 19.60
CA ALA B 334 23.06 -19.87 18.15
C ALA B 334 24.51 -19.68 17.79
N ASP B 335 24.94 -20.03 16.54
CA ASP B 335 26.33 -19.76 16.12
C ASP B 335 26.52 -18.25 16.21
N LYS B 336 27.70 -17.75 16.55
CA LYS B 336 27.92 -16.28 16.71
C LYS B 336 27.42 -15.76 18.12
N GLY B 337 26.66 -16.57 18.86
CA GLY B 337 26.19 -16.22 20.20
C GLY B 337 25.11 -15.15 20.28
N ALA B 338 24.82 -14.69 21.52
CA ALA B 338 23.77 -13.71 21.83
C ALA B 338 23.93 -12.39 21.08
N VAL B 339 22.81 -11.90 20.57
CA VAL B 339 22.66 -10.62 19.89
C VAL B 339 21.85 -9.71 20.84
N THR B 340 22.20 -8.40 20.90
CA THR B 340 21.46 -7.47 21.76
C THR B 340 20.50 -6.68 20.88
N VAL B 341 19.23 -6.64 21.30
CA VAL B 341 18.15 -5.96 20.57
C VAL B 341 18.30 -4.47 20.79
N ASP B 342 18.33 -3.70 19.69
CA ASP B 342 18.49 -2.24 19.68
C ASP B 342 17.29 -1.60 19.01
N ARG B 343 16.51 -0.83 19.79
CA ARG B 343 15.32 -0.14 19.31
C ARG B 343 15.63 1.25 18.80
N TYR B 344 16.85 1.77 19.09
CA TYR B 344 17.30 3.09 18.67
C TYR B 344 17.79 3.05 17.22
N LEU B 345 18.73 2.14 16.91
CA LEU B 345 19.31 2.09 15.57
C LEU B 345 18.82 0.95 14.69
N ASP B 347 15.95 -2.32 15.28
CA ASP B 347 14.52 -2.63 15.16
C ASP B 347 13.68 -1.47 15.62
N THR B 348 13.36 -0.63 14.65
CA THR B 348 12.69 0.64 14.74
C THR B 348 11.29 0.61 14.11
N PRO B 349 10.30 1.35 14.67
CA PRO B 349 8.95 1.35 14.05
C PRO B 349 8.90 1.85 12.60
N ASP B 350 9.87 2.72 12.24
CA ASP B 350 10.02 3.34 10.92
C ASP B 350 10.43 2.33 9.86
N LYS B 351 11.03 1.23 10.27
CA LYS B 351 11.45 0.21 9.34
C LYS B 351 10.32 -0.82 9.16
N GLY B 352 10.24 -1.40 7.96
CA GLY B 352 9.25 -2.40 7.60
C GLY B 352 9.39 -3.65 8.42
N ASP B 353 8.30 -4.08 9.05
CA ASP B 353 8.21 -5.26 9.92
C ASP B 353 9.02 -5.09 11.24
N GLY B 354 9.45 -3.86 11.55
CA GLY B 354 10.09 -3.55 12.82
C GLY B 354 8.97 -3.38 13.84
N SER B 355 9.28 -3.54 15.12
CA SER B 355 8.23 -3.42 16.15
C SER B 355 7.70 -1.96 16.25
N LEU B 356 6.38 -1.82 16.21
CA LEU B 356 5.73 -0.51 16.31
C LEU B 356 5.59 -0.08 17.77
N THR B 357 5.67 -1.05 18.70
CA THR B 357 5.52 -0.79 20.14
C THR B 357 6.82 -0.64 20.89
N GLY B 358 7.93 -1.17 20.33
CA GLY B 358 9.24 -1.18 20.95
C GLY B 358 9.49 -2.47 21.70
N TYR B 359 8.60 -3.45 21.50
CA TYR B 359 8.64 -4.77 22.13
C TYR B 359 8.31 -5.86 21.14
N ASN B 360 8.78 -7.09 21.42
CA ASN B 360 8.48 -8.33 20.69
C ASN B 360 8.20 -9.39 21.72
N VAL B 361 7.51 -10.46 21.33
CA VAL B 361 7.22 -11.58 22.24
C VAL B 361 8.51 -12.49 22.42
N TRP B 362 8.65 -13.11 23.60
CA TRP B 362 9.64 -14.16 23.89
C TRP B 362 8.83 -15.52 24.04
N LYS B 363 8.50 -15.89 25.31
CA LYS B 363 7.71 -17.05 25.73
C LYS B 363 8.02 -18.33 24.91
N TRP B 364 7.14 -18.68 23.95
CA TRP B 364 7.27 -19.87 23.13
C TRP B 364 8.30 -19.73 21.99
N ILE B 365 9.01 -18.57 21.87
CA ILE B 365 10.11 -18.48 20.92
C ILE B 365 11.37 -18.89 21.71
N ASP B 366 12.01 -20.01 21.32
CA ASP B 366 13.18 -20.57 22.00
C ASP B 366 14.46 -19.80 21.63
N TYR B 367 14.56 -18.53 22.06
CA TYR B 367 15.73 -17.70 21.92
C TYR B 367 16.85 -18.20 22.84
N ASP B 368 16.50 -19.05 23.84
CA ASP B 368 17.48 -19.63 24.75
C ASP B 368 18.34 -20.69 24.05
N ASN B 369 17.72 -21.61 23.30
CA ASN B 369 18.43 -22.75 22.72
C ASN B 369 18.60 -22.73 21.22
N TYR B 370 17.58 -22.30 20.47
CA TYR B 370 17.59 -22.32 19.01
C TYR B 370 18.72 -21.52 18.39
N ASN B 371 19.05 -21.95 17.16
CA ASN B 371 20.00 -21.29 16.26
CA ASN B 371 20.00 -21.35 16.27
C ASN B 371 19.17 -20.38 15.36
N TYR B 372 19.80 -19.36 14.73
CA TYR B 372 19.07 -18.43 13.86
C TYR B 372 18.58 -19.15 12.61
N PRO B 373 17.30 -18.94 12.18
CA PRO B 373 16.81 -19.65 11.00
C PRO B 373 17.34 -19.09 9.66
N TYR B 374 18.65 -19.23 9.39
CA TYR B 374 19.21 -18.78 8.12
C TYR B 374 18.62 -19.58 6.98
N ALA B 375 18.55 -18.99 5.80
CA ALA B 375 18.12 -19.76 4.65
C ALA B 375 19.35 -20.55 4.12
N GLY B 376 19.36 -21.88 4.30
CA GLY B 376 20.41 -22.75 3.83
C GLY B 376 21.10 -23.64 4.87
N ALA B 377 21.07 -24.98 4.65
CA ALA B 377 21.67 -26.00 5.53
C ALA B 377 20.66 -26.65 6.49
N ASP B 381 13.73 -28.25 11.03
CA ASP B 381 12.43 -27.59 11.10
C ASP B 381 12.34 -26.68 12.33
N PHE B 382 11.98 -25.38 12.12
CA PHE B 382 11.83 -24.44 13.22
C PHE B 382 10.42 -24.49 13.74
N SER B 383 10.14 -25.54 14.53
CA SER B 383 8.85 -25.79 15.15
C SER B 383 8.70 -25.05 16.45
N THR B 384 7.44 -24.86 16.82
CA THR B 384 7.01 -24.22 18.04
C THR B 384 6.22 -25.26 18.83
N ASN B 385 6.45 -25.30 20.13
CA ASN B 385 5.75 -26.19 21.03
C ASN B 385 4.55 -25.39 21.54
N TRP B 386 3.45 -25.46 20.77
CA TRP B 386 2.22 -24.74 21.10
C TRP B 386 1.46 -25.49 22.18
N ILE B 387 1.48 -24.95 23.40
CA ILE B 387 0.84 -25.60 24.55
C ILE B 387 -0.59 -25.06 24.70
N ILE B 388 -1.54 -25.87 24.23
CA ILE B 388 -2.96 -25.53 24.26
C ILE B 388 -3.44 -25.60 25.71
N LEU B 389 -3.02 -26.60 26.48
CA LEU B 389 -3.42 -26.70 27.88
C LEU B 389 -2.21 -26.97 28.79
N ARG B 390 -2.00 -26.03 29.77
CA ARG B 390 -0.97 -26.03 30.81
C ARG B 390 -1.59 -26.22 32.20
N TYR B 391 -0.85 -26.83 33.13
CA TYR B 391 -1.32 -27.03 34.51
C TYR B 391 -1.66 -25.68 35.22
N ALA B 392 -0.93 -24.57 34.89
CA ALA B 392 -1.18 -23.24 35.46
C ALA B 392 -2.64 -22.78 35.34
N GLU B 393 -3.31 -23.16 34.23
CA GLU B 393 -4.70 -22.79 33.96
C GLU B 393 -5.66 -23.40 34.96
N ILE B 394 -5.40 -24.64 35.42
CA ILE B 394 -6.25 -25.33 36.37
C ILE B 394 -6.41 -24.43 37.60
N TYR B 395 -5.29 -23.91 38.12
CA TYR B 395 -5.27 -23.05 39.29
C TYR B 395 -6.06 -21.76 39.08
N LEU B 396 -5.89 -21.12 37.93
CA LEU B 396 -6.54 -19.84 37.62
C LEU B 396 -8.03 -20.00 37.28
N ASN B 397 -8.43 -21.10 36.62
CA ASN B 397 -9.85 -21.42 36.36
C ASN B 397 -10.54 -21.70 37.68
N ASP B 398 -9.86 -22.42 38.58
CA ASP B 398 -10.33 -22.76 39.91
C ASP B 398 -10.49 -21.47 40.75
N ALA B 399 -9.45 -20.59 40.74
CA ALA B 399 -9.46 -19.32 41.48
C ALA B 399 -10.67 -18.46 41.07
N GLU B 400 -10.91 -18.39 39.75
CA GLU B 400 -11.96 -17.63 39.16
C GLU B 400 -13.34 -18.16 39.56
N ALA B 401 -13.58 -19.48 39.43
CA ALA B 401 -14.85 -20.12 39.79
C ALA B 401 -15.09 -20.08 41.29
N ARG B 402 -14.03 -20.27 42.09
CA ARG B 402 -14.14 -20.23 43.55
C ARG B 402 -14.57 -18.88 44.02
N LEU B 403 -13.99 -17.81 43.47
CA LEU B 403 -14.39 -16.47 43.89
C LEU B 403 -15.88 -16.23 43.60
N GLU B 404 -16.32 -16.50 42.35
CA GLU B 404 -17.71 -16.30 41.93
C GLU B 404 -18.71 -17.13 42.74
N THR B 405 -18.23 -18.21 43.35
CA THR B 405 -18.96 -19.15 44.19
C THR B 405 -19.02 -18.62 45.65
N GLY B 406 -18.12 -17.70 46.01
CA GLY B 406 -18.06 -17.15 47.36
C GLY B 406 -16.92 -17.69 48.23
N ASP B 407 -16.11 -18.58 47.67
CA ASP B 407 -14.96 -19.19 48.33
C ASP B 407 -13.75 -18.30 48.08
N VAL B 408 -13.71 -17.12 48.76
CA VAL B 408 -12.62 -16.15 48.61
C VAL B 408 -11.29 -16.74 49.10
N GLU B 409 -11.32 -17.50 50.18
CA GLU B 409 -10.12 -18.12 50.74
C GLU B 409 -9.54 -19.18 49.79
N GLY B 410 -10.41 -20.03 49.19
CA GLY B 410 -10.02 -21.04 48.22
C GLY B 410 -9.43 -20.42 46.96
N ALA B 411 -10.03 -19.29 46.53
CA ALA B 411 -9.62 -18.52 45.35
C ALA B 411 -8.23 -17.94 45.54
N ARG B 412 -8.02 -17.39 46.75
CA ARG B 412 -6.76 -16.79 47.17
C ARG B 412 -5.68 -17.88 47.17
N LYS B 413 -5.97 -19.01 47.81
CA LYS B 413 -5.02 -20.13 47.87
C LYS B 413 -4.61 -20.58 46.46
N ALA B 414 -5.59 -20.73 45.53
CA ALA B 414 -5.38 -21.15 44.14
C ALA B 414 -4.54 -20.15 43.31
N VAL B 415 -4.87 -18.85 43.33
CA VAL B 415 -4.13 -17.85 42.55
C VAL B 415 -2.69 -17.67 43.11
N ASN B 416 -2.52 -17.84 44.44
CA ASN B 416 -1.21 -17.68 45.06
C ASN B 416 -0.27 -18.83 44.68
N ILE B 418 0.18 -19.73 41.54
CA ILE B 418 0.73 -19.15 40.31
C ILE B 418 1.81 -18.09 40.66
N ARG B 419 1.54 -17.28 41.70
CA ARG B 419 2.47 -16.26 42.18
C ARG B 419 3.66 -16.90 42.89
N GLN B 420 3.41 -17.92 43.71
CA GLN B 420 4.49 -18.61 44.41
C GLN B 420 5.50 -19.19 43.43
N ARG B 421 5.04 -19.65 42.24
CA ARG B 421 5.97 -20.31 41.35
C ARG B 421 6.89 -19.35 40.60
N VAL B 422 6.69 -18.01 40.74
CA VAL B 422 7.56 -16.99 40.14
C VAL B 422 8.16 -16.06 41.23
N GLY B 423 8.15 -16.55 42.48
CA GLY B 423 8.69 -15.83 43.62
C GLY B 423 7.94 -14.59 44.05
N LEU B 424 6.67 -14.46 43.64
CA LEU B 424 5.82 -13.31 44.00
C LEU B 424 5.14 -13.54 45.35
N PRO B 425 5.10 -12.51 46.23
CA PRO B 425 4.45 -12.71 47.53
C PRO B 425 2.93 -12.96 47.37
N ASP B 426 2.34 -13.65 48.34
CA ASP B 426 0.93 -13.98 48.31
C ASP B 426 0.00 -12.77 48.38
N LEU B 427 -1.11 -12.85 47.63
CA LEU B 427 -2.20 -11.89 47.72
C LEU B 427 -2.87 -12.14 49.08
N THR B 428 -3.25 -11.05 49.74
CA THR B 428 -3.81 -10.97 51.08
C THR B 428 -5.31 -10.57 51.03
N GLU B 429 -5.73 -9.94 49.92
CA GLU B 429 -7.04 -9.38 49.67
C GLU B 429 -8.18 -10.32 50.06
N SER B 430 -9.05 -9.80 50.91
CA SER B 430 -10.23 -10.47 51.45
C SER B 430 -11.53 -9.99 50.73
N ASP B 431 -11.56 -8.74 50.18
CA ASP B 431 -12.74 -8.20 49.47
C ASP B 431 -12.93 -8.92 48.14
N PRO B 432 -14.13 -9.54 47.92
CA PRO B 432 -14.36 -10.28 46.67
C PRO B 432 -14.20 -9.45 45.39
N GLU B 433 -14.70 -8.21 45.40
CA GLU B 433 -14.67 -7.32 44.23
C GLU B 433 -13.21 -6.99 43.85
N LYS B 434 -12.36 -6.71 44.86
CA LYS B 434 -10.94 -6.40 44.71
C LYS B 434 -10.15 -7.65 44.33
N LEU B 435 -10.44 -8.80 44.98
CA LEU B 435 -9.77 -10.07 44.71
C LEU B 435 -10.04 -10.54 43.29
N ARG B 436 -11.26 -10.32 42.78
CA ARG B 436 -11.63 -10.68 41.39
C ARG B 436 -10.69 -10.04 40.40
N GLU B 437 -10.42 -8.74 40.58
CA GLU B 437 -9.55 -8.04 39.65
C GLU B 437 -8.12 -8.54 39.71
N LEU B 438 -7.66 -8.91 40.91
CA LEU B 438 -6.30 -9.41 41.11
C LEU B 438 -6.08 -10.76 40.37
N ILE B 439 -7.11 -11.63 40.40
CA ILE B 439 -7.12 -12.94 39.73
C ILE B 439 -7.08 -12.70 38.22
N ARG B 440 -7.98 -11.83 37.74
CA ARG B 440 -8.07 -11.44 36.33
C ARG B 440 -6.73 -10.88 35.83
N LYS B 441 -6.07 -10.00 36.63
CA LYS B 441 -4.76 -9.43 36.31
C LYS B 441 -3.71 -10.58 36.25
N GLU B 442 -3.73 -11.53 37.21
CA GLU B 442 -2.81 -12.68 37.21
C GLU B 442 -2.97 -13.53 35.96
N ARG B 443 -4.21 -13.73 35.54
CA ARG B 443 -4.52 -14.51 34.35
C ARG B 443 -3.90 -13.87 33.11
N ARG B 444 -3.97 -12.53 33.05
CA ARG B 444 -3.46 -11.79 31.92
C ARG B 444 -1.95 -11.99 31.77
N ILE B 445 -1.20 -11.90 32.88
CA ILE B 445 0.25 -12.04 32.88
C ILE B 445 0.64 -13.50 32.64
N GLU B 446 -0.06 -14.43 33.29
CA GLU B 446 0.23 -15.83 33.15
C GLU B 446 0.07 -16.32 31.74
N PHE B 447 -1.05 -15.93 31.13
CA PHE B 447 -1.41 -16.44 29.82
C PHE B 447 -1.20 -15.45 28.67
N ALA B 448 -0.31 -14.45 28.85
CA ALA B 448 -0.02 -13.49 27.78
C ALA B 448 0.57 -14.24 26.57
N PHE B 449 0.10 -13.95 25.36
CA PHE B 449 0.58 -14.51 24.08
C PHE B 449 0.25 -15.97 23.95
N GLU B 450 -0.77 -16.43 24.69
CA GLU B 450 -1.21 -17.82 24.62
C GLU B 450 -2.64 -17.91 24.11
N GLU B 451 -3.04 -16.94 23.28
CA GLU B 451 -4.34 -16.87 22.61
C GLU B 451 -5.54 -16.89 23.58
N GLN B 452 -5.44 -16.20 24.73
CA GLN B 452 -6.55 -16.19 25.70
C GLN B 452 -7.12 -14.81 25.96
N ARG B 453 -6.30 -13.76 25.92
CA ARG B 453 -6.68 -12.40 26.24
C ARG B 453 -7.94 -11.94 25.52
N PHE B 454 -8.04 -12.26 24.25
CA PHE B 454 -9.15 -11.82 23.43
C PHE B 454 -10.46 -12.41 24.00
N TYR B 455 -10.45 -13.70 24.39
CA TYR B 455 -11.62 -14.39 24.92
C TYR B 455 -11.84 -14.04 26.39
N ASP B 456 -10.78 -13.62 27.11
CA ASP B 456 -10.94 -13.16 28.48
C ASP B 456 -11.69 -11.80 28.49
N VAL B 457 -11.29 -10.88 27.60
CA VAL B 457 -11.91 -9.56 27.44
C VAL B 457 -13.41 -9.74 27.07
N ARG B 458 -13.69 -10.71 26.20
CA ARG B 458 -15.02 -11.04 25.65
C ARG B 458 -15.92 -11.61 26.72
N ARG B 459 -15.42 -12.60 27.47
CA ARG B 459 -16.20 -13.28 28.50
C ARG B 459 -16.37 -12.41 29.74
N TRP B 460 -15.34 -11.64 30.12
CA TRP B 460 -15.42 -10.71 31.24
C TRP B 460 -16.19 -9.46 30.86
N LYS B 461 -16.41 -9.25 29.55
CA LYS B 461 -17.11 -8.10 28.99
C LYS B 461 -16.40 -6.79 29.43
N ILE B 462 -15.09 -6.65 29.07
CA ILE B 462 -14.25 -5.48 29.38
C ILE B 462 -13.64 -4.85 28.08
N GLY B 463 -14.38 -4.99 26.97
CA GLY B 463 -13.99 -4.44 25.68
C GLY B 463 -13.81 -2.93 25.66
N PRO B 464 -14.78 -2.16 26.23
CA PRO B 464 -14.63 -0.68 26.23
C PRO B 464 -13.36 -0.19 26.95
N GLU B 465 -12.99 -0.86 28.02
CA GLU B 465 -11.83 -0.57 28.87
C GLU B 465 -10.52 -0.93 28.20
N THR B 466 -10.51 -1.96 27.33
CA THR B 466 -9.28 -2.46 26.74
C THR B 466 -9.05 -2.01 25.29
N GLN B 467 -10.12 -1.95 24.46
CA GLN B 467 -9.97 -1.55 23.06
C GLN B 467 -10.07 -0.03 22.95
N THR B 468 -8.99 0.66 23.37
CA THR B 468 -8.86 2.12 23.37
C THR B 468 -7.55 2.53 22.69
N THR B 469 -6.95 3.66 23.15
CA THR B 469 -5.67 4.12 22.64
C THR B 469 -4.60 3.33 23.37
N LEU B 470 -3.80 2.59 22.60
CA LEU B 470 -2.71 1.75 23.10
C LEU B 470 -1.41 2.46 22.83
N HIS B 471 -0.39 2.16 23.64
CA HIS B 471 0.87 2.84 23.61
C HIS B 471 2.06 1.90 23.44
N GLY B 472 3.22 2.51 23.26
CA GLY B 472 4.51 1.83 23.12
C GLY B 472 5.65 2.79 23.43
N VAL B 473 6.87 2.41 23.10
CA VAL B 473 8.02 3.29 23.30
C VAL B 473 8.77 3.48 21.97
N ARG B 474 9.54 4.57 21.88
CA ARG B 474 10.35 4.96 20.75
C ARG B 474 11.64 5.52 21.31
N PHE B 475 12.79 5.01 20.89
CA PHE B 475 14.09 5.47 21.40
C PHE B 475 14.63 6.62 20.57
N VAL B 476 15.03 7.67 21.30
CA VAL B 476 15.58 8.92 20.75
C VAL B 476 17.12 8.94 20.92
N SER B 477 17.66 7.96 21.67
CA SER B 477 19.10 7.81 21.89
C SER B 477 19.35 6.37 22.29
N PRO B 478 20.60 5.88 22.42
CA PRO B 478 20.81 4.49 22.86
C PRO B 478 20.27 4.20 24.26
N THR B 479 20.02 5.25 25.06
CA THR B 479 19.61 5.13 26.46
C THR B 479 18.23 5.77 26.76
N GLU B 480 17.72 6.64 25.87
CA GLU B 480 16.47 7.37 26.10
C GLU B 480 15.39 7.07 25.11
N PHE B 481 14.14 7.19 25.62
CA PHE B 481 12.90 6.94 24.91
C PHE B 481 11.78 7.89 25.33
N LYS B 482 10.75 7.96 24.48
CA LYS B 482 9.47 8.67 24.60
C LYS B 482 8.36 7.60 24.55
N VAL B 483 7.20 7.86 25.21
CA VAL B 483 6.03 6.96 25.14
C VAL B 483 5.20 7.41 23.94
N THR B 484 4.79 6.48 23.11
CA THR B 484 4.02 6.76 21.87
C THR B 484 2.64 6.15 21.87
N LYS B 485 1.74 6.66 21.02
CA LYS B 485 0.42 6.07 20.73
C LYS B 485 0.70 5.02 19.65
N THR B 486 0.25 3.77 19.83
CA THR B 486 0.56 2.73 18.85
C THR B 486 -0.66 2.30 18.05
N ASP B 487 -1.88 2.55 18.57
CA ASP B 487 -3.13 2.18 17.92
C ASP B 487 -4.29 2.92 18.58
N ILE B 488 -5.11 3.60 17.76
CA ILE B 488 -6.30 4.30 18.24
C ILE B 488 -7.50 3.39 17.93
N ARG B 489 -7.77 2.49 18.86
CA ARG B 489 -8.88 1.52 18.73
C ARG B 489 -10.21 2.07 19.28
N THR B 490 -11.29 1.37 18.95
CA THR B 490 -12.60 1.70 19.48
C THR B 490 -13.32 0.40 19.77
N TRP B 491 -14.52 0.52 20.39
CA TRP B 491 -15.35 -0.61 20.79
C TRP B 491 -16.83 -0.39 20.46
N ASN B 492 -17.53 -1.51 20.27
CA ASN B 492 -18.98 -1.64 20.17
C ASN B 492 -19.34 -3.01 20.74
N ASP B 493 -20.41 -3.08 21.55
CA ASP B 493 -20.79 -4.32 22.22
C ASP B 493 -21.09 -5.49 21.25
N ARG B 494 -21.34 -5.22 19.94
CA ARG B 494 -21.56 -6.30 18.96
C ARG B 494 -20.32 -7.16 18.79
N LEU B 495 -19.12 -6.58 19.10
CA LEU B 495 -17.81 -7.22 19.02
C LEU B 495 -17.62 -8.32 20.08
N TYR B 496 -18.66 -8.55 20.94
CA TYR B 496 -18.62 -9.63 21.95
C TYR B 496 -18.90 -10.97 21.26
N LEU B 497 -19.27 -10.93 19.95
CA LEU B 497 -19.46 -12.09 19.08
C LEU B 497 -18.93 -11.81 17.69
N THR B 498 -18.38 -12.84 17.02
CA THR B 498 -17.84 -12.78 15.64
C THR B 498 -19.00 -12.86 14.63
N PRO B 499 -19.05 -12.04 13.56
CA PRO B 499 -20.20 -12.18 12.62
C PRO B 499 -20.15 -13.51 11.87
N VAL B 500 -21.33 -14.05 11.59
CA VAL B 500 -21.45 -15.24 10.77
C VAL B 500 -21.22 -14.73 9.34
N PRO B 501 -20.35 -15.37 8.52
CA PRO B 501 -20.13 -14.88 7.14
C PRO B 501 -21.44 -14.69 6.37
N HIS B 502 -21.57 -13.54 5.70
CA HIS B 502 -22.76 -13.11 4.95
C HIS B 502 -23.31 -14.15 3.99
N ASP B 503 -22.42 -14.78 3.20
CA ASP B 503 -22.82 -15.74 2.19
C ASP B 503 -23.49 -16.95 2.82
N GLU B 504 -23.11 -17.28 4.06
CA GLU B 504 -23.65 -18.39 4.83
C GLU B 504 -25.10 -18.08 5.24
N ILE B 505 -25.33 -16.84 5.72
CA ILE B 505 -26.63 -16.33 6.17
C ILE B 505 -27.64 -16.25 5.01
N VAL B 506 -27.21 -15.76 3.81
CA VAL B 506 -28.10 -15.57 2.66
C VAL B 506 -28.50 -16.92 2.05
N ARG B 507 -27.66 -17.94 2.24
CA ARG B 507 -27.81 -19.34 1.79
C ARG B 507 -29.01 -20.04 2.45
N SER B 508 -29.28 -19.70 3.73
CA SER B 508 -30.31 -20.32 4.56
C SER B 508 -31.30 -19.31 5.16
N SER B 509 -32.59 -19.64 5.07
CA SER B 509 -33.63 -18.78 5.65
C SER B 509 -33.59 -18.82 7.16
N VAL B 510 -33.30 -20.01 7.72
CA VAL B 510 -33.28 -20.30 9.16
C VAL B 510 -32.01 -19.82 9.86
N LEU B 511 -30.94 -19.61 9.10
CA LEU B 511 -29.66 -19.16 9.67
C LEU B 511 -29.73 -17.66 9.94
N LYS B 512 -29.61 -17.29 11.23
CA LYS B 512 -29.70 -15.94 11.75
C LYS B 512 -28.31 -15.40 12.15
N GLN B 513 -28.09 -14.12 11.83
CA GLN B 513 -26.87 -13.39 12.10
C GLN B 513 -26.80 -13.01 13.57
N ASN B 514 -25.59 -12.75 14.05
CA ASN B 514 -25.37 -12.30 15.41
C ASN B 514 -25.78 -10.84 15.49
N LEU B 515 -26.20 -10.39 16.67
CA LEU B 515 -26.63 -9.02 16.93
C LEU B 515 -25.58 -7.96 16.50
N GLY B 516 -26.05 -6.93 15.85
CA GLY B 516 -25.20 -5.82 15.43
C GLY B 516 -24.61 -5.90 14.04
N TYR B 517 -24.70 -7.08 13.39
CA TYR B 517 -24.19 -7.28 12.04
C TYR B 517 -25.33 -7.55 11.03
N LYS C 2 12.04 30.66 -6.60
CA LYS C 2 12.38 30.98 -5.20
C LYS C 2 12.89 32.40 -5.03
N ALA C 3 13.76 32.84 -5.95
CA ALA C 3 14.36 34.18 -5.89
C ALA C 3 13.36 35.27 -6.26
N PRO C 4 13.47 36.50 -5.66
CA PRO C 4 12.59 37.61 -6.08
C PRO C 4 12.82 37.95 -7.55
N LEU C 5 11.75 38.39 -8.25
CA LEU C 5 11.76 38.68 -9.69
C LEU C 5 12.93 39.58 -10.16
N ASP C 6 13.32 40.60 -9.35
CA ASP C 6 14.39 41.54 -9.71
C ASP C 6 15.76 40.86 -9.95
N GLU C 7 15.99 39.66 -9.40
CA GLU C 7 17.25 38.90 -9.54
C GLU C 7 17.47 38.38 -11.00
N ILE C 8 16.39 38.24 -11.79
CA ILE C 8 16.40 37.77 -13.17
C ILE C 8 16.78 38.93 -14.14
N ALA C 9 16.45 40.18 -13.76
CA ALA C 9 16.66 41.39 -14.58
C ALA C 9 17.91 42.22 -14.23
N ASP C 10 18.15 43.26 -15.09
CA ASP C 10 19.22 44.28 -15.05
C ASP C 10 19.11 45.19 -13.81
N ASP C 11 20.27 45.74 -13.34
CA ASP C 11 20.33 46.62 -12.16
C ASP C 11 19.78 48.03 -12.48
N SER C 12 18.49 48.09 -12.88
CA SER C 12 17.68 49.28 -13.19
C SER C 12 16.20 48.87 -13.20
N PHE C 13 15.91 47.79 -12.44
CA PHE C 13 14.62 47.14 -12.32
C PHE C 13 13.57 48.03 -11.74
N TRP C 14 13.80 48.50 -10.50
CA TRP C 14 12.89 49.26 -9.66
C TRP C 14 12.51 50.63 -10.19
N SER C 15 13.23 51.12 -11.22
CA SER C 15 12.90 52.40 -11.90
C SER C 15 11.74 52.16 -12.87
N ASP C 16 11.78 51.00 -13.60
CA ASP C 16 10.79 50.55 -14.59
C ASP C 16 9.48 50.16 -13.92
N GLU C 17 8.41 50.91 -14.23
CA GLU C 17 7.05 50.71 -13.70
C GLU C 17 6.46 49.35 -14.09
N THR C 18 6.77 48.89 -15.32
CA THR C 18 6.30 47.62 -15.86
C THR C 18 6.92 46.46 -15.09
N LEU C 19 8.23 46.54 -14.79
CA LEU C 19 8.94 45.50 -14.07
C LEU C 19 8.48 45.47 -12.62
N VAL C 20 8.22 46.65 -12.02
CA VAL C 20 7.73 46.73 -10.63
C VAL C 20 6.32 46.15 -10.59
N LYS C 21 5.50 46.44 -11.63
CA LYS C 21 4.14 45.89 -11.71
C LYS C 21 4.19 44.36 -11.84
N TYR C 22 5.18 43.84 -12.58
CA TYR C 22 5.42 42.41 -12.76
C TYR C 22 5.85 41.75 -11.44
N TYR C 23 6.66 42.48 -10.63
CA TYR C 23 7.12 41.99 -9.32
C TYR C 23 5.91 41.72 -8.42
N VAL C 24 4.95 42.69 -8.35
CA VAL C 24 3.75 42.57 -7.52
C VAL C 24 2.88 41.42 -8.07
N ASN C 25 2.84 41.22 -9.41
CA ASN C 25 2.11 40.08 -9.99
C ASN C 25 2.70 38.76 -9.50
N ASP C 26 4.04 38.71 -9.40
CA ASP C 26 4.75 37.52 -8.90
C ASP C 26 4.38 37.26 -7.43
N LEU C 27 4.19 38.34 -6.64
CA LEU C 27 3.81 38.23 -5.23
C LEU C 27 2.39 37.68 -5.13
N TYR C 28 1.50 38.11 -6.01
CA TYR C 28 0.14 37.56 -6.04
C TYR C 28 0.18 36.08 -6.43
N SER C 29 1.10 35.72 -7.37
CA SER C 29 1.24 34.36 -7.86
C SER C 29 1.74 33.41 -6.75
N GLU C 30 2.28 34.01 -5.65
CA GLU C 30 2.74 33.27 -4.48
C GLU C 30 1.58 32.83 -3.61
N ILE C 31 0.35 33.22 -3.92
CA ILE C 31 -0.80 32.77 -3.14
C ILE C 31 -0.98 31.30 -3.45
N SER C 32 -0.92 30.48 -2.40
CA SER C 32 -1.04 29.01 -2.52
C SER C 32 -2.40 28.54 -2.07
N VAL C 33 -2.95 27.58 -2.83
CA VAL C 33 -4.20 26.90 -2.56
C VAL C 33 -3.92 25.42 -2.45
N ASP C 34 -4.36 24.80 -1.35
CA ASP C 34 -4.20 23.35 -1.15
C ASP C 34 -5.31 22.65 -1.91
N GLY C 35 -4.98 22.13 -3.09
CA GLY C 35 -5.93 21.41 -3.95
C GLY C 35 -6.55 20.19 -3.29
N LEU C 36 -5.84 19.59 -2.31
CA LEU C 36 -6.25 18.39 -1.58
C LEU C 36 -7.01 18.68 -0.29
N GLN C 37 -7.04 19.95 0.14
CA GLN C 37 -7.74 20.43 1.32
C GLN C 37 -7.48 19.50 2.50
N LEU C 38 -6.18 19.38 2.84
CA LEU C 38 -5.75 18.48 3.88
C LEU C 38 -6.23 18.93 5.24
N GLN C 39 -6.23 20.22 5.53
CA GLN C 39 -6.77 20.72 6.82
C GLN C 39 -8.25 20.34 6.99
N GLU C 40 -9.07 20.42 5.90
CA GLU C 40 -10.48 20.05 5.98
C GLU C 40 -10.64 18.55 6.29
N ASN C 41 -9.73 17.74 5.73
CA ASN C 41 -9.69 16.30 5.91
C ASN C 41 -9.07 15.96 7.26
N ARG C 42 -8.67 17.01 8.04
CA ARG C 42 -8.10 16.93 9.39
C ARG C 42 -9.12 17.56 10.34
N SER C 43 -10.40 17.53 9.91
CA SER C 43 -11.54 18.08 10.63
C SER C 43 -12.74 17.13 10.56
N ASP C 44 -13.73 17.35 11.43
CA ASP C 44 -14.94 16.52 11.47
C ASP C 44 -15.87 16.70 10.25
N ASN C 45 -15.50 17.55 9.26
CA ASN C 45 -16.31 17.75 8.05
C ASN C 45 -16.01 16.73 6.97
N SER C 46 -14.82 16.13 7.00
CA SER C 46 -14.42 15.22 5.94
C SER C 46 -13.51 14.07 6.39
N VAL C 47 -13.68 12.91 5.74
CA VAL C 47 -12.84 11.72 5.76
C VAL C 47 -12.41 11.54 4.31
N SER C 48 -11.14 11.80 4.01
CA SER C 48 -10.59 11.72 2.67
C SER C 48 -10.73 10.34 2.07
N ALA C 49 -11.02 10.30 0.75
CA ALA C 49 -11.01 9.09 -0.05
C ALA C 49 -9.59 8.47 -0.05
N GLN C 50 -8.57 9.24 0.41
CA GLN C 50 -7.17 8.78 0.50
C GLN C 50 -6.76 8.43 1.94
N ARG C 51 -7.75 8.33 2.85
CA ARG C 51 -7.63 7.97 4.27
C ARG C 51 -6.68 6.81 4.50
N ASP C 52 -6.78 5.79 3.67
CA ASP C 52 -5.92 4.61 3.75
C ASP C 52 -4.68 4.75 2.89
N LYS C 53 -4.83 5.22 1.64
CA LYS C 53 -3.73 5.35 0.68
C LYS C 53 -2.59 6.29 1.20
N TYR C 54 -2.94 7.39 1.86
CA TYR C 54 -1.96 8.38 2.31
C TYR C 54 -2.03 8.61 3.82
N ARG C 55 -2.49 7.59 4.58
CA ARG C 55 -2.61 7.56 6.05
C ARG C 55 -1.41 8.19 6.78
N ALA C 56 -0.24 7.57 6.58
CA ALA C 56 1.03 7.93 7.20
C ALA C 56 1.55 9.25 6.70
N SER C 57 1.37 9.54 5.38
CA SER C 57 1.89 10.76 4.77
C SER C 57 1.11 11.99 5.11
N TRP C 58 -0.23 11.93 5.08
CA TRP C 58 -1.10 13.09 5.21
C TRP C 58 -1.95 13.19 6.44
N PHE C 59 -2.31 12.05 7.12
CA PHE C 59 -3.32 12.19 8.17
C PHE C 59 -2.92 11.78 9.57
N LYS C 60 -1.63 11.87 9.91
CA LYS C 60 -1.15 11.52 11.26
C LYS C 60 -1.79 12.39 12.35
N PHE C 61 -2.14 13.66 12.04
CA PHE C 61 -2.83 14.60 12.97
C PHE C 61 -4.13 13.94 13.53
N ASN C 62 -4.92 13.29 12.63
CA ASN C 62 -6.20 12.67 12.99
C ASN C 62 -6.08 11.60 14.11
N TYR C 63 -4.87 11.09 14.38
CA TYR C 63 -4.65 10.07 15.41
C TYR C 63 -3.59 10.54 16.43
N ASP C 64 -3.30 11.87 16.50
CA ASP C 64 -2.29 12.48 17.38
C ASP C 64 -0.94 11.76 17.18
N VAL C 66 1.51 12.98 14.84
CA VAL C 66 2.50 13.92 14.30
C VAL C 66 3.61 14.10 15.36
N SER C 67 4.80 14.55 14.93
CA SER C 67 5.95 14.79 15.79
C SER C 67 6.76 15.91 15.16
N ALA C 68 7.82 16.40 15.82
CA ALA C 68 8.62 17.46 15.21
C ALA C 68 9.32 16.92 13.92
N SER C 69 9.69 15.62 13.94
CA SER C 69 10.35 14.91 12.84
C SER C 69 9.33 14.61 11.70
N ASP C 70 8.04 14.34 12.02
CA ASP C 70 6.98 14.22 10.99
C ASP C 70 5.87 15.24 11.35
N PRO C 71 6.10 16.55 11.06
CA PRO C 71 5.15 17.57 11.53
C PRO C 71 3.86 17.67 10.75
N GLN C 72 3.89 17.28 9.45
CA GLN C 72 2.77 17.35 8.50
C GLN C 72 2.17 18.76 8.51
N ASP C 73 3.07 19.75 8.40
CA ASP C 73 2.79 21.18 8.43
C ASP C 73 2.52 21.73 7.06
N ASP C 74 2.59 20.85 6.05
CA ASP C 74 2.35 21.14 4.64
C ASP C 74 3.40 22.12 4.12
N ASP C 75 4.63 22.03 4.69
CA ASP C 75 5.81 22.84 4.38
C ASP C 75 5.53 24.35 4.45
N VAL C 76 4.54 24.75 5.30
CA VAL C 76 4.14 26.15 5.38
C VAL C 76 5.28 27.04 5.94
N TRP C 77 5.97 26.62 6.99
CA TRP C 77 7.08 27.38 7.53
C TRP C 77 8.14 27.64 6.44
N GLU C 78 8.67 26.56 5.85
CA GLU C 78 9.67 26.61 4.78
C GLU C 78 9.27 27.51 3.59
N ASP C 79 8.08 27.25 3.02
CA ASP C 79 7.55 27.95 1.87
C ASP C 79 7.14 29.40 2.10
N TYR C 80 6.49 29.67 3.24
CA TYR C 80 5.94 31.01 3.46
C TYR C 80 6.99 32.05 3.82
N TYR C 81 8.13 31.64 4.34
CA TYR C 81 9.19 32.62 4.59
C TYR C 81 9.78 33.09 3.27
N VAL C 82 9.70 32.23 2.20
CA VAL C 82 10.18 32.57 0.85
C VAL C 82 9.28 33.69 0.29
N LYS C 83 7.93 33.53 0.42
CA LYS C 83 6.93 34.50 -0.01
C LYS C 83 7.14 35.80 0.76
N VAL C 84 7.39 35.70 2.10
CA VAL C 84 7.61 36.89 2.94
C VAL C 84 8.90 37.57 2.49
N ARG C 85 9.97 36.79 2.18
CA ARG C 85 11.24 37.35 1.72
C ARG C 85 11.02 38.24 0.49
N LYS C 86 10.17 37.76 -0.46
CA LYS C 86 9.85 38.48 -1.68
C LYS C 86 9.10 39.81 -1.37
N CYS C 87 8.24 39.84 -0.33
CA CYS C 87 7.54 41.05 0.10
C CYS C 87 8.52 42.07 0.68
N ASN C 88 9.37 41.63 1.60
CA ASN C 88 10.36 42.45 2.31
C ASN C 88 11.33 43.08 1.33
N ARG C 89 11.65 42.37 0.23
CA ARG C 89 12.51 42.92 -0.79
C ARG C 89 11.83 44.10 -1.44
N PHE C 90 10.54 43.97 -1.75
CA PHE C 90 9.78 45.02 -2.37
C PHE C 90 9.80 46.27 -1.48
N PHE C 91 9.55 46.09 -0.18
CA PHE C 91 9.55 47.18 0.80
C PHE C 91 10.94 47.84 0.89
N GLU C 92 12.04 47.06 0.74
CA GLU C 92 13.41 47.59 0.72
C GLU C 92 13.72 48.42 -0.52
N ARG C 93 13.28 47.98 -1.72
CA ARG C 93 13.67 48.62 -2.96
C ARG C 93 12.62 49.60 -3.57
N ILE C 94 11.36 49.61 -3.05
CA ILE C 94 10.31 50.50 -3.59
C ILE C 94 10.60 52.01 -3.28
N GLY C 95 11.28 52.32 -2.18
CA GLY C 95 11.59 53.69 -1.80
C GLY C 95 12.38 54.48 -2.84
N THR C 96 13.33 53.81 -3.49
CA THR C 96 14.20 54.34 -4.53
C THR C 96 13.50 54.38 -5.90
N SER C 97 12.29 53.79 -6.02
CA SER C 97 11.54 53.71 -7.28
C SER C 97 11.13 55.10 -7.76
N THR C 98 11.21 55.29 -9.09
CA THR C 98 10.90 56.58 -9.71
C THR C 98 9.41 56.65 -10.15
N ILE C 99 8.62 55.60 -9.86
CA ILE C 99 7.19 55.48 -10.17
C ILE C 99 6.39 56.56 -9.43
N GLU C 100 5.27 57.00 -10.08
CA GLU C 100 4.32 57.99 -9.57
C GLU C 100 3.89 57.63 -8.13
N GLU C 101 3.91 58.63 -7.22
CA GLU C 101 3.58 58.50 -5.80
C GLU C 101 2.27 57.73 -5.58
N SER C 102 1.17 58.10 -6.26
CA SER C 102 -0.15 57.44 -6.13
C SER C 102 -0.11 55.96 -6.50
N GLU C 103 0.56 55.59 -7.62
CA GLU C 103 0.71 54.21 -8.07
C GLU C 103 1.59 53.43 -7.11
N LYS C 104 2.70 54.06 -6.69
CA LYS C 104 3.66 53.49 -5.73
C LYS C 104 2.96 53.19 -4.40
N SER C 105 2.11 54.13 -3.92
CA SER C 105 1.32 53.98 -2.68
C SER C 105 0.36 52.79 -2.78
N ARG C 106 -0.47 52.70 -3.87
CA ARG C 106 -1.42 51.61 -4.04
CA ARG C 106 -1.42 51.59 -4.02
C ARG C 106 -0.67 50.26 -4.07
N LEU C 107 0.41 50.16 -4.90
CA LEU C 107 1.21 48.92 -4.99
C LEU C 107 1.73 48.50 -3.63
N THR C 108 2.28 49.46 -2.85
CA THR C 108 2.81 49.19 -1.51
C THR C 108 1.69 48.61 -0.64
N GLY C 109 0.49 49.21 -0.74
CA GLY C 109 -0.70 48.77 -0.04
C GLY C 109 -1.01 47.31 -0.30
N GLU C 110 -0.97 46.89 -1.59
CA GLU C 110 -1.15 45.50 -2.05
C GLU C 110 -0.17 44.56 -1.34
N VAL C 111 1.14 44.89 -1.36
CA VAL C 111 2.22 44.10 -0.74
C VAL C 111 1.99 43.99 0.79
N HIS C 112 1.49 45.06 1.46
CA HIS C 112 1.12 45.01 2.87
C HIS C 112 0.05 43.95 3.09
N PHE C 113 -0.93 43.90 2.20
CA PHE C 113 -2.01 42.93 2.30
C PHE C 113 -1.46 41.53 2.12
N LEU C 114 -0.67 41.32 1.05
CA LEU C 114 -0.08 40.01 0.76
C LEU C 114 0.83 39.54 1.88
N ARG C 115 1.73 40.42 2.43
CA ARG C 115 2.62 40.01 3.54
C ARG C 115 1.79 39.61 4.78
N ALA C 116 0.69 40.33 5.06
CA ALA C 116 -0.21 40.04 6.16
C ALA C 116 -0.86 38.68 5.97
N PHE C 118 0.32 36.16 4.12
CA PHE C 118 1.33 35.12 4.20
C PHE C 118 1.68 34.79 5.64
N TYR C 119 1.87 35.81 6.49
CA TYR C 119 2.15 35.62 7.90
C TYR C 119 0.97 35.00 8.63
N PHE C 120 -0.27 35.38 8.25
CA PHE C 120 -1.48 34.80 8.86
C PHE C 120 -1.56 33.30 8.61
N GLU C 121 -1.14 32.81 7.41
CA GLU C 121 -1.12 31.37 7.12
C GLU C 121 -0.20 30.61 8.08
N VAL C 123 0.89 31.94 11.24
CA VAL C 123 0.44 32.18 12.61
C VAL C 123 -0.76 31.30 12.97
N LYS C 124 -1.76 31.15 12.05
CA LYS C 124 -2.94 30.32 12.30
C LYS C 124 -2.54 28.85 12.53
N ARG C 125 -1.33 28.48 12.09
CA ARG C 125 -0.79 27.13 12.21
C ARG C 125 0.14 26.95 13.42
N TYR C 126 1.22 27.77 13.51
CA TYR C 126 2.24 27.58 14.52
C TYR C 126 2.13 28.50 15.70
N GLY C 127 1.33 29.55 15.57
CA GLY C 127 1.23 30.55 16.61
C GLY C 127 2.32 31.57 16.35
N GLY C 128 3.05 31.93 17.40
CA GLY C 128 4.17 32.86 17.26
C GLY C 128 5.18 32.31 16.29
N VAL C 129 5.65 33.16 15.38
CA VAL C 129 6.64 32.85 14.33
C VAL C 129 7.80 33.87 14.40
N ILE C 130 8.80 33.74 13.52
CA ILE C 130 9.89 34.70 13.43
C ILE C 130 9.38 35.88 12.62
N LEU C 131 9.29 37.06 13.25
CA LEU C 131 8.83 38.25 12.53
C LEU C 131 9.98 38.92 11.81
N LEU C 132 9.92 38.95 10.46
CA LEU C 132 10.93 39.57 9.61
C LEU C 132 10.33 40.65 8.75
N ASP C 133 10.92 41.86 8.83
CA ASP C 133 10.47 43.03 8.08
C ASP C 133 11.54 43.46 7.05
N LYS C 134 12.68 42.73 7.03
CA LYS C 134 13.79 42.97 6.12
C LYS C 134 14.26 41.63 5.56
N VAL C 135 14.96 41.67 4.42
CA VAL C 135 15.59 40.52 3.79
C VAL C 135 16.90 40.29 4.50
N LEU C 136 17.05 39.12 5.12
CA LEU C 136 18.28 38.76 5.84
C LEU C 136 19.37 38.49 4.82
N THR C 137 20.57 38.92 5.17
CA THR C 137 21.79 38.83 4.38
C THR C 137 22.89 38.13 5.25
N GLU C 139 25.35 39.62 6.47
CA GLU C 139 25.65 40.63 7.48
C GLU C 139 24.82 40.44 8.73
N ASP C 140 23.68 39.77 8.60
CA ASP C 140 22.74 39.59 9.68
C ASP C 140 23.00 38.35 10.51
N ASN C 141 22.50 38.39 11.74
CA ASN C 141 22.48 37.28 12.66
C ASN C 141 21.19 36.55 12.37
N TRP C 142 21.28 35.28 12.02
CA TRP C 142 20.10 34.51 11.64
C TRP C 142 19.44 33.80 12.81
N GLU C 143 20.07 33.86 14.00
CA GLU C 143 19.50 33.24 15.18
C GLU C 143 18.49 34.21 15.78
N ILE C 144 17.25 34.10 15.25
CA ILE C 144 16.13 34.95 15.64
C ILE C 144 15.05 34.08 16.31
N PRO C 145 14.65 34.45 17.55
CA PRO C 145 13.61 33.65 18.21
C PRO C 145 12.24 33.95 17.65
N ARG C 146 11.32 33.05 17.89
CA ARG C 146 9.92 33.28 17.55
C ARG C 146 9.35 34.39 18.44
N SER C 147 8.53 35.27 17.89
CA SER C 147 7.84 36.27 18.69
C SER C 147 6.59 35.62 19.30
N SER C 148 5.92 36.29 20.25
CA SER C 148 4.69 35.78 20.83
C SER C 148 3.58 35.81 19.78
N GLU C 149 2.55 34.97 19.93
CA GLU C 149 1.41 34.94 19.04
C GLU C 149 0.76 36.35 19.01
N LYS C 150 0.67 37.06 20.18
CA LYS C 150 0.08 38.41 20.26
C LYS C 150 0.83 39.38 19.39
N GLU C 151 2.18 39.35 19.44
CA GLU C 151 3.08 40.20 18.64
C GLU C 151 2.90 39.96 17.15
N CYS C 152 2.73 38.69 16.77
CA CYS C 152 2.53 38.27 15.41
C CYS C 152 1.18 38.76 14.91
N TYR C 153 0.12 38.65 15.72
CA TYR C 153 -1.20 39.17 15.35
C TYR C 153 -1.13 40.71 15.21
N ASP C 154 -0.33 41.37 16.06
CA ASP C 154 -0.10 42.83 15.98
C ASP C 154 0.58 43.18 14.66
N PHE C 155 1.63 42.41 14.25
CA PHE C 155 2.37 42.62 12.99
C PHE C 155 1.42 42.49 11.80
N ILE C 156 0.63 41.40 11.71
CA ILE C 156 -0.35 41.14 10.65
C ILE C 156 -1.36 42.30 10.57
N LEU C 157 -1.91 42.68 11.72
CA LEU C 157 -2.92 43.72 11.78
C LEU C 157 -2.37 45.10 11.45
N GLU C 158 -1.07 45.39 11.74
CA GLU C 158 -0.47 46.68 11.38
C GLU C 158 -0.32 46.75 9.86
N ASP C 159 0.04 45.60 9.22
CA ASP C 159 0.15 45.49 7.77
C ASP C 159 -1.22 45.72 7.11
N LEU C 160 -2.29 45.12 7.68
CA LEU C 160 -3.63 45.26 7.15
C LEU C 160 -4.20 46.66 7.38
N LYS C 161 -3.77 47.34 8.49
CA LYS C 161 -4.16 48.72 8.76
C LYS C 161 -3.60 49.61 7.65
N LYS C 162 -2.30 49.39 7.30
CA LYS C 162 -1.60 50.16 6.29
C LYS C 162 -2.28 49.90 4.95
N ALA C 163 -2.65 48.63 4.69
CA ALA C 163 -3.37 48.21 3.47
C ALA C 163 -4.71 48.98 3.31
N THR C 164 -5.58 49.04 4.34
CA THR C 164 -6.87 49.75 4.30
C THR C 164 -6.65 51.25 3.99
N GLU C 165 -5.56 51.83 4.52
CA GLU C 165 -5.25 53.25 4.30
C GLU C 165 -4.74 53.53 2.87
N LEU C 167 -5.03 51.15 -0.07
CA LEU C 167 -5.71 50.44 -1.16
C LEU C 167 -6.98 51.14 -1.62
N PRO C 168 -7.35 51.03 -2.91
CA PRO C 168 -8.64 51.58 -3.36
C PRO C 168 -9.79 50.63 -3.02
N ALA C 169 -11.04 51.14 -3.00
CA ALA C 169 -12.23 50.29 -2.76
C ALA C 169 -12.56 49.46 -4.00
N SER C 170 -12.19 50.00 -5.16
CA SER C 170 -12.48 49.41 -6.46
C SER C 170 -11.37 49.68 -7.48
N TYR C 171 -11.33 48.87 -8.54
CA TYR C 171 -10.41 48.97 -9.67
C TYR C 171 -11.16 49.16 -11.00
N GLY C 172 -10.42 49.53 -12.06
CA GLY C 172 -10.91 49.59 -13.42
C GLY C 172 -11.01 48.16 -13.96
N SER C 173 -11.48 48.00 -15.20
CA SER C 173 -11.66 46.69 -15.85
C SER C 173 -10.36 45.86 -15.85
N ARG C 174 -9.23 46.50 -16.30
CA ARG C 174 -7.89 45.93 -16.45
C ARG C 174 -7.29 45.40 -15.13
N GLU C 175 -7.36 46.20 -14.04
CA GLU C 175 -6.76 45.87 -12.75
C GLU C 175 -7.71 45.06 -11.82
N LYS C 176 -8.87 44.56 -12.33
CA LYS C 176 -9.80 43.75 -11.53
C LYS C 176 -9.13 42.43 -11.16
N GLY C 177 -9.22 42.03 -9.88
CA GLY C 177 -8.60 40.81 -9.31
C GLY C 177 -7.63 41.07 -8.14
N ARG C 178 -7.11 42.32 -8.11
CA ARG C 178 -6.19 42.85 -7.13
C ARG C 178 -6.89 43.05 -5.76
N ALA C 179 -6.10 43.18 -4.69
CA ALA C 179 -6.59 43.43 -3.34
C ALA C 179 -7.21 44.83 -3.24
N THR C 180 -8.41 44.87 -2.66
CA THR C 180 -9.17 46.11 -2.43
C THR C 180 -9.13 46.50 -0.98
N LYS C 181 -9.66 47.69 -0.65
CA LYS C 181 -9.82 48.19 0.71
C LYS C 181 -10.70 47.19 1.47
N GLY C 182 -11.76 46.69 0.82
CA GLY C 182 -12.69 45.69 1.33
C GLY C 182 -12.01 44.38 1.65
N ALA C 183 -11.13 43.89 0.76
CA ALA C 183 -10.38 42.66 1.01
C ALA C 183 -9.51 42.81 2.28
N ALA C 184 -8.83 43.96 2.45
CA ALA C 184 -8.01 44.24 3.62
C ALA C 184 -8.85 44.27 4.90
N TYR C 185 -10.02 44.98 4.89
CA TYR C 185 -10.93 45.02 6.04
C TYR C 185 -11.49 43.62 6.36
N ALA C 186 -11.87 42.87 5.30
CA ALA C 186 -12.41 41.53 5.47
C ALA C 186 -11.35 40.61 6.09
N LEU C 187 -10.07 40.69 5.64
CA LEU C 187 -9.06 39.82 6.22
C LEU C 187 -8.82 40.25 7.66
N LYS C 188 -8.80 41.58 7.92
CA LYS C 188 -8.61 42.20 9.24
C LYS C 188 -9.62 41.61 10.21
N SER C 189 -10.93 41.57 9.86
CA SER C 189 -12.00 41.04 10.73
C SER C 189 -11.74 39.58 11.10
N ARG C 190 -11.24 38.74 10.14
CA ARG C 190 -10.92 37.33 10.43
C ARG C 190 -9.73 37.23 11.41
N VAL C 191 -8.62 37.93 11.08
CA VAL C 191 -7.42 37.95 11.90
C VAL C 191 -7.75 38.44 13.33
N GLU C 192 -8.60 39.49 13.45
CA GLU C 192 -9.05 40.04 14.74
C GLU C 192 -9.91 39.01 15.49
N LEU C 193 -10.76 38.25 14.78
CA LEU C 193 -11.62 37.24 15.37
C LEU C 193 -10.79 36.08 15.93
N TYR C 194 -9.79 35.61 15.17
CA TYR C 194 -8.92 34.52 15.61
C TYR C 194 -8.16 34.95 16.86
N ASP C 195 -7.81 36.24 17.03
CA ASP C 195 -7.13 36.72 18.24
C ASP C 195 -8.12 37.31 19.31
N LYS C 196 -9.41 36.99 19.19
CA LYS C 196 -10.50 37.39 20.10
C LYS C 196 -10.58 38.91 20.37
N ARG C 197 -10.23 39.75 19.36
CA ARG C 197 -10.30 41.21 19.38
C ARG C 197 -11.68 41.60 18.87
N TYR C 198 -12.75 41.25 19.63
CA TYR C 198 -14.14 41.36 19.24
C TYR C 198 -14.64 42.78 18.94
N GLU C 199 -14.41 43.78 19.81
CA GLU C 199 -14.89 45.14 19.49
C GLU C 199 -14.21 45.62 18.17
N ASP C 200 -12.96 45.14 17.87
CA ASP C 200 -12.29 45.47 16.60
C ASP C 200 -12.95 44.79 15.40
N VAL C 201 -13.34 43.50 15.53
CA VAL C 201 -14.04 42.73 14.46
C VAL C 201 -15.28 43.50 13.98
N ILE C 202 -16.12 43.98 14.93
CA ILE C 202 -17.37 44.69 14.70
C ILE C 202 -17.12 45.96 13.87
N LYS C 203 -16.01 46.68 14.19
CA LYS C 203 -15.61 47.91 13.51
C LYS C 203 -15.19 47.59 12.08
N SER C 204 -14.38 46.54 11.89
CA SER C 204 -13.90 46.08 10.58
C SER C 204 -15.07 45.65 9.68
N CYS C 205 -16.06 44.92 10.25
CA CYS C 205 -17.27 44.46 9.57
C CYS C 205 -18.12 45.64 9.14
N ALA C 206 -18.25 46.68 10.00
CA ALA C 206 -19.02 47.89 9.73
C ALA C 206 -18.49 48.58 8.48
N GLU C 207 -17.17 48.54 8.27
CA GLU C 207 -16.52 49.15 7.12
C GLU C 207 -16.86 48.44 5.82
N VAL C 208 -16.88 47.07 5.83
CA VAL C 208 -17.19 46.26 4.66
C VAL C 208 -18.67 46.44 4.24
N TYR C 209 -19.57 46.67 5.21
CA TYR C 209 -20.99 46.87 4.95
C TYR C 209 -21.23 48.12 4.08
N LYS C 210 -20.30 49.07 4.14
CA LYS C 210 -20.40 50.34 3.43
C LYS C 210 -19.74 50.29 2.03
N LEU C 211 -19.01 49.22 1.72
CA LEU C 211 -18.24 49.12 0.48
C LEU C 211 -18.98 48.52 -0.73
N GLY C 212 -20.29 48.47 -0.66
CA GLY C 212 -21.09 47.98 -1.77
C GLY C 212 -21.05 46.50 -2.07
N TYR C 213 -20.78 45.64 -1.07
CA TYR C 213 -20.85 44.20 -1.34
C TYR C 213 -22.32 43.77 -1.18
N GLU C 214 -22.71 42.65 -1.76
CA GLU C 214 -24.09 42.16 -1.65
C GLU C 214 -24.08 40.63 -1.66
N LEU C 215 -24.89 39.99 -0.80
CA LEU C 215 -24.99 38.52 -0.78
C LEU C 215 -25.77 38.05 -2.02
N VAL C 216 -25.22 37.07 -2.72
CA VAL C 216 -25.89 36.45 -3.90
C VAL C 216 -27.14 35.74 -3.39
N ASP C 217 -28.29 35.84 -4.10
CA ASP C 217 -29.52 35.13 -3.73
C ASP C 217 -29.25 33.62 -3.74
N GLY C 218 -29.52 32.97 -2.62
CA GLY C 218 -29.29 31.52 -2.49
C GLY C 218 -30.52 30.72 -2.15
N THR C 219 -31.69 31.18 -2.59
CA THR C 219 -32.97 30.53 -2.27
C THR C 219 -33.16 29.21 -3.01
N THR C 220 -32.26 28.88 -3.97
CA THR C 220 -32.24 27.57 -4.64
C THR C 220 -30.79 27.08 -4.64
N PRO C 221 -30.58 25.73 -4.63
CA PRO C 221 -29.20 25.19 -4.64
C PRO C 221 -28.35 25.71 -5.78
N GLU C 222 -28.91 25.73 -7.00
CA GLU C 222 -28.25 26.23 -8.21
C GLU C 222 -27.85 27.71 -8.00
N LYS C 223 -28.78 28.56 -7.49
CA LYS C 223 -28.53 29.98 -7.17
C LYS C 223 -27.37 30.16 -6.19
N TYR C 224 -27.33 29.37 -5.09
CA TYR C 224 -26.28 29.44 -4.09
C TYR C 224 -24.95 29.01 -4.70
N ARG C 225 -24.95 27.88 -5.42
CA ARG C 225 -23.75 27.35 -6.07
C ARG C 225 -23.11 28.34 -7.05
N SER C 226 -23.93 29.20 -7.63
CA SER C 226 -23.48 30.15 -8.63
C SER C 226 -22.44 31.17 -8.09
N ILE C 227 -22.18 31.19 -6.79
CA ILE C 227 -21.18 32.07 -6.18
C ILE C 227 -19.82 31.68 -6.76
N TRP C 228 -19.65 30.37 -6.93
CA TRP C 228 -18.38 29.79 -7.32
C TRP C 228 -18.26 29.58 -8.82
N TRP C 229 -19.24 30.01 -9.63
CA TRP C 229 -19.19 29.86 -11.09
C TRP C 229 -18.22 30.80 -11.72
N THR C 230 -17.46 30.30 -12.70
CA THR C 230 -16.50 31.07 -13.50
C THR C 230 -17.28 32.05 -14.35
N THR C 231 -18.53 31.68 -14.76
CA THR C 231 -19.43 32.58 -15.52
C THR C 231 -20.13 33.61 -14.59
N ASN C 232 -19.78 33.63 -13.31
CA ASN C 232 -20.35 34.57 -12.35
C ASN C 232 -19.27 35.15 -11.47
N LYS C 233 -18.01 35.11 -11.98
CA LYS C 233 -16.78 35.56 -11.31
C LYS C 233 -16.85 37.02 -10.85
N ASP C 234 -17.83 37.78 -11.38
CA ASP C 234 -18.04 39.21 -11.12
C ASP C 234 -19.24 39.54 -10.20
N ASN C 235 -19.72 38.57 -9.40
CA ASN C 235 -20.81 38.77 -8.45
C ASN C 235 -20.36 39.66 -7.28
N LYS C 236 -21.34 40.30 -6.60
CA LYS C 236 -21.07 41.25 -5.51
C LYS C 236 -20.76 40.60 -4.13
N GLU C 237 -20.70 39.26 -4.05
CA GLU C 237 -20.37 38.57 -2.80
C GLU C 237 -18.87 38.34 -2.66
N ILE C 238 -18.16 38.19 -3.80
CA ILE C 238 -16.72 37.94 -3.81
C ILE C 238 -15.98 39.16 -3.28
N ILE C 239 -15.14 38.99 -2.25
CA ILE C 239 -14.33 40.10 -1.71
C ILE C 239 -12.90 39.92 -2.24
N PHE C 240 -12.36 38.67 -2.16
CA PHE C 240 -11.02 38.31 -2.65
C PHE C 240 -11.01 36.86 -3.06
N ASP C 241 -10.51 36.60 -4.27
CA ASP C 241 -10.43 35.26 -4.82
C ASP C 241 -9.19 35.06 -5.69
N VAL C 242 -8.95 33.80 -6.06
CA VAL C 242 -7.90 33.33 -6.95
C VAL C 242 -8.52 32.27 -7.87
N GLN C 243 -8.22 32.35 -9.16
CA GLN C 243 -8.67 31.34 -10.11
C GLN C 243 -7.52 30.38 -10.17
N TYR C 244 -7.63 29.31 -9.36
CA TYR C 244 -6.59 28.31 -9.16
C TYR C 244 -6.68 27.24 -10.22
N LYS C 245 -5.66 27.25 -11.10
CA LYS C 245 -5.47 26.29 -12.18
C LYS C 245 -4.08 25.73 -11.96
N SER C 246 -4.02 24.60 -11.22
CA SER C 246 -2.80 23.92 -10.80
C SER C 246 -1.96 23.49 -11.99
N PRO C 247 -0.59 23.59 -11.87
CA PRO C 247 0.26 23.17 -13.01
C PRO C 247 0.03 21.69 -13.40
N ASP C 248 0.07 20.75 -12.41
CA ASP C 248 -0.16 19.33 -12.66
C ASP C 248 -1.59 18.85 -12.37
N VAL C 249 -2.02 17.89 -13.17
CA VAL C 249 -3.30 17.22 -13.09
C VAL C 249 -3.48 16.42 -11.76
N TYR C 250 -2.34 16.07 -11.13
CA TYR C 250 -2.29 15.33 -9.87
C TYR C 250 -2.53 16.25 -8.67
N ASN C 251 -2.48 17.59 -8.90
CA ASN C 251 -2.68 18.56 -7.81
C ASN C 251 -3.85 19.53 -8.10
N ASN C 252 -4.52 19.33 -9.28
CA ASN C 252 -5.69 20.07 -9.72
C ASN C 252 -6.85 19.84 -8.74
N VAL C 255 -10.13 17.95 -10.10
CA VAL C 255 -9.95 16.52 -10.42
C VAL C 255 -9.73 15.74 -9.10
N CYS C 256 -8.93 16.29 -8.20
CA CYS C 256 -8.63 15.69 -6.91
C CYS C 256 -9.86 15.49 -6.04
N ASN C 257 -10.90 16.33 -6.18
CA ASN C 257 -12.08 16.25 -5.31
C ASN C 257 -13.35 15.87 -6.05
N VAL C 259 -15.96 13.19 -8.07
CA VAL C 259 -16.47 11.82 -7.94
C VAL C 259 -15.66 10.95 -8.89
N THR C 260 -15.20 9.80 -8.39
CA THR C 260 -14.34 8.96 -9.21
C THR C 260 -15.14 8.14 -10.22
N TYR C 261 -16.16 7.38 -9.76
CA TYR C 261 -16.86 6.41 -10.60
C TYR C 261 -18.14 6.95 -11.12
N ILE C 262 -17.93 7.67 -12.20
CA ILE C 262 -18.90 8.40 -13.00
C ILE C 262 -18.64 7.91 -14.45
N ASN C 263 -17.92 6.76 -14.53
CA ASN C 263 -17.41 6.10 -15.73
C ASN C 263 -18.47 5.37 -16.62
N ASP C 264 -19.73 5.35 -16.16
CA ASP C 264 -20.85 4.76 -16.92
C ASP C 264 -21.17 5.66 -18.13
N LYS C 265 -21.02 6.99 -17.96
CA LYS C 265 -21.23 8.06 -18.94
C LYS C 265 -19.93 8.84 -19.23
N TYR C 266 -19.08 9.05 -18.21
CA TYR C 266 -17.89 9.86 -18.38
C TYR C 266 -16.58 9.08 -18.19
N GLY C 267 -16.00 9.08 -16.98
CA GLY C 267 -14.74 8.38 -16.73
C GLY C 267 -14.38 8.26 -15.26
N ASP C 268 -13.16 7.80 -14.96
CA ASP C 268 -12.64 7.61 -13.59
C ASP C 268 -11.44 8.53 -13.30
N ARG C 269 -11.42 9.69 -13.95
CA ARG C 269 -10.33 10.67 -13.88
C ARG C 269 -10.19 11.26 -12.51
N GLY C 270 -11.30 11.39 -11.79
CA GLY C 270 -11.35 11.95 -10.44
C GLY C 270 -10.64 11.11 -9.40
N TRP C 271 -10.29 11.72 -8.24
CA TRP C 271 -9.59 11.05 -7.14
C TRP C 271 -10.46 11.00 -5.87
N GLY C 272 -11.71 11.41 -5.97
CA GLY C 272 -12.64 11.38 -4.83
C GLY C 272 -12.47 12.56 -3.89
N GLY C 273 -11.31 12.58 -3.24
CA GLY C 273 -10.91 13.64 -2.34
C GLY C 273 -11.78 13.74 -1.11
N LEU C 274 -12.27 14.95 -0.85
CA LEU C 274 -13.09 15.27 0.30
C LEU C 274 -14.26 14.27 0.42
N GLY C 275 -14.55 13.85 1.61
CA GLY C 275 -15.64 12.91 1.86
C GLY C 275 -16.48 13.45 2.99
N PRO C 276 -17.49 14.29 2.68
CA PRO C 276 -18.35 14.81 3.76
C PRO C 276 -18.81 13.69 4.71
N THR C 277 -18.71 13.92 6.00
CA THR C 277 -19.06 12.98 7.05
C THR C 277 -20.58 12.98 7.29
N GLN C 278 -21.10 11.87 7.88
CA GLN C 278 -22.51 11.80 8.24
C GLN C 278 -22.82 12.86 9.34
N GLU C 279 -21.82 13.22 10.13
CA GLU C 279 -21.89 14.25 11.17
C GLU C 279 -22.25 15.60 10.56
N LEU C 280 -21.61 15.93 9.41
CA LEU C 280 -21.87 17.17 8.68
C LEU C 280 -23.22 17.10 8.01
N ILE C 281 -23.55 15.96 7.36
CA ILE C 281 -24.85 15.79 6.67
C ILE C 281 -25.99 16.01 7.68
N ASP C 282 -25.80 15.50 8.91
CA ASP C 282 -26.78 15.60 10.00
C ASP C 282 -27.04 17.06 10.41
N ALA C 283 -26.02 17.93 10.24
CA ALA C 283 -26.05 19.32 10.65
C ALA C 283 -26.86 20.21 9.67
N PHE C 284 -27.15 19.74 8.43
CA PHE C 284 -27.94 20.50 7.46
C PHE C 284 -29.41 20.41 7.84
N GLU C 285 -30.03 21.56 8.07
CA GLU C 285 -31.42 21.64 8.48
C GLU C 285 -32.38 21.40 7.35
N ALA C 287 -35.64 22.55 4.99
CA ALA C 287 -35.89 23.85 4.33
C ALA C 287 -36.67 24.85 5.22
N ASP C 288 -37.50 24.35 6.16
CA ASP C 288 -38.29 25.14 7.12
C ASP C 288 -37.54 25.38 8.48
N GLY C 289 -36.22 25.17 8.52
CA GLY C 289 -35.42 25.38 9.73
C GLY C 289 -35.64 24.39 10.84
N THR C 290 -36.23 23.25 10.49
CA THR C 290 -36.49 22.10 11.36
C THR C 290 -35.25 21.20 11.34
N PRO C 291 -34.89 20.49 12.44
CA PRO C 291 -33.77 19.57 12.36
C PRO C 291 -34.11 18.35 11.51
N ALA C 292 -33.12 17.85 10.78
CA ALA C 292 -33.25 16.65 9.97
C ALA C 292 -33.12 15.41 10.87
N THR C 293 -33.49 14.23 10.37
CA THR C 293 -33.24 13.00 11.14
C THR C 293 -31.71 12.85 11.24
N GLN C 294 -31.22 12.49 12.43
CA GLN C 294 -29.78 12.29 12.70
C GLN C 294 -29.47 10.86 12.48
N TYR C 295 -28.44 10.56 11.69
CA TYR C 295 -28.09 9.17 11.37
C TYR C 295 -26.75 8.71 11.91
N SER C 296 -25.83 9.63 12.28
CA SER C 296 -24.50 9.22 12.72
C SER C 296 -24.48 8.20 13.83
N GLN C 297 -25.39 8.32 14.82
CA GLN C 297 -25.41 7.41 15.98
C GLN C 297 -26.41 6.25 15.81
N ALA C 298 -26.88 6.02 14.57
CA ALA C 298 -27.77 4.90 14.24
C ALA C 298 -27.06 3.57 14.47
N PRO C 299 -27.75 2.50 14.94
CA PRO C 299 -27.08 1.20 15.07
C PRO C 299 -26.62 0.69 13.68
N ALA C 300 -25.46 0.01 13.62
CA ALA C 300 -24.87 -0.48 12.38
C ALA C 300 -25.68 -1.57 11.70
N ASP C 301 -26.50 -2.32 12.45
CA ASP C 301 -27.33 -3.39 11.85
C ASP C 301 -28.61 -2.86 11.21
N GLN C 302 -28.95 -1.54 11.45
CA GLN C 302 -30.13 -0.88 10.93
C GLN C 302 -29.97 -0.51 9.47
N VAL C 303 -30.98 -0.89 8.68
CA VAL C 303 -31.09 -0.66 7.25
C VAL C 303 -32.17 0.41 7.02
N PHE C 304 -31.81 1.43 6.24
CA PHE C 304 -32.71 2.53 5.93
C PHE C 304 -33.02 2.56 4.47
N ASP C 305 -34.25 2.97 4.12
CA ASP C 305 -34.66 3.13 2.73
C ASP C 305 -34.67 4.60 2.44
N ILE C 306 -33.88 5.01 1.45
CA ILE C 306 -33.68 6.40 1.01
C ILE C 306 -35.02 7.12 0.73
N ASN C 307 -36.08 6.35 0.43
CA ASN C 307 -37.40 6.86 0.11
C ASN C 307 -38.38 6.80 1.29
N THR C 308 -38.28 5.81 2.20
CA THR C 308 -39.21 5.78 3.35
C THR C 308 -38.74 6.85 4.34
N CYS C 309 -37.46 6.83 4.72
CA CYS C 309 -36.85 7.92 5.49
C CYS C 309 -36.50 8.98 4.45
N GLY C 310 -36.40 10.24 4.79
CA GLY C 310 -36.15 11.16 3.68
C GLY C 310 -34.80 11.81 3.74
N ILE C 311 -33.79 11.00 4.14
CA ILE C 311 -32.40 11.42 4.38
C ILE C 311 -31.93 12.57 3.43
N TYR C 312 -32.23 12.49 2.11
CA TYR C 312 -31.77 13.54 1.19
C TYR C 312 -32.91 14.38 0.63
N GLU C 313 -34.15 14.24 1.17
CA GLU C 313 -35.35 14.99 0.80
C GLU C 313 -35.59 16.17 1.75
N GLY C 314 -36.10 17.26 1.20
CA GLY C 314 -36.54 18.45 1.91
C GLY C 314 -35.54 19.28 2.68
N ARG C 315 -34.24 19.13 2.40
CA ARG C 315 -33.20 19.91 3.04
C ARG C 315 -33.13 21.35 2.51
N GLU C 316 -32.46 22.24 3.28
CA GLU C 316 -32.26 23.65 2.93
C GLU C 316 -31.26 23.74 1.72
N PRO C 317 -31.30 24.83 0.89
CA PRO C 317 -30.47 24.87 -0.33
C PRO C 317 -28.97 24.55 -0.19
N ARG C 318 -28.30 24.94 0.94
CA ARG C 318 -26.87 24.70 1.13
C ARG C 318 -26.53 23.21 1.19
N PHE C 319 -27.50 22.37 1.51
CA PHE C 319 -27.28 20.93 1.51
C PHE C 319 -26.98 20.45 0.08
N TYR C 320 -27.87 20.73 -0.87
CA TYR C 320 -27.76 20.34 -2.27
C TYR C 320 -26.66 21.11 -2.98
N ALA C 321 -26.26 22.25 -2.40
CA ALA C 321 -25.20 23.08 -2.91
C ALA C 321 -23.84 22.56 -2.55
N ASN C 322 -23.72 21.85 -1.43
CA ASN C 322 -22.43 21.33 -0.92
C ASN C 322 -22.19 19.83 -1.10
N ILE C 323 -23.26 19.02 -1.01
CA ILE C 323 -23.11 17.57 -0.97
C ILE C 323 -23.55 16.86 -2.27
N VAL C 324 -22.69 15.96 -2.73
CA VAL C 324 -22.96 15.01 -3.80
C VAL C 324 -23.22 13.68 -3.09
N PHE C 325 -24.46 13.16 -3.24
CA PHE C 325 -24.89 11.94 -2.56
C PHE C 325 -25.51 10.90 -3.54
N HIS C 326 -25.93 9.77 -2.98
CA HIS C 326 -26.57 8.75 -3.79
C HIS C 326 -27.81 9.31 -4.48
N GLY C 327 -27.76 9.31 -5.81
CA GLY C 327 -28.85 9.80 -6.62
C GLY C 327 -28.69 11.21 -7.12
N SER C 328 -27.59 11.91 -6.75
CA SER C 328 -27.30 13.27 -7.19
C SER C 328 -26.97 13.29 -8.66
N GLN C 329 -27.53 14.28 -9.38
CA GLN C 329 -27.22 14.55 -10.77
C GLN C 329 -26.24 15.69 -10.84
N ILE C 330 -25.14 15.46 -11.58
CA ILE C 330 -24.03 16.39 -11.80
C ILE C 330 -23.68 16.37 -13.30
N PHE C 331 -22.93 17.40 -13.77
CA PHE C 331 -22.41 17.60 -15.12
C PHE C 331 -23.54 17.78 -16.16
N PHE C 332 -24.53 18.61 -15.80
CA PHE C 332 -25.69 18.90 -16.64
C PHE C 332 -25.32 19.46 -17.99
N ASN C 333 -24.32 20.39 -18.00
CA ASN C 333 -23.89 21.11 -19.20
C ASN C 333 -22.54 20.60 -19.75
N ALA C 334 -22.31 19.30 -19.58
CA ALA C 334 -21.21 18.55 -20.15
C ALA C 334 -21.78 17.83 -21.36
N ASP C 335 -20.96 17.44 -22.35
CA ASP C 335 -21.48 16.66 -23.49
C ASP C 335 -22.05 15.37 -22.90
N LYS C 336 -23.11 14.79 -23.47
CA LYS C 336 -23.72 13.56 -22.88
C LYS C 336 -24.67 13.91 -21.70
N GLY C 337 -24.64 15.13 -21.19
CA GLY C 337 -25.53 15.58 -20.12
C GLY C 337 -25.26 15.02 -18.72
N ALA C 338 -26.20 15.28 -17.79
CA ALA C 338 -26.14 14.87 -16.39
C ALA C 338 -26.00 13.37 -16.20
N VAL C 339 -25.10 13.02 -15.26
CA VAL C 339 -24.79 11.67 -14.82
C VAL C 339 -25.35 11.56 -13.37
N THR C 340 -25.90 10.40 -13.01
CA THR C 340 -26.45 10.20 -11.68
C THR C 340 -25.44 9.38 -10.87
N VAL C 341 -25.10 9.90 -9.69
CA VAL C 341 -24.14 9.30 -8.76
C VAL C 341 -24.79 8.13 -8.08
N ASP C 342 -24.11 6.94 -8.19
CA ASP C 342 -24.58 5.68 -7.62
C ASP C 342 -23.55 5.16 -6.57
N ARG C 343 -23.97 5.11 -5.31
CA ARG C 343 -23.14 4.64 -4.20
C ARG C 343 -23.32 3.14 -3.95
N TYR C 344 -24.28 2.52 -4.66
CA TYR C 344 -24.51 1.09 -4.53
C TYR C 344 -23.61 0.33 -5.52
N LEU C 345 -23.67 0.66 -6.81
CA LEU C 345 -22.91 -0.06 -7.83
C LEU C 345 -21.63 0.61 -8.30
N ASP C 347 -19.65 4.46 -7.34
CA ASP C 347 -18.69 5.07 -6.43
C ASP C 347 -18.91 4.51 -5.02
N THR C 348 -18.13 3.50 -4.72
CA THR C 348 -18.20 2.66 -3.55
C THR C 348 -16.93 2.75 -2.67
N PRO C 349 -17.03 2.56 -1.31
CA PRO C 349 -15.82 2.60 -0.45
C PRO C 349 -14.70 1.62 -0.81
N ASP C 350 -15.09 0.44 -1.35
CA ASP C 350 -14.21 -0.67 -1.78
C ASP C 350 -13.31 -0.31 -2.94
N LYS C 351 -13.88 0.39 -3.93
CA LYS C 351 -13.17 0.82 -5.12
C LYS C 351 -12.11 1.90 -4.74
N GLY C 352 -11.00 1.91 -5.44
CA GLY C 352 -9.92 2.84 -5.17
C GLY C 352 -10.32 4.27 -5.49
N ASP C 353 -10.07 5.22 -4.55
CA ASP C 353 -10.43 6.63 -4.65
C ASP C 353 -11.99 6.77 -4.66
N GLY C 354 -12.71 5.67 -4.41
CA GLY C 354 -14.17 5.71 -4.27
C GLY C 354 -14.47 6.37 -2.93
N SER C 355 -15.56 7.16 -2.83
CA SER C 355 -15.85 7.83 -1.56
C SER C 355 -15.99 6.83 -0.43
N LEU C 356 -15.36 7.15 0.68
CA LEU C 356 -15.35 6.29 1.85
C LEU C 356 -16.54 6.61 2.76
N THR C 357 -17.22 7.76 2.54
CA THR C 357 -18.31 8.18 3.42
C THR C 357 -19.69 8.08 2.78
N GLY C 358 -19.72 7.95 1.45
CA GLY C 358 -20.93 7.89 0.65
C GLY C 358 -21.28 9.26 0.11
N TYR C 359 -20.36 10.25 0.30
CA TYR C 359 -20.51 11.65 -0.10
C TYR C 359 -19.24 12.19 -0.71
N ASN C 360 -19.40 13.22 -1.57
CA ASN C 360 -18.33 14.02 -2.20
C ASN C 360 -18.71 15.48 -2.09
N VAL C 361 -17.74 16.37 -2.18
CA VAL C 361 -18.04 17.81 -2.14
C VAL C 361 -18.60 18.28 -3.52
N TRP C 362 -19.45 19.32 -3.49
CA TRP C 362 -19.96 20.09 -4.62
C TRP C 362 -19.31 21.48 -4.44
N LYS C 363 -20.09 22.47 -3.95
CA LYS C 363 -19.68 23.86 -3.67
C LYS C 363 -18.87 24.44 -4.83
N TRP C 364 -17.54 24.47 -4.74
CA TRP C 364 -16.67 25.12 -5.73
C TRP C 364 -16.29 24.20 -6.92
N ILE C 365 -16.88 23.01 -6.99
CA ILE C 365 -16.72 22.18 -8.19
C ILE C 365 -17.93 22.56 -9.07
N ASP C 366 -17.67 23.16 -10.25
CA ASP C 366 -18.72 23.65 -11.15
C ASP C 366 -19.34 22.47 -11.94
N TYR C 367 -20.08 21.60 -11.23
CA TYR C 367 -20.80 20.48 -11.86
C TYR C 367 -22.02 21.01 -12.62
N ASP C 368 -22.40 22.28 -12.37
CA ASP C 368 -23.51 22.92 -13.06
C ASP C 368 -23.14 23.25 -14.52
N ASN C 369 -21.97 23.86 -14.73
CA ASN C 369 -21.58 24.36 -16.05
C ASN C 369 -20.48 23.62 -16.76
N TYR C 370 -19.46 23.18 -16.03
CA TYR C 370 -18.30 22.51 -16.61
C TYR C 370 -18.62 21.24 -17.37
N ASN C 371 -17.71 20.95 -18.33
CA ASN C 371 -17.70 19.72 -19.10
C ASN C 371 -16.75 18.76 -18.35
N TYR C 372 -16.86 17.45 -18.63
CA TYR C 372 -16.01 16.45 -17.97
C TYR C 372 -14.54 16.61 -18.42
N PRO C 373 -13.56 16.55 -17.50
CA PRO C 373 -12.15 16.70 -17.93
C PRO C 373 -11.57 15.48 -18.65
N TYR C 374 -12.06 15.18 -19.87
CA TYR C 374 -11.52 14.05 -20.67
C TYR C 374 -10.08 14.29 -21.06
N PRO C 380 -8.03 23.20 -22.34
CA PRO C 380 -9.01 23.57 -21.29
C PRO C 380 -8.32 23.78 -19.93
N ASP C 381 -8.65 24.92 -19.23
CA ASP C 381 -8.09 25.33 -17.93
C ASP C 381 -8.43 24.37 -16.80
N PHE C 382 -9.73 24.13 -16.56
CA PHE C 382 -10.26 23.29 -15.46
C PHE C 382 -9.90 23.86 -14.08
N SER C 383 -9.87 25.18 -14.01
CA SER C 383 -9.60 26.02 -12.86
C SER C 383 -10.78 26.05 -11.89
N THR C 384 -10.44 26.30 -10.62
CA THR C 384 -11.37 26.45 -9.50
C THR C 384 -11.38 27.94 -9.06
N ASN C 385 -12.56 28.52 -8.84
CA ASN C 385 -12.60 29.90 -8.35
CA ASN C 385 -12.66 29.89 -8.34
C ASN C 385 -12.53 29.84 -6.83
N TRP C 386 -11.32 29.86 -6.32
CA TRP C 386 -11.10 29.76 -4.89
C TRP C 386 -11.35 31.12 -4.23
N ILE C 387 -12.47 31.24 -3.51
CA ILE C 387 -12.88 32.48 -2.87
C ILE C 387 -12.37 32.50 -1.44
N ILE C 388 -11.26 33.22 -1.24
CA ILE C 388 -10.59 33.35 0.05
C ILE C 388 -11.45 34.22 0.96
N LEU C 389 -12.06 35.31 0.41
CA LEU C 389 -12.92 36.15 1.23
C LEU C 389 -14.25 36.43 0.51
N ARG C 390 -15.37 36.05 1.16
CA ARG C 390 -16.78 36.20 0.74
C ARG C 390 -17.51 37.15 1.70
N TYR C 391 -18.52 37.89 1.19
CA TYR C 391 -19.32 38.80 2.00
C TYR C 391 -20.03 38.08 3.16
N ALA C 392 -20.44 36.78 2.99
CA ALA C 392 -21.11 35.98 4.01
C ALA C 392 -20.33 35.94 5.34
N GLU C 393 -18.97 35.94 5.29
CA GLU C 393 -18.11 35.89 6.46
C GLU C 393 -18.23 37.15 7.32
N ILE C 394 -18.41 38.33 6.70
CA ILE C 394 -18.56 39.59 7.42
C ILE C 394 -19.69 39.44 8.44
N TYR C 395 -20.85 38.93 8.00
CA TYR C 395 -22.02 38.72 8.83
C TYR C 395 -21.74 37.78 9.99
N LEU C 396 -21.04 36.67 9.72
CA LEU C 396 -20.76 35.61 10.71
C LEU C 396 -19.65 36.00 11.70
N ASN C 397 -18.63 36.77 11.25
CA ASN C 397 -17.57 37.27 12.12
C ASN C 397 -18.17 38.30 13.06
N ASP C 398 -19.09 39.13 12.51
CA ASP C 398 -19.83 40.16 13.24
C ASP C 398 -20.71 39.49 14.30
N ALA C 399 -21.52 38.48 13.89
CA ALA C 399 -22.45 37.75 14.76
C ALA C 399 -21.71 37.16 15.95
N GLU C 400 -20.61 36.44 15.68
CA GLU C 400 -19.76 35.86 16.71
C GLU C 400 -19.17 36.94 17.66
N ALA C 401 -18.54 38.01 17.11
CA ALA C 401 -17.92 39.05 17.92
C ALA C 401 -18.97 39.78 18.73
N ARG C 402 -20.13 40.06 18.10
CA ARG C 402 -21.24 40.74 18.75
C ARG C 402 -21.76 39.97 19.94
N LEU C 403 -21.90 38.64 19.79
CA LEU C 403 -22.35 37.80 20.89
C LEU C 403 -21.36 37.85 22.06
N GLU C 404 -20.05 37.67 21.77
CA GLU C 404 -19.01 37.65 22.80
C GLU C 404 -18.91 38.97 23.56
N THR C 405 -19.38 40.03 22.95
CA THR C 405 -19.44 41.42 23.41
C THR C 405 -20.72 41.65 24.25
N GLY C 406 -21.71 40.75 24.14
CA GLY C 406 -22.98 40.83 24.85
C GLY C 406 -24.14 41.42 24.06
N ASP C 407 -23.91 41.68 22.77
CA ASP C 407 -24.91 42.21 21.86
C ASP C 407 -25.63 41.02 21.21
N VAL C 408 -26.51 40.34 21.99
CA VAL C 408 -27.27 39.17 21.55
C VAL C 408 -28.24 39.57 20.41
N GLU C 409 -28.87 40.77 20.50
CA GLU C 409 -29.81 41.17 19.46
C GLU C 409 -29.04 41.49 18.15
N GLY C 410 -27.89 42.14 18.23
CA GLY C 410 -27.06 42.42 17.06
C GLY C 410 -26.52 41.14 16.43
N ALA C 411 -26.13 40.19 17.28
CA ALA C 411 -25.64 38.88 16.87
C ALA C 411 -26.72 38.14 16.10
N ARG C 412 -27.95 38.14 16.63
CA ARG C 412 -29.12 37.50 16.04
C ARG C 412 -29.42 38.13 14.69
N LYS C 413 -29.46 39.48 14.62
CA LYS C 413 -29.72 40.18 13.37
C LYS C 413 -28.71 39.79 12.28
N ALA C 414 -27.41 39.72 12.63
CA ALA C 414 -26.33 39.40 11.70
C ALA C 414 -26.40 37.93 11.18
N VAL C 415 -26.58 36.95 12.07
CA VAL C 415 -26.63 35.55 11.64
C VAL C 415 -27.91 35.27 10.82
N ASN C 416 -29.01 35.99 11.10
CA ASN C 416 -30.27 35.81 10.38
C ASN C 416 -30.18 36.34 8.94
N ILE C 418 -27.68 35.51 6.93
CA ILE C 418 -27.14 34.30 6.29
C ILE C 418 -28.27 33.28 6.08
N ARG C 419 -29.17 33.14 7.08
CA ARG C 419 -30.32 32.23 7.02
C ARG C 419 -31.39 32.76 6.06
N GLN C 420 -31.63 34.09 6.07
CA GLN C 420 -32.61 34.70 5.16
C GLN C 420 -32.25 34.44 3.70
N ARG C 421 -30.93 34.44 3.38
CA ARG C 421 -30.46 34.25 2.02
C ARG C 421 -30.78 32.87 1.43
N VAL C 422 -30.96 31.86 2.29
CA VAL C 422 -31.24 30.48 1.85
C VAL C 422 -32.67 30.06 2.24
N GLY C 423 -33.54 31.03 2.49
CA GLY C 423 -34.94 30.80 2.85
C GLY C 423 -35.22 30.18 4.21
N LEU C 424 -34.23 30.22 5.12
CA LEU C 424 -34.36 29.66 6.47
C LEU C 424 -35.01 30.66 7.43
N PRO C 425 -35.90 30.19 8.32
CA PRO C 425 -36.55 31.13 9.26
C PRO C 425 -35.55 31.73 10.25
N ASP C 426 -35.85 32.91 10.76
CA ASP C 426 -34.98 33.61 11.69
C ASP C 426 -34.85 32.90 13.03
N LEU C 427 -33.63 32.97 13.59
CA LEU C 427 -33.36 32.51 14.94
C LEU C 427 -34.00 33.52 15.89
N THR C 428 -34.59 33.02 16.96
CA THR C 428 -35.34 33.73 17.98
C THR C 428 -34.61 33.66 19.33
N GLU C 429 -33.65 32.71 19.50
CA GLU C 429 -32.88 32.48 20.73
C GLU C 429 -32.31 33.73 21.35
N SER C 430 -32.65 33.93 22.61
CA SER C 430 -32.23 35.06 23.44
C SER C 430 -31.10 34.68 24.41
N ASP C 431 -30.94 33.38 24.79
CA ASP C 431 -29.88 32.93 25.70
C ASP C 431 -28.53 32.99 25.00
N PRO C 432 -27.55 33.73 25.58
CA PRO C 432 -26.22 33.86 24.91
C PRO C 432 -25.51 32.54 24.69
N GLU C 433 -25.55 31.63 25.67
CA GLU C 433 -24.88 30.32 25.59
C GLU C 433 -25.46 29.47 24.46
N LYS C 434 -26.80 29.45 24.31
CA LYS C 434 -27.54 28.73 23.28
C LYS C 434 -27.34 29.41 21.92
N LEU C 435 -27.44 30.75 21.87
CA LEU C 435 -27.24 31.52 20.62
C LEU C 435 -25.80 31.34 20.06
N ARG C 436 -24.79 31.23 20.94
CA ARG C 436 -23.41 31.00 20.53
C ARG C 436 -23.31 29.75 19.70
N GLU C 437 -23.96 28.66 20.15
CA GLU C 437 -23.86 27.40 19.44
C GLU C 437 -24.56 27.46 18.10
N LEU C 438 -25.67 28.19 18.02
CA LEU C 438 -26.44 28.37 16.77
C LEU C 438 -25.61 29.12 15.70
N ILE C 439 -24.83 30.14 16.14
CA ILE C 439 -23.97 30.94 15.28
C ILE C 439 -22.83 30.03 14.78
N ARG C 440 -22.19 29.32 15.71
CA ARG C 440 -21.11 28.37 15.41
C ARG C 440 -21.57 27.31 14.43
N LYS C 441 -22.81 26.77 14.61
CA LYS C 441 -23.42 25.79 13.71
C LYS C 441 -23.63 26.45 12.33
N GLU C 442 -24.17 27.69 12.27
CA GLU C 442 -24.35 28.42 10.99
C GLU C 442 -23.04 28.62 10.24
N ARG C 443 -21.97 28.95 10.97
CA ARG C 443 -20.65 29.13 10.40
C ARG C 443 -20.18 27.86 9.74
N ARG C 444 -20.43 26.70 10.40
CA ARG C 444 -20.00 25.41 9.91
C ARG C 444 -20.65 25.08 8.59
N ILE C 445 -21.95 25.33 8.44
CA ILE C 445 -22.72 25.05 7.23
C ILE C 445 -22.36 26.03 6.14
N GLU C 446 -22.34 27.33 6.47
CA GLU C 446 -22.03 28.39 5.52
C GLU C 446 -20.64 28.21 4.89
N PHE C 447 -19.64 27.83 5.72
CA PHE C 447 -18.27 27.73 5.24
C PHE C 447 -17.71 26.33 5.17
N ALA C 448 -18.56 25.31 5.01
CA ALA C 448 -18.10 23.93 4.84
C ALA C 448 -17.26 23.85 3.56
N PHE C 449 -16.10 23.17 3.58
CA PHE C 449 -15.20 22.96 2.43
C PHE C 449 -14.53 24.23 1.95
N GLU C 450 -14.44 25.21 2.82
CA GLU C 450 -13.79 26.45 2.48
C GLU C 450 -12.59 26.70 3.42
N GLU C 451 -11.92 25.61 3.83
CA GLU C 451 -10.69 25.61 4.64
C GLU C 451 -10.83 26.42 5.95
N GLN C 452 -11.98 26.33 6.65
CA GLN C 452 -12.15 27.09 7.88
C GLN C 452 -12.40 26.22 9.11
N ARG C 453 -13.09 25.07 8.92
CA ARG C 453 -13.47 24.15 9.99
C ARG C 453 -12.33 23.82 10.90
N PHE C 454 -11.15 23.49 10.33
CA PHE C 454 -9.95 23.16 11.09
C PHE C 454 -9.63 24.25 12.10
N TYR C 455 -9.58 25.48 11.64
CA TYR C 455 -9.24 26.67 12.45
C TYR C 455 -10.39 27.08 13.37
N ASP C 456 -11.64 26.75 13.01
CA ASP C 456 -12.77 27.02 13.88
C ASP C 456 -12.72 26.09 15.11
N VAL C 457 -12.49 24.80 14.89
CA VAL C 457 -12.32 23.79 15.95
C VAL C 457 -11.15 24.18 16.88
N ARG C 458 -10.04 24.64 16.30
CA ARG C 458 -8.81 25.05 16.98
C ARG C 458 -9.01 26.29 17.85
N ARG C 459 -9.62 27.35 17.29
CA ARG C 459 -9.84 28.61 17.99
C ARG C 459 -10.98 28.49 18.99
N TRP C 460 -12.04 27.70 18.70
CA TRP C 460 -13.13 27.47 19.64
C TRP C 460 -12.72 26.47 20.69
N LYS C 461 -11.61 25.76 20.46
CA LYS C 461 -11.05 24.72 21.34
C LYS C 461 -12.08 23.61 21.58
N ILE C 462 -12.56 22.97 20.48
CA ILE C 462 -13.56 21.88 20.52
C ILE C 462 -13.01 20.60 19.81
N GLY C 463 -11.69 20.41 19.89
CA GLY C 463 -11.01 19.26 19.31
C GLY C 463 -11.46 17.93 19.88
N PRO C 464 -11.58 17.80 21.23
CA PRO C 464 -12.03 16.50 21.79
C PRO C 464 -13.42 16.07 21.30
N GLU C 465 -14.33 17.02 21.13
CA GLU C 465 -15.71 16.86 20.71
C GLU C 465 -15.83 16.50 19.23
N THR C 466 -14.91 16.98 18.39
CA THR C 466 -14.97 16.78 16.95
C THR C 466 -14.04 15.68 16.42
N GLN C 467 -12.80 15.56 16.95
CA GLN C 467 -11.86 14.53 16.50
C GLN C 467 -12.12 13.21 17.26
N THR C 468 -13.25 12.53 16.90
CA THR C 468 -13.71 11.26 17.47
C THR C 468 -13.96 10.27 16.36
N THR C 469 -14.92 9.38 16.58
CA THR C 469 -15.38 8.41 15.61
C THR C 469 -16.33 9.16 14.68
N LEU C 470 -16.00 9.14 13.39
CA LEU C 470 -16.79 9.78 12.35
C LEU C 470 -17.48 8.71 11.54
N HIS C 471 -18.58 9.06 10.91
CA HIS C 471 -19.44 8.11 10.22
C HIS C 471 -19.71 8.48 8.79
N GLY C 472 -20.36 7.55 8.09
CA GLY C 472 -20.80 7.71 6.71
C GLY C 472 -21.92 6.75 6.42
N VAL C 473 -22.23 6.57 5.13
CA VAL C 473 -23.25 5.58 4.73
C VAL C 473 -22.64 4.61 3.72
N ARG C 474 -23.28 3.46 3.58
CA ARG C 474 -22.88 2.38 2.67
C ARG C 474 -24.15 1.79 2.12
N PHE C 475 -24.26 1.68 0.79
CA PHE C 475 -25.50 1.17 0.20
C PHE C 475 -25.46 -0.34 0.04
N VAL C 476 -26.55 -0.99 0.48
CA VAL C 476 -26.67 -2.44 0.41
C VAL C 476 -27.62 -2.84 -0.75
N SER C 477 -28.32 -1.86 -1.33
CA SER C 477 -29.24 -2.03 -2.46
C SER C 477 -29.33 -0.70 -3.17
N PRO C 478 -30.00 -0.57 -4.34
CA PRO C 478 -30.12 0.76 -4.98
C PRO C 478 -30.86 1.80 -4.13
N THR C 479 -31.64 1.35 -3.14
CA THR C 479 -32.51 2.19 -2.33
C THR C 479 -32.16 2.15 -0.81
N GLU C 480 -31.45 1.08 -0.34
CA GLU C 480 -31.16 0.87 1.09
C GLU C 480 -29.68 0.98 1.48
N PHE C 481 -29.47 1.56 2.66
CA PHE C 481 -28.16 1.83 3.21
C PHE C 481 -28.11 1.63 4.73
N LYS C 482 -26.86 1.49 5.25
CA LYS C 482 -26.51 1.34 6.66
C LYS C 482 -25.51 2.46 7.03
N VAL C 483 -25.51 2.87 8.31
CA VAL C 483 -24.57 3.89 8.77
C VAL C 483 -23.30 3.18 9.22
N THR C 484 -22.15 3.64 8.74
CA THR C 484 -20.80 3.09 8.98
C THR C 484 -19.87 4.01 9.79
N LYS C 485 -18.82 3.46 10.39
CA LYS C 485 -17.73 4.20 11.03
C LYS C 485 -16.75 4.50 9.88
N THR C 486 -16.33 5.76 9.69
CA THR C 486 -15.44 6.07 8.56
C THR C 486 -14.02 6.41 9.02
N ASP C 487 -13.82 6.79 10.30
CA ASP C 487 -12.52 7.12 10.86
C ASP C 487 -12.59 7.14 12.40
N ILE C 488 -11.68 6.42 13.06
CA ILE C 488 -11.57 6.38 14.52
C ILE C 488 -10.42 7.34 14.91
N ARG C 489 -10.78 8.59 15.09
CA ARG C 489 -9.82 9.64 15.44
C ARG C 489 -9.67 9.82 16.94
N THR C 490 -8.62 10.53 17.33
CA THR C 490 -8.38 10.87 18.72
C THR C 490 -7.87 12.31 18.80
N TRP C 491 -7.74 12.81 20.02
CA TRP C 491 -7.32 14.19 20.30
C TRP C 491 -6.28 14.27 21.46
N ASN C 492 -5.47 15.33 21.41
CA ASN C 492 -4.55 15.80 22.43
C ASN C 492 -4.45 17.30 22.27
N ASP C 493 -4.48 18.03 23.38
CA ASP C 493 -4.47 19.51 23.35
C ASP C 493 -3.25 20.11 22.65
N ARG C 494 -2.17 19.35 22.44
CA ARG C 494 -0.98 19.87 21.71
C ARG C 494 -1.32 20.14 20.27
N LEU C 495 -2.38 19.48 19.75
CA LEU C 495 -2.88 19.61 18.37
C LEU C 495 -3.57 20.98 18.12
N TYR C 496 -3.63 21.86 19.16
CA TYR C 496 -4.18 23.21 19.00
C TYR C 496 -3.14 24.10 18.31
N LEU C 497 -1.91 23.56 18.12
CA LEU C 497 -0.80 24.19 17.35
C LEU C 497 -0.07 23.15 16.52
N THR C 498 0.45 23.55 15.37
CA THR C 498 1.26 22.68 14.52
C THR C 498 2.70 22.64 15.05
N PRO C 499 3.40 21.48 14.96
CA PRO C 499 4.80 21.50 15.40
C PRO C 499 5.68 22.25 14.41
N VAL C 500 6.69 22.93 14.94
CA VAL C 500 7.73 23.56 14.14
C VAL C 500 8.60 22.37 13.64
N PRO C 501 8.93 22.30 12.34
CA PRO C 501 9.77 21.18 11.86
C PRO C 501 11.07 21.04 12.65
N HIS C 502 11.40 19.80 13.05
CA HIS C 502 12.55 19.45 13.87
C HIS C 502 13.87 20.01 13.36
N ASP C 503 14.12 19.90 12.06
CA ASP C 503 15.40 20.33 11.49
C ASP C 503 15.58 21.83 11.64
N GLU C 504 14.47 22.59 11.66
CA GLU C 504 14.47 24.03 11.86
C GLU C 504 14.90 24.38 13.30
N ILE C 505 14.37 23.63 14.29
CA ILE C 505 14.64 23.76 15.73
C ILE C 505 16.10 23.45 16.06
N VAL C 506 16.68 22.37 15.47
CA VAL C 506 18.06 21.95 15.78
C VAL C 506 19.10 22.92 15.16
N ARG C 507 18.70 23.61 14.08
CA ARG C 507 19.47 24.62 13.33
C ARG C 507 19.75 25.88 14.17
N SER C 508 18.84 26.24 15.10
CA SER C 508 18.88 27.46 15.90
C SER C 508 18.73 27.21 17.37
N SER C 509 19.61 27.82 18.19
CA SER C 509 19.57 27.70 19.64
C SER C 509 18.35 28.41 20.20
N VAL C 510 18.00 29.54 19.62
CA VAL C 510 16.94 30.44 20.08
C VAL C 510 15.53 29.99 19.64
N LEU C 511 15.45 29.14 18.59
CA LEU C 511 14.19 28.64 18.06
C LEU C 511 13.68 27.51 18.96
N LYS C 512 12.50 27.74 19.54
CA LYS C 512 11.81 26.90 20.50
C LYS C 512 10.58 26.24 19.89
N GLN C 513 10.37 24.95 20.23
CA GLN C 513 9.26 24.13 19.76
C GLN C 513 7.96 24.50 20.47
N ASN C 514 6.82 24.16 19.85
CA ASN C 514 5.51 24.32 20.44
C ASN C 514 5.31 23.25 21.51
N LEU C 515 4.46 23.55 22.49
CA LEU C 515 4.15 22.66 23.61
C LEU C 515 3.63 21.30 23.16
N GLY C 516 4.13 20.24 23.77
CA GLY C 516 3.70 18.87 23.47
C GLY C 516 4.48 18.12 22.43
N TYR C 517 5.38 18.82 21.69
CA TYR C 517 6.21 18.19 20.66
C TYR C 517 7.70 18.23 21.04
N LYS D 2 7.24 28.41 -8.93
CA LYS D 2 6.91 27.10 -9.52
C LYS D 2 6.39 27.21 -10.97
N ALA D 3 5.49 28.17 -11.23
CA ALA D 3 4.90 28.40 -12.53
C ALA D 3 5.92 29.01 -13.51
N PRO D 4 5.81 28.71 -14.83
CA PRO D 4 6.70 29.35 -15.82
C PRO D 4 6.48 30.87 -15.81
N LEU D 5 7.54 31.68 -16.01
CA LEU D 5 7.52 33.15 -15.96
C LEU D 5 6.39 33.79 -16.78
N ASP D 6 6.04 33.24 -17.99
CA ASP D 6 4.98 33.81 -18.84
C ASP D 6 3.58 33.87 -18.15
N GLU D 7 3.36 33.09 -17.08
CA GLU D 7 2.10 33.08 -16.31
C GLU D 7 1.88 34.39 -15.51
N ILE D 8 2.95 35.16 -15.24
CA ILE D 8 2.95 36.44 -14.52
C ILE D 8 2.52 37.58 -15.46
N ALA D 9 2.82 37.45 -16.76
CA ALA D 9 2.55 38.49 -17.78
C ALA D 9 1.29 38.26 -18.63
N ASP D 10 0.97 39.27 -19.45
CA ASP D 10 -0.15 39.32 -20.41
C ASP D 10 0.11 38.43 -21.64
N ASP D 11 -0.95 38.07 -22.38
CA ASP D 11 -0.87 37.25 -23.59
C ASP D 11 -0.33 38.10 -24.79
N SER D 12 0.94 38.56 -24.65
CA SER D 12 1.75 39.34 -25.57
C SER D 12 3.21 39.33 -25.07
N PHE D 13 3.55 38.32 -24.23
CA PHE D 13 4.85 38.05 -23.63
C PHE D 13 5.83 37.45 -24.65
N TRP D 14 5.36 36.47 -25.45
CA TRP D 14 6.18 35.74 -26.42
C TRP D 14 6.43 36.53 -27.71
N SER D 15 5.95 37.77 -27.76
CA SER D 15 6.16 38.72 -28.86
C SER D 15 7.24 39.75 -28.46
N ASP D 16 7.66 39.71 -27.18
CA ASP D 16 8.65 40.60 -26.56
C ASP D 16 9.98 39.83 -26.35
N GLU D 17 11.05 40.26 -27.04
CA GLU D 17 12.38 39.65 -26.97
C GLU D 17 12.97 39.71 -25.56
N THR D 18 12.69 40.82 -24.84
CA THR D 18 13.19 41.06 -23.48
C THR D 18 12.56 40.07 -22.51
N LEU D 19 11.23 39.83 -22.63
CA LEU D 19 10.52 38.91 -21.76
C LEU D 19 10.93 37.46 -22.04
N VAL D 20 11.16 37.12 -23.33
CA VAL D 20 11.59 35.78 -23.72
C VAL D 20 13.02 35.57 -23.20
N LYS D 21 13.88 36.61 -23.28
CA LYS D 21 15.24 36.55 -22.76
C LYS D 21 15.21 36.35 -21.23
N TYR D 22 14.23 36.98 -20.53
CA TYR D 22 14.01 36.85 -19.09
C TYR D 22 13.55 35.43 -18.73
N TYR D 23 12.74 34.81 -19.60
CA TYR D 23 12.26 33.44 -19.40
C TYR D 23 13.46 32.47 -19.37
N VAL D 24 14.40 32.62 -20.32
CA VAL D 24 15.60 31.77 -20.40
C VAL D 24 16.47 32.03 -19.16
N ASN D 25 16.56 33.28 -18.66
CA ASN D 25 17.29 33.61 -17.43
C ASN D 25 16.70 32.84 -16.24
N ASP D 26 15.36 32.73 -16.21
CA ASP D 26 14.64 32.01 -15.17
C ASP D 26 14.99 30.52 -15.23
N LEU D 27 15.17 29.98 -16.46
CA LEU D 27 15.53 28.58 -16.67
C LEU D 27 16.95 28.33 -16.18
N TYR D 28 17.87 29.30 -16.41
CA TYR D 28 19.22 29.19 -15.89
C TYR D 28 19.19 29.25 -14.37
N SER D 29 18.31 30.10 -13.79
CA SER D 29 18.17 30.26 -12.35
C SER D 29 17.67 28.95 -11.69
N GLU D 30 17.11 28.03 -12.49
CA GLU D 30 16.64 26.75 -12.01
C GLU D 30 17.80 25.77 -11.77
N ILE D 31 19.05 26.15 -12.15
CA ILE D 31 20.22 25.32 -11.87
C ILE D 31 20.45 25.35 -10.36
N SER D 32 20.37 24.18 -9.71
CA SER D 32 20.54 24.05 -8.27
C SER D 32 21.90 23.50 -7.90
N VAL D 33 22.48 24.06 -6.82
CA VAL D 33 23.76 23.67 -6.23
C VAL D 33 23.48 23.27 -4.79
N ASP D 34 23.91 22.04 -4.43
CA ASP D 34 23.76 21.56 -3.06
C ASP D 34 24.92 22.10 -2.25
N GLY D 35 24.64 23.16 -1.49
CA GLY D 35 25.64 23.80 -0.65
C GLY D 35 26.26 22.87 0.39
N LEU D 36 25.50 21.83 0.79
CA LEU D 36 25.89 20.86 1.81
C LEU D 36 26.61 19.64 1.25
N GLN D 37 26.59 19.48 -0.09
CA GLN D 37 27.26 18.41 -0.82
C GLN D 37 26.97 17.08 -0.14
N LEU D 38 25.67 16.76 -0.07
CA LEU D 38 25.21 15.57 0.61
C LEU D 38 25.62 14.31 -0.11
N GLN D 39 25.62 14.33 -1.47
CA GLN D 39 26.10 13.16 -2.26
C GLN D 39 27.58 12.85 -1.97
N GLU D 40 28.42 13.90 -1.78
CA GLU D 40 29.84 13.69 -1.48
C GLU D 40 30.02 13.12 -0.06
N ASN D 41 29.15 13.53 0.87
CA ASN D 41 29.12 13.06 2.25
C ASN D 41 28.48 11.67 2.32
N ARG D 42 28.02 11.17 1.16
CA ARG D 42 27.42 9.84 1.02
C ARG D 42 28.40 8.99 0.14
N SER D 43 29.70 9.36 0.20
CA SER D 43 30.82 8.74 -0.52
C SER D 43 32.03 8.60 0.38
N ASP D 44 33.01 7.77 -0.03
CA ASP D 44 34.22 7.52 0.76
C ASP D 44 35.18 8.73 0.82
N ASN D 45 34.82 9.87 0.21
CA ASN D 45 35.66 11.08 0.24
C ASN D 45 35.42 11.93 1.48
N SER D 46 34.23 11.83 2.09
CA SER D 46 33.88 12.69 3.20
C SER D 46 32.96 12.05 4.24
N VAL D 47 33.16 12.47 5.50
CA VAL D 47 32.33 12.23 6.68
C VAL D 47 31.95 13.63 7.16
N SER D 48 30.69 14.01 6.99
CA SER D 48 30.17 15.32 7.38
C SER D 48 30.34 15.62 8.88
N ALA D 49 30.65 16.88 9.22
CA ALA D 49 30.77 17.34 10.60
C ALA D 49 29.42 17.20 11.32
N GLN D 50 28.32 17.09 10.51
CA GLN D 50 26.92 16.91 10.90
C GLN D 50 26.48 15.43 10.86
N ARG D 51 27.46 14.48 10.82
CA ARG D 51 27.30 13.03 10.78
C ARG D 51 26.30 12.56 11.82
N ASP D 52 26.42 13.09 13.06
CA ASP D 52 25.55 12.73 14.18
C ASP D 52 24.32 13.62 14.28
N LYS D 53 24.47 14.94 14.09
CA LYS D 53 23.43 15.94 14.21
C LYS D 53 22.27 15.68 13.23
N TYR D 54 22.58 15.18 12.02
CA TYR D 54 21.60 14.90 10.97
C TYR D 54 21.71 13.47 10.40
N ARG D 55 22.11 12.48 11.23
CA ARG D 55 22.27 11.07 10.83
C ARG D 55 21.00 10.56 10.14
N ALA D 56 19.82 10.74 10.80
CA ALA D 56 18.51 10.27 10.32
C ALA D 56 17.93 11.09 9.16
N SER D 57 18.17 12.41 9.19
CA SER D 57 17.66 13.30 8.15
C SER D 57 18.40 13.20 6.84
N TRP D 58 19.75 13.19 6.89
CA TRP D 58 20.60 13.26 5.71
C TRP D 58 21.42 12.07 5.34
N PHE D 59 21.78 11.19 6.29
CA PHE D 59 22.76 10.18 5.94
C PHE D 59 22.33 8.73 6.07
N LYS D 60 21.01 8.45 5.93
CA LYS D 60 20.50 7.09 5.99
C LYS D 60 21.13 6.19 4.89
N PHE D 61 21.53 6.78 3.73
CA PHE D 61 22.19 6.08 2.62
C PHE D 61 23.42 5.30 3.10
N ASN D 62 24.25 5.97 3.91
CA ASN D 62 25.50 5.45 4.44
C ASN D 62 25.34 4.18 5.27
N TYR D 63 24.12 3.85 5.73
CA TYR D 63 23.85 2.66 6.56
C TYR D 63 22.74 1.80 5.94
N ASP D 64 22.48 1.97 4.62
CA ASP D 64 21.46 1.26 3.83
C ASP D 64 20.11 1.35 4.58
N VAL D 66 17.75 3.95 3.79
CA VAL D 66 16.78 4.67 2.96
C VAL D 66 15.65 3.70 2.56
N SER D 67 14.46 4.24 2.24
CA SER D 67 13.29 3.46 1.83
C SER D 67 12.49 4.30 0.86
N ALA D 68 11.41 3.79 0.26
CA ALA D 68 10.60 4.60 -0.64
C ALA D 68 9.93 5.77 0.13
N SER D 69 9.57 5.50 1.40
CA SER D 69 8.95 6.45 2.34
C SER D 69 9.97 7.50 2.82
N ASP D 70 11.26 7.12 3.03
CA ASP D 70 12.34 8.08 3.34
C ASP D 70 13.44 7.90 2.28
N PRO D 71 13.22 8.43 1.06
CA PRO D 71 14.16 8.15 -0.03
C PRO D 71 15.49 8.90 0.02
N GLN D 72 15.50 10.09 0.68
CA GLN D 72 16.63 11.02 0.82
C GLN D 72 17.23 11.27 -0.58
N ASP D 73 16.34 11.56 -1.53
CA ASP D 73 16.61 11.82 -2.95
C ASP D 73 16.90 13.29 -3.19
N ASP D 74 16.85 14.09 -2.11
CA ASP D 74 17.10 15.53 -2.11
C ASP D 74 16.02 16.26 -2.94
N ASP D 75 14.80 15.67 -2.98
CA ASP D 75 13.60 16.13 -3.66
C ASP D 75 13.85 16.36 -5.14
N VAL D 76 14.84 15.64 -5.73
CA VAL D 76 15.22 15.82 -7.13
C VAL D 76 14.08 15.45 -8.08
N TRP D 77 13.35 14.33 -7.85
CA TRP D 77 12.21 13.93 -8.70
C TRP D 77 11.14 15.01 -8.73
N GLU D 78 10.70 15.45 -7.54
CA GLU D 78 9.69 16.49 -7.33
C GLU D 78 10.09 17.82 -8.00
N ASP D 79 11.29 18.32 -7.67
CA ASP D 79 11.79 19.62 -8.11
C ASP D 79 12.18 19.68 -9.59
N TYR D 80 12.85 18.63 -10.11
CA TYR D 80 13.36 18.68 -11.48
C TYR D 80 12.27 18.49 -12.53
N TYR D 81 11.10 17.89 -12.18
CA TYR D 81 10.02 17.82 -13.17
C TYR D 81 9.39 19.22 -13.37
N VAL D 82 9.45 20.09 -12.34
CA VAL D 82 8.98 21.47 -12.40
C VAL D 82 9.90 22.24 -13.38
N LYS D 83 11.23 22.02 -13.24
CA LYS D 83 12.27 22.64 -14.08
C LYS D 83 12.09 22.20 -15.53
N VAL D 84 11.82 20.89 -15.73
CA VAL D 84 11.58 20.31 -17.04
C VAL D 84 10.27 20.91 -17.61
N ARG D 85 9.22 21.06 -16.78
CA ARG D 85 7.95 21.64 -17.23
C ARG D 85 8.18 23.05 -17.85
N LYS D 86 9.03 23.87 -17.19
CA LYS D 86 9.38 25.22 -17.63
C LYS D 86 10.10 25.19 -19.00
N CYS D 87 10.95 24.16 -19.24
CA CYS D 87 11.66 23.98 -20.51
C CYS D 87 10.67 23.64 -21.62
N ASN D 88 9.80 22.64 -21.37
CA ASN D 88 8.80 22.14 -22.31
C ASN D 88 7.85 23.23 -22.74
N ARG D 89 7.54 24.17 -21.83
CA ARG D 89 6.68 25.31 -22.12
C ARG D 89 7.36 26.21 -23.12
N PHE D 90 8.67 26.48 -22.93
CA PHE D 90 9.46 27.30 -23.85
C PHE D 90 9.40 26.71 -25.24
N PHE D 91 9.64 25.39 -25.35
CA PHE D 91 9.61 24.65 -26.61
C PHE D 91 8.22 24.75 -27.28
N GLU D 92 7.14 24.76 -26.48
CA GLU D 92 5.77 24.87 -26.99
C GLU D 92 5.45 26.28 -27.53
N ARG D 93 5.89 27.34 -26.82
CA ARG D 93 5.53 28.71 -27.14
C ARG D 93 6.58 29.51 -27.98
N ILE D 94 7.83 28.99 -28.14
CA ILE D 94 8.88 29.71 -28.89
C ILE D 94 8.59 29.78 -30.41
N GLY D 95 7.87 28.79 -30.97
CA GLY D 95 7.53 28.75 -32.39
C GLY D 95 6.75 29.97 -32.89
N THR D 96 5.83 30.47 -32.05
CA THR D 96 4.97 31.63 -32.29
C THR D 96 5.71 32.96 -32.02
N SER D 97 6.94 32.91 -31.44
CA SER D 97 7.72 34.10 -31.14
C SER D 97 8.10 34.89 -32.41
N THR D 98 8.08 36.23 -32.31
CA THR D 98 8.40 37.11 -33.44
C THR D 98 9.90 37.51 -33.44
N ILE D 99 10.69 36.96 -32.50
CA ILE D 99 12.13 37.19 -32.36
C ILE D 99 12.90 36.70 -33.61
N GLU D 100 14.03 37.36 -33.94
CA GLU D 100 14.94 37.04 -35.04
C GLU D 100 15.32 35.54 -34.99
N GLU D 101 15.23 34.85 -36.15
CA GLU D 101 15.52 33.42 -36.33
C GLU D 101 16.84 32.99 -35.65
N SER D 102 17.96 33.73 -35.90
CA SER D 102 19.28 33.42 -35.33
C SER D 102 19.29 33.50 -33.79
N GLU D 103 18.67 34.55 -33.20
CA GLU D 103 18.57 34.71 -31.74
C GLU D 103 17.66 33.63 -31.15
N LYS D 104 16.53 33.34 -31.83
CA LYS D 104 15.56 32.32 -31.46
C LYS D 104 16.23 30.94 -31.43
N SER D 105 17.07 30.64 -32.45
CA SER D 105 17.81 29.39 -32.56
C SER D 105 18.80 29.22 -31.40
N ARG D 106 19.61 30.28 -31.12
CA ARG D 106 20.62 30.34 -30.06
C ARG D 106 19.99 30.13 -28.69
N LEU D 107 18.79 30.75 -28.42
CA LEU D 107 18.04 30.60 -27.16
C LEU D 107 17.48 29.19 -27.02
N THR D 108 16.89 28.63 -28.10
CA THR D 108 16.34 27.27 -28.11
C THR D 108 17.46 26.27 -27.75
N GLY D 109 18.67 26.49 -28.27
CA GLY D 109 19.84 25.68 -27.99
C GLY D 109 20.15 25.63 -26.51
N GLU D 110 20.10 26.79 -25.85
CA GLU D 110 20.36 26.90 -24.42
C GLU D 110 19.35 26.09 -23.62
N VAL D 111 18.06 26.13 -24.02
CA VAL D 111 16.97 25.40 -23.34
C VAL D 111 17.15 23.88 -23.55
N HIS D 112 17.65 23.46 -24.73
CA HIS D 112 17.97 22.05 -25.02
C HIS D 112 19.04 21.55 -24.06
N PHE D 113 20.06 22.39 -23.80
CA PHE D 113 21.16 22.10 -22.90
C PHE D 113 20.67 22.01 -21.45
N LEU D 114 19.81 22.97 -21.04
CA LEU D 114 19.26 23.01 -19.70
C LEU D 114 18.35 21.84 -19.45
N ARG D 115 17.44 21.49 -20.39
CA ARG D 115 16.54 20.35 -20.22
C ARG D 115 17.34 19.04 -20.09
N ALA D 116 18.43 18.90 -20.86
CA ALA D 116 19.32 17.74 -20.83
C ALA D 116 20.00 17.64 -19.47
N PHE D 118 18.86 18.95 -16.59
CA PHE D 118 17.85 18.66 -15.58
C PHE D 118 17.48 17.19 -15.57
N TYR D 119 17.30 16.57 -16.75
CA TYR D 119 16.97 15.15 -16.84
C TYR D 119 18.16 14.29 -16.41
N PHE D 120 19.40 14.72 -16.73
CA PHE D 120 20.59 13.98 -16.32
C PHE D 120 20.68 13.91 -14.80
N GLU D 121 20.28 15.01 -14.10
CA GLU D 121 20.27 15.07 -12.65
C GLU D 121 19.35 13.99 -12.03
N VAL D 123 18.18 11.09 -13.97
CA VAL D 123 18.62 9.81 -14.49
C VAL D 123 19.83 9.27 -13.69
N LYS D 124 20.84 10.14 -13.38
CA LYS D 124 22.02 9.69 -12.64
C LYS D 124 21.64 9.19 -11.23
N ARG D 125 20.47 9.64 -10.71
CA ARG D 125 19.97 9.24 -9.40
C ARG D 125 18.99 8.04 -9.46
N TYR D 126 17.85 8.18 -10.17
CA TYR D 126 16.84 7.12 -10.22
C TYR D 126 16.99 6.05 -11.35
N GLY D 127 17.87 6.27 -12.33
CA GLY D 127 17.97 5.41 -13.50
C GLY D 127 16.97 5.89 -14.54
N GLY D 128 15.99 5.06 -14.86
CA GLY D 128 14.92 5.43 -15.79
C GLY D 128 13.88 6.34 -15.14
N VAL D 129 13.40 7.35 -15.89
CA VAL D 129 12.39 8.30 -15.39
C VAL D 129 11.23 8.45 -16.41
N ILE D 130 10.22 9.28 -16.10
CA ILE D 130 9.13 9.59 -17.04
C ILE D 130 9.65 10.62 -18.02
N LEU D 131 9.73 10.27 -19.31
CA LEU D 131 10.22 11.22 -20.31
C LEU D 131 9.06 12.08 -20.80
N LEU D 132 9.15 13.40 -20.56
CA LEU D 132 8.15 14.39 -20.98
C LEU D 132 8.77 15.45 -21.87
N ASP D 133 8.22 15.61 -23.08
CA ASP D 133 8.68 16.58 -24.07
C ASP D 133 7.63 17.68 -24.29
N LYS D 134 6.47 17.56 -23.62
CA LYS D 134 5.38 18.52 -23.68
C LYS D 134 4.87 18.78 -22.27
N VAL D 135 4.18 19.92 -22.07
CA VAL D 135 3.56 20.28 -20.79
C VAL D 135 2.24 19.52 -20.77
N LEU D 136 2.06 18.65 -19.77
CA LEU D 136 0.84 17.85 -19.69
C LEU D 136 -0.37 18.73 -19.43
N THR D 137 -1.44 18.38 -20.13
CA THR D 137 -2.74 19.03 -20.14
C THR D 137 -3.81 17.99 -19.81
N GLU D 139 -6.04 17.05 -21.75
CA GLU D 139 -6.21 16.23 -22.96
C GLU D 139 -5.37 14.94 -22.94
N ASP D 140 -4.15 14.97 -22.35
CA ASP D 140 -3.19 13.85 -22.27
C ASP D 140 -3.55 12.80 -21.21
N ASN D 141 -3.03 11.57 -21.36
CA ASN D 141 -3.18 10.52 -20.35
C ASN D 141 -2.04 10.69 -19.34
N TRP D 142 -2.37 10.77 -18.07
CA TRP D 142 -1.34 11.06 -17.08
C TRP D 142 -0.66 9.82 -16.50
N GLU D 143 -1.18 8.60 -16.79
CA GLU D 143 -0.59 7.37 -16.30
C GLU D 143 0.47 6.95 -17.28
N ILE D 144 1.66 7.54 -17.09
CA ILE D 144 2.83 7.36 -17.93
C ILE D 144 3.90 6.60 -17.17
N PRO D 145 4.34 5.44 -17.69
CA PRO D 145 5.38 4.67 -17.00
C PRO D 145 6.76 5.30 -17.20
N ARG D 146 7.70 4.85 -16.36
CA ARG D 146 9.10 5.25 -16.49
C ARG D 146 9.66 4.62 -17.76
N SER D 147 10.47 5.35 -18.50
CA SER D 147 11.16 4.79 -19.66
C SER D 147 12.39 4.05 -19.15
N SER D 148 13.02 3.26 -20.02
CA SER D 148 14.24 2.54 -19.64
C SER D 148 15.37 3.54 -19.47
N GLU D 149 16.40 3.18 -18.70
CA GLU D 149 17.55 4.05 -18.50
C GLU D 149 18.19 4.37 -19.88
N LYS D 150 18.26 3.37 -20.82
CA LYS D 150 18.82 3.55 -22.16
C LYS D 150 18.07 4.64 -22.91
N GLU D 151 16.72 4.59 -22.89
CA GLU D 151 15.83 5.57 -23.53
C GLU D 151 16.05 6.97 -22.98
N CYS D 152 16.23 7.07 -21.66
CA CYS D 152 16.45 8.33 -20.97
C CYS D 152 17.81 8.91 -21.36
N TYR D 153 18.86 8.07 -21.45
CA TYR D 153 20.17 8.53 -21.90
C TYR D 153 20.09 8.98 -23.36
N ASP D 154 19.26 8.31 -24.19
CA ASP D 154 19.01 8.68 -25.58
C ASP D 154 18.35 10.05 -25.66
N PHE D 155 17.34 10.31 -24.78
CA PHE D 155 16.62 11.59 -24.71
C PHE D 155 17.60 12.73 -24.41
N ILE D 156 18.38 12.58 -23.32
CA ILE D 156 19.37 13.57 -22.87
C ILE D 156 20.34 13.87 -23.98
N LEU D 157 20.88 12.82 -24.62
CA LEU D 157 21.87 12.95 -25.68
C LEU D 157 21.29 13.58 -26.95
N GLU D 158 19.99 13.37 -27.24
CA GLU D 158 19.36 13.99 -28.41
C GLU D 158 19.25 15.51 -28.17
N ASP D 159 18.92 15.91 -26.92
CA ASP D 159 18.84 17.32 -26.50
C ASP D 159 20.22 17.99 -26.60
N LEU D 160 21.28 17.28 -26.17
CA LEU D 160 22.65 17.81 -26.22
C LEU D 160 23.17 17.86 -27.66
N LYS D 161 22.72 16.94 -28.53
CA LYS D 161 23.08 16.95 -29.95
C LYS D 161 22.50 18.23 -30.58
N LYS D 162 21.22 18.55 -30.25
CA LYS D 162 20.53 19.74 -30.76
C LYS D 162 21.25 20.98 -30.25
N ALA D 163 21.68 20.97 -28.97
CA ALA D 163 22.42 22.05 -28.32
C ALA D 163 23.74 22.35 -29.06
N THR D 164 24.56 21.31 -29.38
CA THR D 164 25.83 21.49 -30.11
C THR D 164 25.61 22.13 -31.48
N GLU D 165 24.50 21.76 -32.13
CA GLU D 165 24.15 22.27 -33.46
C GLU D 165 23.71 23.74 -33.41
N LEU D 167 24.14 26.11 -30.48
CA LEU D 167 24.85 27.02 -29.58
C LEU D 167 26.14 27.60 -30.20
N PRO D 168 26.53 28.84 -29.81
CA PRO D 168 27.83 29.37 -30.27
C PRO D 168 28.98 28.81 -29.45
N ALA D 169 30.22 28.87 -29.96
CA ALA D 169 31.40 28.41 -29.22
C ALA D 169 31.80 29.42 -28.15
N SER D 170 31.49 30.70 -28.41
CA SER D 170 31.83 31.82 -27.54
C SER D 170 30.74 32.90 -27.53
N TYR D 171 30.76 33.75 -26.49
CA TYR D 171 29.87 34.91 -26.31
C TYR D 171 30.66 36.20 -26.15
N GLY D 172 29.95 37.33 -26.25
CA GLY D 172 30.50 38.66 -25.99
C GLY D 172 30.68 38.84 -24.49
N SER D 173 31.23 39.99 -24.04
CA SER D 173 31.47 40.26 -22.61
C SER D 173 30.18 40.15 -21.75
N ARG D 174 29.08 40.80 -22.24
CA ARG D 174 27.76 40.87 -21.61
C ARG D 174 27.08 39.49 -21.43
N GLU D 175 27.06 38.65 -22.49
CA GLU D 175 26.42 37.33 -22.48
C GLU D 175 27.33 36.18 -21.94
N LYS D 176 28.51 36.50 -21.35
CA LYS D 176 29.41 35.49 -20.75
C LYS D 176 28.71 34.88 -19.53
N GLY D 177 28.71 33.53 -19.46
CA GLY D 177 28.07 32.75 -18.40
C GLY D 177 27.06 31.74 -18.93
N ARG D 178 26.55 32.01 -20.16
CA ARG D 178 25.57 31.20 -20.89
C ARG D 178 26.22 29.89 -21.41
N ALA D 179 25.37 28.91 -21.77
CA ALA D 179 25.82 27.63 -22.30
C ALA D 179 26.45 27.80 -23.69
N THR D 180 27.63 27.21 -23.88
CA THR D 180 28.37 27.25 -25.14
C THR D 180 28.29 25.91 -25.86
N LYS D 181 28.82 25.85 -27.09
CA LYS D 181 28.93 24.63 -27.90
C LYS D 181 29.80 23.63 -27.12
N GLY D 182 30.87 24.15 -26.51
CA GLY D 182 31.79 23.41 -25.67
C GLY D 182 31.13 22.82 -24.45
N ALA D 183 30.30 23.60 -23.76
CA ALA D 183 29.57 23.10 -22.59
C ALA D 183 28.66 21.91 -22.98
N ALA D 184 27.97 22.01 -24.14
CA ALA D 184 27.10 20.96 -24.62
C ALA D 184 27.90 19.68 -24.95
N TYR D 185 29.05 19.81 -25.67
CA TYR D 185 29.91 18.68 -25.99
C TYR D 185 30.50 18.07 -24.71
N ALA D 186 30.92 18.93 -23.76
CA ALA D 186 31.49 18.50 -22.50
C ALA D 186 30.45 17.71 -21.69
N LEU D 187 29.19 18.20 -21.62
CA LEU D 187 28.16 17.46 -20.88
C LEU D 187 27.87 16.15 -21.58
N LYS D 188 27.81 16.17 -22.94
CA LYS D 188 27.58 15.01 -23.80
C LYS D 188 28.58 13.90 -23.46
N SER D 189 29.90 14.21 -23.39
CA SER D 189 30.96 13.25 -23.07
C SER D 189 30.73 12.58 -21.70
N ARG D 190 30.27 13.36 -20.68
CA ARG D 190 29.97 12.81 -19.35
C ARG D 190 28.77 11.85 -19.41
N VAL D 191 27.65 12.32 -19.98
CA VAL D 191 26.42 11.54 -20.13
C VAL D 191 26.72 10.22 -20.91
N GLU D 192 27.54 10.31 -21.99
CA GLU D 192 27.94 9.14 -22.79
C GLU D 192 28.81 8.18 -21.98
N LEU D 193 29.70 8.71 -21.11
CA LEU D 193 30.57 7.90 -20.26
C LEU D 193 29.75 7.15 -19.20
N TYR D 194 28.74 7.83 -18.62
CA TYR D 194 27.82 7.30 -17.60
C TYR D 194 26.97 6.15 -18.19
N ASP D 195 26.76 6.15 -19.52
CA ASP D 195 26.03 5.07 -20.20
C ASP D 195 26.97 4.12 -21.01
N LYS D 196 28.29 4.16 -20.72
CA LYS D 196 29.33 3.32 -21.32
C LYS D 196 29.35 3.37 -22.89
N ARG D 197 29.02 4.53 -23.48
CA ARG D 197 29.06 4.79 -24.93
C ARG D 197 30.45 5.38 -25.24
N TYR D 198 31.50 4.57 -25.03
CA TYR D 198 32.91 4.95 -25.12
C TYR D 198 33.33 5.50 -26.48
N GLU D 199 32.92 4.84 -27.60
CA GLU D 199 33.29 5.32 -28.94
C GLU D 199 32.77 6.77 -29.13
N ASP D 200 31.60 7.07 -28.56
CA ASP D 200 30.98 8.40 -28.60
C ASP D 200 31.71 9.42 -27.73
N VAL D 201 32.15 9.02 -26.51
CA VAL D 201 32.88 9.89 -25.56
C VAL D 201 34.09 10.51 -26.24
N ILE D 202 34.90 9.66 -26.91
CA ILE D 202 36.14 10.01 -27.62
C ILE D 202 35.87 11.07 -28.70
N LYS D 203 34.76 10.91 -29.44
CA LYS D 203 34.34 11.84 -30.49
C LYS D 203 33.95 13.20 -29.87
N SER D 204 33.16 13.18 -28.77
CA SER D 204 32.73 14.37 -28.05
C SER D 204 33.93 15.15 -27.47
N CYS D 205 34.91 14.43 -26.90
CA CYS D 205 36.15 14.98 -26.33
C CYS D 205 36.97 15.64 -27.43
N ALA D 206 37.07 14.99 -28.62
CA ALA D 206 37.81 15.50 -29.78
C ALA D 206 37.31 16.88 -30.20
N GLU D 207 36.00 17.12 -30.04
CA GLU D 207 35.36 18.37 -30.38
C GLU D 207 35.76 19.48 -29.44
N VAL D 208 35.82 19.20 -28.13
CA VAL D 208 36.17 20.17 -27.09
C VAL D 208 37.65 20.60 -27.21
N TYR D 209 38.52 19.66 -27.65
CA TYR D 209 39.94 19.93 -27.84
C TYR D 209 40.19 21.01 -28.90
N LYS D 210 39.23 21.17 -29.83
CA LYS D 210 39.30 22.13 -30.93
C LYS D 210 38.71 23.51 -30.56
N LEU D 211 38.00 23.61 -29.43
CA LEU D 211 37.29 24.82 -29.04
C LEU D 211 38.11 25.85 -28.22
N GLY D 212 39.43 25.70 -28.22
CA GLY D 212 40.32 26.64 -27.55
C GLY D 212 40.30 26.68 -26.04
N TYR D 213 39.99 25.56 -25.37
CA TYR D 213 40.08 25.55 -23.92
C TYR D 213 41.55 25.25 -23.55
N GLU D 214 41.98 25.57 -22.32
CA GLU D 214 43.36 25.31 -21.90
C GLU D 214 43.39 25.03 -20.40
N LEU D 215 44.18 24.03 -19.97
CA LEU D 215 44.31 23.71 -18.54
C LEU D 215 45.14 24.78 -17.83
N VAL D 216 44.65 25.24 -16.68
CA VAL D 216 45.36 26.22 -15.86
C VAL D 216 46.60 25.52 -15.28
N ASP D 217 47.75 26.23 -15.24
CA ASP D 217 48.98 25.70 -14.64
C ASP D 217 48.72 25.45 -13.15
N GLY D 218 48.97 24.21 -12.71
CA GLY D 218 48.76 23.81 -11.34
C GLY D 218 50.00 23.26 -10.66
N THR D 219 51.18 23.76 -11.03
CA THR D 219 52.45 23.28 -10.48
C THR D 219 52.67 23.72 -9.03
N THR D 220 51.84 24.63 -8.51
CA THR D 220 51.85 25.03 -7.11
C THR D 220 50.42 24.95 -6.58
N PRO D 221 50.21 24.65 -5.26
CA PRO D 221 48.86 24.60 -4.70
C PRO D 221 48.04 25.86 -4.95
N GLU D 222 48.65 27.06 -4.75
CA GLU D 222 48.01 28.36 -4.98
C GLU D 222 47.56 28.45 -6.47
N LYS D 223 48.45 28.07 -7.41
CA LYS D 223 48.17 28.07 -8.86
C LYS D 223 46.97 27.18 -9.20
N TYR D 224 46.93 25.94 -8.67
CA TYR D 224 45.84 25.00 -8.91
C TYR D 224 44.52 25.55 -8.35
N ARG D 225 44.52 26.00 -7.09
CA ARG D 225 43.35 26.55 -6.42
C ARG D 225 42.75 27.73 -7.17
N SER D 226 43.58 28.49 -7.90
CA SER D 226 43.15 29.68 -8.63
C SER D 226 42.09 29.39 -9.71
N ILE D 227 41.80 28.11 -10.01
CA ILE D 227 40.77 27.73 -10.99
C ILE D 227 39.41 28.22 -10.46
N TRP D 228 39.18 28.08 -9.15
CA TRP D 228 37.91 28.44 -8.48
C TRP D 228 37.88 29.89 -7.98
N TRP D 229 38.95 30.70 -8.21
CA TRP D 229 38.94 32.09 -7.74
C TRP D 229 37.96 32.89 -8.54
N THR D 230 37.23 33.74 -7.82
CA THR D 230 36.27 34.70 -8.39
C THR D 230 37.05 35.75 -9.20
N THR D 231 38.31 36.06 -8.79
CA THR D 231 39.20 36.98 -9.51
C THR D 231 39.84 36.29 -10.74
N ASN D 232 39.50 35.02 -10.99
CA ASN D 232 40.04 34.28 -12.12
C ASN D 232 38.92 33.55 -12.86
N LYS D 233 37.67 34.05 -12.68
CA LYS D 233 36.43 33.53 -13.26
C LYS D 233 36.49 33.46 -14.81
N ASP D 234 37.51 34.10 -15.44
CA ASP D 234 37.72 34.17 -16.89
C ASP D 234 38.85 33.26 -17.43
N ASN D 235 39.29 32.25 -16.64
CA ASN D 235 40.36 31.33 -17.07
C ASN D 235 39.86 30.38 -18.18
N LYS D 236 40.81 29.83 -18.97
CA LYS D 236 40.51 28.97 -20.14
C LYS D 236 40.15 27.50 -19.77
N GLU D 237 40.10 27.16 -18.47
CA GLU D 237 39.76 25.81 -18.04
C GLU D 237 38.24 25.66 -17.81
N ILE D 238 37.57 26.73 -17.39
CA ILE D 238 36.13 26.73 -17.14
C ILE D 238 35.37 26.50 -18.44
N ILE D 239 34.50 25.47 -18.48
CA ILE D 239 33.64 25.20 -19.64
C ILE D 239 32.22 25.68 -19.31
N PHE D 240 31.70 25.33 -18.11
CA PHE D 240 30.39 25.77 -17.62
C PHE D 240 30.43 25.89 -16.11
N ASP D 241 29.95 27.04 -15.60
CA ASP D 241 29.90 27.32 -14.18
C ASP D 241 28.67 28.14 -13.79
N VAL D 242 28.47 28.26 -12.47
CA VAL D 242 27.43 29.06 -11.80
C VAL D 242 28.08 29.73 -10.60
N GLN D 243 27.81 31.03 -10.41
CA GLN D 243 28.33 31.74 -9.24
C GLN D 243 27.21 31.63 -8.23
N TYR D 244 27.34 30.63 -7.34
CA TYR D 244 26.31 30.29 -6.36
C TYR D 244 26.46 31.13 -5.10
N LYS D 245 25.49 32.01 -4.86
CA LYS D 245 25.44 32.86 -3.68
C LYS D 245 24.10 32.67 -2.98
N SER D 246 24.15 32.11 -1.79
CA SER D 246 22.99 32.00 -0.93
C SER D 246 23.24 32.97 0.28
N PRO D 247 22.40 34.00 0.54
CA PRO D 247 22.69 34.86 1.71
C PRO D 247 22.32 34.12 2.99
N ASP D 248 21.48 33.03 2.82
CA ASP D 248 20.99 32.07 3.82
C ASP D 248 22.17 31.36 4.35
N VAL D 249 22.62 31.81 5.52
CA VAL D 249 23.83 31.33 6.19
C VAL D 249 23.80 29.80 6.39
N TYR D 250 22.58 29.24 6.50
CA TYR D 250 22.36 27.83 6.78
C TYR D 250 22.49 26.98 5.53
N ASN D 251 22.48 27.61 4.33
CA ASN D 251 22.58 26.88 3.06
C ASN D 251 23.71 27.40 2.16
N ASN D 252 24.42 28.46 2.61
CA ASN D 252 25.57 29.05 1.93
C ASN D 252 26.72 28.03 1.87
N VAL D 255 30.07 28.94 3.92
CA VAL D 255 29.92 28.94 5.38
C VAL D 255 29.68 27.51 5.88
N CYS D 256 28.87 26.74 5.17
CA CYS D 256 28.57 25.36 5.50
C CYS D 256 29.77 24.45 5.50
N ASN D 257 30.78 24.74 4.68
CA ASN D 257 31.94 23.86 4.55
C ASN D 257 33.23 24.51 5.04
N VAL D 259 35.92 25.87 8.01
CA VAL D 259 36.42 25.45 9.32
C VAL D 259 35.62 26.22 10.39
N THR D 260 35.02 25.49 11.36
CA THR D 260 34.23 26.16 12.39
C THR D 260 35.13 26.95 13.40
N TYR D 261 36.02 26.25 14.13
CA TYR D 261 36.83 26.85 15.19
C TYR D 261 38.15 27.44 14.70
N ILE D 262 38.02 28.70 14.23
CA ILE D 262 39.03 29.60 13.65
C ILE D 262 38.81 30.93 14.39
N ASN D 263 38.16 30.80 15.58
CA ASN D 263 37.71 31.92 16.42
C ASN D 263 38.79 32.54 17.32
N ASP D 264 40.04 32.10 17.19
CA ASP D 264 41.16 32.71 17.91
C ASP D 264 41.47 34.06 17.25
N LYS D 265 41.29 34.13 15.91
CA LYS D 265 41.51 35.30 15.07
C LYS D 265 40.22 35.77 14.38
N TYR D 266 39.34 34.82 13.98
CA TYR D 266 38.15 35.19 13.23
C TYR D 266 36.85 34.89 13.97
N GLY D 267 36.24 33.72 13.76
CA GLY D 267 34.98 33.38 14.41
C GLY D 267 34.58 31.95 14.24
N ASP D 268 33.37 31.60 14.72
CA ASP D 268 32.81 30.25 14.64
C ASP D 268 31.53 30.23 13.75
N ARG D 269 31.48 31.13 12.77
CA ARG D 269 30.37 31.24 11.83
C ARG D 269 30.21 29.95 10.96
N GLY D 270 31.34 29.30 10.63
CA GLY D 270 31.40 28.09 9.82
C GLY D 270 30.69 26.90 10.44
N TRP D 271 30.35 25.93 9.58
CA TRP D 271 29.64 24.72 10.00
C TRP D 271 30.45 23.46 9.74
N GLY D 272 31.67 23.59 9.25
CA GLY D 272 32.52 22.44 9.01
C GLY D 272 32.21 21.66 7.75
N GLY D 273 30.96 21.16 7.67
CA GLY D 273 30.44 20.38 6.57
C GLY D 273 31.34 19.23 6.19
N LEU D 274 31.87 19.28 4.97
CA LEU D 274 32.73 18.24 4.41
C LEU D 274 33.92 17.96 5.28
N GLY D 275 34.16 16.68 5.48
CA GLY D 275 35.26 16.17 6.28
C GLY D 275 36.06 15.13 5.52
N PRO D 276 37.09 15.56 4.75
CA PRO D 276 37.89 14.57 4.00
C PRO D 276 38.31 13.42 4.89
N THR D 277 38.15 12.19 4.41
CA THR D 277 38.46 10.95 5.16
C THR D 277 39.93 10.64 5.07
N GLN D 278 40.48 9.88 6.05
CA GLN D 278 41.88 9.48 6.03
C GLN D 278 42.20 8.65 4.77
N GLU D 279 41.17 7.95 4.25
CA GLU D 279 41.18 7.15 3.02
C GLU D 279 41.52 8.00 1.80
N LEU D 280 40.92 9.21 1.70
CA LEU D 280 41.19 10.13 0.61
C LEU D 280 42.57 10.75 0.78
N ILE D 281 42.95 11.13 2.03
CA ILE D 281 44.26 11.73 2.31
C ILE D 281 45.34 10.76 1.85
N ASP D 282 45.17 9.45 2.13
CA ASP D 282 46.08 8.37 1.76
C ASP D 282 46.27 8.25 0.25
N ALA D 283 45.25 8.65 -0.54
CA ALA D 283 45.24 8.55 -2.00
C ALA D 283 46.08 9.66 -2.70
N PHE D 284 46.42 10.76 -1.99
CA PHE D 284 47.24 11.83 -2.57
C PHE D 284 48.68 11.38 -2.59
N GLU D 285 49.27 11.37 -3.78
CA GLU D 285 50.66 10.95 -3.99
C GLU D 285 51.65 11.99 -3.52
N ALA D 287 54.97 14.45 -4.22
CA ALA D 287 55.23 15.36 -5.35
C ALA D 287 55.94 14.69 -6.54
N ASP D 288 56.74 13.64 -6.27
CA ASP D 288 57.50 12.85 -7.26
C ASP D 288 56.74 11.60 -7.76
N GLY D 289 55.41 11.54 -7.53
CA GLY D 289 54.58 10.42 -7.98
C GLY D 289 54.77 9.12 -7.22
N THR D 290 55.40 9.21 -6.03
CA THR D 290 55.66 8.12 -5.11
C THR D 290 54.43 7.99 -4.20
N PRO D 291 54.06 6.79 -3.70
CA PRO D 291 52.92 6.73 -2.77
C PRO D 291 53.32 7.26 -1.41
N ALA D 292 52.36 7.91 -0.74
CA ALA D 292 52.51 8.44 0.61
C ALA D 292 52.33 7.30 1.63
N THR D 293 52.73 7.51 2.89
CA THR D 293 52.49 6.50 3.93
C THR D 293 50.96 6.37 4.09
N GLN D 294 50.45 5.13 4.20
CA GLN D 294 49.00 4.88 4.37
C GLN D 294 48.70 4.78 5.86
N TYR D 295 47.74 5.59 6.35
CA TYR D 295 47.47 5.63 7.79
C TYR D 295 46.12 5.09 8.20
N SER D 296 45.15 4.99 7.27
CA SER D 296 43.79 4.55 7.61
C SER D 296 43.72 3.26 8.42
N GLN D 297 44.58 2.26 8.10
CA GLN D 297 44.54 0.97 8.76
C GLN D 297 45.52 0.85 9.94
N ALA D 298 46.07 1.99 10.39
CA ALA D 298 46.96 2.05 11.54
C ALA D 298 46.24 1.62 12.82
N PRO D 299 46.90 0.92 13.78
CA PRO D 299 46.20 0.57 15.03
C PRO D 299 45.79 1.83 15.80
N ALA D 300 44.61 1.80 16.43
CA ALA D 300 44.03 2.93 17.16
C ALA D 300 44.83 3.37 18.39
N ASP D 301 45.60 2.47 18.99
CA ASP D 301 46.40 2.80 20.17
C ASP D 301 47.72 3.51 19.79
N GLN D 302 48.11 3.47 18.49
CA GLN D 302 49.35 4.07 17.98
C GLN D 302 49.26 5.60 17.92
N VAL D 303 50.25 6.27 18.55
CA VAL D 303 50.42 7.73 18.65
C VAL D 303 51.54 8.15 17.66
N PHE D 304 51.21 9.01 16.67
CA PHE D 304 52.16 9.48 15.64
C PHE D 304 52.53 10.96 15.82
N ASP D 305 53.77 11.33 15.43
CA ASP D 305 54.21 12.72 15.50
C ASP D 305 54.21 13.27 14.10
N ILE D 306 53.43 14.35 13.90
CA ILE D 306 53.24 15.05 12.63
C ILE D 306 54.59 15.43 11.96
N ASN D 307 55.66 15.57 12.76
CA ASN D 307 56.98 15.96 12.29
C ASN D 307 57.94 14.78 12.10
N THR D 308 57.82 13.69 12.91
CA THR D 308 58.71 12.51 12.71
C THR D 308 58.22 11.80 11.45
N CYS D 309 56.93 11.43 11.40
CA CYS D 309 56.30 10.92 10.18
C CYS D 309 56.01 12.18 9.34
N GLY D 310 55.94 12.09 8.03
CA GLY D 310 55.72 13.34 7.28
C GLY D 310 54.35 13.44 6.66
N ILE D 311 53.33 13.00 7.43
CA ILE D 311 51.94 12.88 7.03
C ILE D 311 51.52 13.97 6.02
N TYR D 312 51.74 15.27 6.33
CA TYR D 312 51.30 16.38 5.49
C TYR D 312 52.46 17.12 4.82
N GLU D 313 53.62 16.45 4.74
CA GLU D 313 54.82 16.98 4.10
C GLU D 313 55.06 16.30 2.76
N GLY D 314 55.58 17.07 1.80
CA GLY D 314 55.99 16.62 0.46
C GLY D 314 54.96 16.06 -0.51
N ARG D 315 53.66 16.31 -0.28
CA ARG D 315 52.60 15.82 -1.15
C ARG D 315 52.50 16.66 -2.46
N GLU D 316 51.83 16.13 -3.51
CA GLU D 316 51.64 16.78 -4.81
C GLU D 316 50.70 18.01 -4.64
N PRO D 317 50.77 19.04 -5.54
CA PRO D 317 49.98 20.27 -5.32
C PRO D 317 48.48 20.12 -4.99
N ARG D 318 47.78 19.11 -5.59
CA ARG D 318 46.33 18.94 -5.37
C ARG D 318 46.00 18.60 -3.92
N PHE D 319 46.99 18.07 -3.17
CA PHE D 319 46.79 17.76 -1.76
C PHE D 319 46.53 19.05 -0.99
N TYR D 320 47.46 20.03 -1.08
CA TYR D 320 47.40 21.33 -0.39
C TYR D 320 46.32 22.21 -0.97
N ALA D 321 45.89 21.91 -2.21
CA ALA D 321 44.83 22.62 -2.91
C ALA D 321 43.45 22.18 -2.44
N ASN D 322 43.30 20.93 -1.98
CA ASN D 322 42.02 20.36 -1.56
C ASN D 322 41.82 20.22 -0.05
N ILE D 323 42.89 19.93 0.70
CA ILE D 323 42.78 19.57 2.12
C ILE D 323 43.27 20.66 3.08
N VAL D 324 42.39 20.97 4.08
CA VAL D 324 42.66 21.82 5.23
C VAL D 324 42.93 20.84 6.37
N PHE D 325 44.19 20.74 6.84
CA PHE D 325 44.63 19.83 7.92
C PHE D 325 45.26 20.61 9.09
N HIS D 326 45.65 19.89 10.17
CA HIS D 326 46.31 20.49 11.32
C HIS D 326 47.59 21.23 10.89
N GLY D 327 47.61 22.53 11.12
CA GLY D 327 48.74 23.37 10.75
C GLY D 327 48.57 24.14 9.45
N SER D 328 47.45 23.97 8.74
CA SER D 328 47.16 24.70 7.52
C SER D 328 46.92 26.17 7.80
N GLN D 329 47.48 27.04 6.96
CA GLN D 329 47.23 28.48 6.99
C GLN D 329 46.21 28.82 5.91
N ILE D 330 45.15 29.53 6.30
CA ILE D 330 44.04 29.97 5.46
C ILE D 330 43.73 31.43 5.77
N PHE D 331 42.98 32.11 4.88
CA PHE D 331 42.52 33.50 4.98
C PHE D 331 43.67 34.52 5.00
N PHE D 332 44.64 34.31 4.11
CA PHE D 332 45.82 35.15 3.95
C PHE D 332 45.49 36.61 3.67
N ASN D 333 44.49 36.86 2.79
CA ASN D 333 44.10 38.19 2.33
C ASN D 333 42.78 38.68 2.97
N ALA D 334 42.55 38.23 4.20
CA ALA D 334 41.45 38.66 5.07
C ALA D 334 42.06 39.68 6.00
N ASP D 335 41.25 40.58 6.59
CA ASP D 335 41.79 41.52 7.59
C ASP D 335 42.36 40.66 8.72
N LYS D 336 43.43 41.08 9.41
CA LYS D 336 44.04 40.25 10.48
C LYS D 336 44.97 39.12 9.90
N GLY D 337 44.91 38.88 8.59
CA GLY D 337 45.77 37.91 7.92
C GLY D 337 45.50 36.43 8.19
N ALA D 338 46.43 35.56 7.73
CA ALA D 338 46.32 34.11 7.83
C ALA D 338 46.18 33.60 9.26
N VAL D 339 45.25 32.65 9.42
CA VAL D 339 44.95 31.94 10.66
C VAL D 339 45.47 30.49 10.48
N THR D 340 46.05 29.90 11.53
CA THR D 340 46.55 28.53 11.44
C THR D 340 45.54 27.61 12.08
N VAL D 341 45.14 26.57 11.35
CA VAL D 341 44.15 25.58 11.78
C VAL D 341 44.79 24.67 12.79
N ASP D 342 44.12 24.53 13.94
CA ASP D 342 44.55 23.74 15.09
C ASP D 342 43.46 22.71 15.43
N ARG D 343 43.80 21.44 15.26
CA ARG D 343 42.93 20.29 15.50
C ARG D 343 43.08 19.75 16.93
N TYR D 344 44.08 20.26 17.67
CA TYR D 344 44.31 19.86 19.05
C TYR D 344 43.49 20.77 19.99
N LEU D 345 43.65 22.10 19.87
CA LEU D 345 42.97 23.04 20.77
C LEU D 345 41.70 23.71 20.19
N ASP D 347 39.60 23.25 16.28
CA ASP D 347 38.61 22.49 15.51
C ASP D 347 38.76 20.98 15.77
N THR D 348 38.14 20.64 16.86
CA THR D 348 38.12 19.33 17.50
C THR D 348 36.80 18.61 17.22
N PRO D 349 36.84 17.26 17.04
CA PRO D 349 35.59 16.51 16.78
C PRO D 349 34.56 16.61 17.91
N ASP D 350 35.06 16.79 19.14
CA ASP D 350 34.30 16.89 20.39
C ASP D 350 33.44 18.13 20.44
N LYS D 351 33.85 19.18 19.71
CA LYS D 351 33.11 20.42 19.66
C LYS D 351 32.02 20.33 18.58
N GLY D 352 30.90 21.01 18.86
CA GLY D 352 29.77 21.07 17.96
C GLY D 352 30.14 21.74 16.67
N ASP D 353 29.99 21.03 15.53
CA ASP D 353 30.30 21.48 14.17
C ASP D 353 31.83 21.56 13.89
N GLY D 354 32.65 21.04 14.80
CA GLY D 354 34.06 20.84 14.57
C GLY D 354 34.20 19.62 13.66
N SER D 355 35.33 19.51 12.91
CA SER D 355 35.61 18.41 11.98
C SER D 355 35.73 17.10 12.73
N LEU D 356 34.97 16.10 12.29
CA LEU D 356 35.02 14.76 12.88
C LEU D 356 36.21 13.90 12.37
N THR D 357 36.84 14.28 11.25
CA THR D 357 37.91 13.53 10.61
C THR D 357 39.29 14.17 10.76
N GLY D 358 39.32 15.42 11.22
CA GLY D 358 40.55 16.16 11.38
C GLY D 358 40.96 16.90 10.13
N TYR D 359 40.04 16.95 9.13
CA TYR D 359 40.21 17.65 7.85
C TYR D 359 38.97 18.40 7.45
N ASN D 360 39.13 19.43 6.61
CA ASN D 360 38.08 20.23 5.97
C ASN D 360 38.47 20.42 4.51
N VAL D 361 37.49 20.74 3.65
CA VAL D 361 37.74 20.95 2.23
C VAL D 361 38.36 22.38 2.01
N TRP D 362 39.19 22.54 0.93
CA TRP D 362 39.72 23.82 0.47
C TRP D 362 39.13 24.10 -0.90
N LYS D 363 39.80 23.62 -1.99
CA LYS D 363 39.45 23.76 -3.42
C LYS D 363 38.60 25.05 -3.74
N TRP D 364 37.25 24.92 -3.81
CA TRP D 364 36.36 26.00 -4.21
C TRP D 364 36.05 26.98 -3.07
N ILE D 365 36.64 26.81 -1.86
CA ILE D 365 36.52 27.84 -0.82
C ILE D 365 37.75 28.74 -1.03
N ASP D 366 37.52 30.03 -1.37
CA ASP D 366 38.61 30.98 -1.67
C ASP D 366 39.27 31.49 -0.38
N TYR D 367 39.99 30.59 0.33
CA TYR D 367 40.75 30.94 1.52
C TYR D 367 41.99 31.78 1.13
N ASP D 368 42.36 31.78 -0.16
CA ASP D 368 43.47 32.56 -0.67
C ASP D 368 43.15 34.06 -0.68
N ASN D 369 41.97 34.44 -1.20
CA ASN D 369 41.62 35.84 -1.41
C ASN D 369 40.55 36.43 -0.51
N TYR D 370 39.50 35.64 -0.20
CA TYR D 370 38.36 36.12 0.57
C TYR D 370 38.72 36.62 1.94
N ASN D 371 37.84 37.50 2.44
CA ASN D 371 37.87 38.02 3.80
C ASN D 371 36.91 37.14 4.62
N TYR D 372 37.03 37.11 5.95
CA TYR D 372 36.17 36.26 6.79
C TYR D 372 34.71 36.77 6.75
N PRO D 373 33.72 35.87 6.62
CA PRO D 373 32.32 36.33 6.58
C PRO D 373 31.75 36.74 7.95
N TYR D 374 32.26 37.83 8.56
CA TYR D 374 31.75 38.31 9.84
C TYR D 374 30.32 38.76 9.73
N ALA D 375 29.59 38.65 10.82
CA ALA D 375 28.27 39.24 10.84
C ALA D 375 28.51 40.73 11.17
N GLY D 376 28.66 41.53 10.11
CA GLY D 376 28.99 42.95 10.14
C GLY D 376 28.82 43.65 8.80
N ALA D 377 29.78 43.48 7.84
CA ALA D 377 29.73 44.05 6.46
C ALA D 377 29.90 42.94 5.35
N GLY D 378 29.26 43.14 4.17
CA GLY D 378 29.20 42.18 3.07
C GLY D 378 30.50 41.63 2.52
N ASP D 381 28.07 38.75 -1.06
CA ASP D 381 27.47 37.96 0.01
C ASP D 381 27.87 36.47 -0.08
N PHE D 382 29.18 36.31 -0.26
CA PHE D 382 30.08 35.16 -0.23
C PHE D 382 29.64 34.02 -1.13
N SER D 383 29.86 34.26 -2.42
CA SER D 383 29.54 33.33 -3.48
C SER D 383 30.68 32.35 -3.73
N THR D 384 30.32 31.19 -4.28
CA THR D 384 31.23 30.13 -4.65
C THR D 384 31.13 30.04 -6.16
N ASN D 385 32.26 29.84 -6.83
CA ASN D 385 32.24 29.69 -8.28
C ASN D 385 32.16 28.18 -8.54
N TRP D 386 30.91 27.68 -8.61
CA TRP D 386 30.67 26.25 -8.80
C TRP D 386 30.88 25.89 -10.26
N ILE D 387 31.99 25.18 -10.54
CA ILE D 387 32.35 24.80 -11.90
C ILE D 387 31.81 23.39 -12.19
N ILE D 388 30.68 23.38 -12.91
CA ILE D 388 29.97 22.15 -13.28
C ILE D 388 30.80 21.42 -14.33
N LEU D 389 31.40 22.14 -15.30
CA LEU D 389 32.23 21.51 -16.33
C LEU D 389 33.57 22.25 -16.49
N ARG D 390 34.68 21.52 -16.26
CA ARG D 390 36.10 21.94 -16.38
C ARG D 390 36.78 21.20 -17.52
N TYR D 391 37.79 21.82 -18.14
CA TYR D 391 38.54 21.20 -19.24
C TYR D 391 39.24 19.89 -18.80
N ALA D 392 39.67 19.79 -17.51
CA ALA D 392 40.32 18.60 -16.95
C ALA D 392 39.51 17.31 -17.18
N GLU D 393 38.16 17.40 -17.14
CA GLU D 393 37.26 16.27 -17.32
C GLU D 393 37.33 15.68 -18.71
N ILE D 394 37.52 16.52 -19.73
CA ILE D 394 37.61 16.08 -21.13
C ILE D 394 38.70 15.02 -21.21
N TYR D 395 39.89 15.31 -20.65
CA TYR D 395 41.05 14.42 -20.65
C TYR D 395 40.77 13.10 -19.95
N LEU D 396 40.09 13.15 -18.77
CA LEU D 396 39.81 11.99 -17.95
C LEU D 396 38.67 11.14 -18.52
N ASN D 397 37.65 11.76 -19.13
CA ASN D 397 36.55 11.04 -19.80
C ASN D 397 37.11 10.31 -21.01
N ASP D 398 38.03 10.99 -21.75
CA ASP D 398 38.71 10.48 -22.93
C ASP D 398 39.59 9.29 -22.53
N ALA D 399 40.40 9.41 -21.45
CA ALA D 399 41.29 8.35 -20.97
C ALA D 399 40.51 7.07 -20.59
N GLU D 400 39.31 7.25 -20.01
CA GLU D 400 38.45 6.15 -19.59
C GLU D 400 37.86 5.43 -20.81
N ALA D 401 37.32 6.20 -21.76
CA ALA D 401 36.73 5.70 -22.99
C ALA D 401 37.76 4.98 -23.85
N ARG D 402 39.01 5.46 -23.87
CA ARG D 402 40.11 4.88 -24.63
C ARG D 402 40.62 3.59 -23.97
N LEU D 403 40.75 3.58 -22.62
CA LEU D 403 41.20 2.39 -21.86
C LEU D 403 40.13 1.29 -21.88
N GLU D 404 38.90 1.64 -22.28
CA GLU D 404 37.77 0.72 -22.41
C GLU D 404 37.49 0.40 -23.90
N THR D 405 38.44 0.74 -24.78
CA THR D 405 38.37 0.53 -26.23
C THR D 405 39.62 -0.19 -26.69
N GLY D 406 40.61 -0.27 -25.79
CA GLY D 406 41.88 -0.92 -26.08
C GLY D 406 42.98 0.01 -26.53
N ASP D 407 42.72 1.32 -26.50
CA ASP D 407 43.68 2.36 -26.85
C ASP D 407 44.46 2.73 -25.58
N VAL D 408 45.37 1.82 -25.14
CA VAL D 408 46.15 2.01 -23.91
C VAL D 408 47.13 3.19 -24.06
N GLU D 409 47.78 3.34 -25.25
CA GLU D 409 48.72 4.44 -25.56
C GLU D 409 48.01 5.81 -25.57
N GLY D 410 46.80 5.83 -26.13
CA GLY D 410 45.94 7.04 -26.20
C GLY D 410 45.38 7.47 -24.87
N ALA D 411 45.04 6.50 -24.01
CA ALA D 411 44.53 6.80 -22.68
C ALA D 411 45.69 7.26 -21.81
N ARG D 412 46.87 6.55 -21.89
CA ARG D 412 48.07 6.92 -21.14
C ARG D 412 48.42 8.38 -21.44
N LYS D 413 48.36 8.78 -22.73
CA LYS D 413 48.62 10.13 -23.19
C LYS D 413 47.65 11.13 -22.55
N ALA D 414 46.33 10.80 -22.54
CA ALA D 414 45.26 11.66 -22.01
C ALA D 414 45.37 11.87 -20.47
N VAL D 415 45.54 10.79 -19.68
CA VAL D 415 45.61 10.92 -18.22
C VAL D 415 46.93 11.63 -17.80
N ASN D 416 48.01 11.48 -18.59
CA ASN D 416 49.29 12.10 -18.28
C ASN D 416 49.24 13.63 -18.48
N ILE D 418 46.80 15.49 -17.22
CA ILE D 418 46.30 15.87 -15.89
C ILE D 418 47.45 15.83 -14.87
N ARG D 419 48.33 14.80 -14.96
CA ARG D 419 49.49 14.63 -14.09
C ARG D 419 50.57 15.67 -14.41
N GLN D 420 50.80 15.93 -15.72
CA GLN D 420 51.80 16.91 -16.16
C GLN D 420 51.50 18.28 -15.58
N ARG D 421 50.22 18.66 -15.51
CA ARG D 421 49.76 19.95 -14.99
C ARG D 421 50.15 20.20 -13.52
N VAL D 422 50.27 19.14 -12.72
CA VAL D 422 50.58 19.28 -11.29
C VAL D 422 52.01 18.78 -10.98
N GLY D 423 52.85 18.73 -12.00
CA GLY D 423 54.25 18.29 -11.88
C GLY D 423 54.49 16.83 -11.54
N LEU D 424 53.45 15.98 -11.75
CA LEU D 424 53.55 14.54 -11.47
C LEU D 424 54.17 13.80 -12.68
N PRO D 425 55.07 12.83 -12.42
CA PRO D 425 55.68 12.09 -13.55
C PRO D 425 54.64 11.26 -14.33
N ASP D 426 54.91 11.02 -15.60
CA ASP D 426 54.00 10.27 -16.46
C ASP D 426 53.84 8.81 -16.06
N LEU D 427 52.60 8.31 -16.20
CA LEU D 427 52.27 6.90 -16.02
C LEU D 427 52.90 6.14 -17.18
N THR D 428 53.43 4.97 -16.86
CA THR D 428 54.17 4.08 -17.75
C THR D 428 53.40 2.79 -18.04
N GLU D 429 52.44 2.45 -17.15
CA GLU D 429 51.65 1.22 -17.17
C GLU D 429 51.07 0.88 -18.54
N SER D 430 51.41 -0.34 -18.99
CA SER D 430 51.00 -0.94 -20.26
C SER D 430 49.81 -1.90 -20.09
N ASP D 431 49.63 -2.52 -18.90
CA ASP D 431 48.52 -3.46 -18.63
C ASP D 431 47.19 -2.70 -18.52
N PRO D 432 46.18 -3.07 -19.36
CA PRO D 432 44.89 -2.36 -19.33
C PRO D 432 44.18 -2.42 -17.97
N GLU D 433 44.20 -3.59 -17.29
CA GLU D 433 43.54 -3.77 -15.98
C GLU D 433 44.17 -2.84 -14.92
N LYS D 434 45.52 -2.74 -14.90
CA LYS D 434 46.28 -1.88 -13.99
C LYS D 434 46.12 -0.41 -14.36
N LEU D 435 46.19 -0.08 -15.68
CA LEU D 435 46.03 1.30 -16.15
C LEU D 435 44.63 1.85 -15.83
N ARG D 436 43.58 1.00 -15.90
CA ARG D 436 42.21 1.40 -15.56
C ARG D 436 42.15 1.95 -14.15
N GLU D 437 42.79 1.25 -13.19
CA GLU D 437 42.76 1.68 -11.80
C GLU D 437 43.49 2.99 -11.61
N LEU D 438 44.60 3.20 -12.34
CA LEU D 438 45.39 4.42 -12.27
C LEU D 438 44.59 5.65 -12.75
N ILE D 439 43.78 5.48 -13.82
CA ILE D 439 42.92 6.52 -14.39
C ILE D 439 41.82 6.83 -13.38
N ARG D 440 41.16 5.78 -12.85
CA ARG D 440 40.11 5.89 -11.83
C ARG D 440 40.64 6.62 -10.59
N LYS D 441 41.89 6.29 -10.15
CA LYS D 441 42.55 6.94 -9.01
C LYS D 441 42.78 8.43 -9.34
N GLU D 442 43.28 8.76 -10.57
CA GLU D 442 43.49 10.15 -11.01
C GLU D 442 42.20 10.94 -11.02
N ARG D 443 41.10 10.32 -11.46
CA ARG D 443 39.79 10.94 -11.49
C ARG D 443 39.34 11.31 -10.07
N ARG D 444 39.57 10.39 -9.09
CA ARG D 444 39.18 10.62 -7.71
C ARG D 444 39.86 11.91 -7.17
N ILE D 445 41.19 12.03 -7.38
CA ILE D 445 41.98 13.15 -6.88
C ILE D 445 41.65 14.47 -7.61
N GLU D 446 41.55 14.43 -8.96
CA GLU D 446 41.27 15.61 -9.77
C GLU D 446 39.91 16.25 -9.43
N PHE D 447 38.85 15.42 -9.33
CA PHE D 447 37.48 15.87 -9.09
C PHE D 447 36.95 15.60 -7.66
N ALA D 448 37.87 15.53 -6.67
CA ALA D 448 37.44 15.39 -5.28
C ALA D 448 36.64 16.64 -4.89
N PHE D 449 35.48 16.44 -4.26
CA PHE D 449 34.57 17.49 -3.74
C PHE D 449 33.87 18.31 -4.84
N GLU D 450 33.79 17.74 -6.03
CA GLU D 450 33.13 18.36 -7.15
C GLU D 450 31.90 17.53 -7.54
N GLU D 451 31.27 16.88 -6.54
CA GLU D 451 30.02 16.10 -6.65
C GLU D 451 30.09 15.00 -7.73
N GLN D 452 31.21 14.26 -7.82
CA GLN D 452 31.33 13.19 -8.82
C GLN D 452 31.57 11.82 -8.21
N ARG D 453 32.27 11.76 -7.08
CA ARG D 453 32.65 10.52 -6.40
C ARG D 453 31.48 9.55 -6.21
N PHE D 454 30.32 10.05 -5.74
CA PHE D 454 29.13 9.22 -5.50
C PHE D 454 28.70 8.47 -6.76
N TYR D 455 28.71 9.19 -7.91
CA TYR D 455 28.31 8.69 -9.22
C TYR D 455 29.43 7.86 -9.86
N ASP D 456 30.69 8.12 -9.51
CA ASP D 456 31.82 7.30 -9.99
C ASP D 456 31.74 5.92 -9.33
N VAL D 457 31.50 5.88 -7.99
CA VAL D 457 31.35 4.65 -7.19
C VAL D 457 30.17 3.82 -7.75
N ARG D 458 29.06 4.50 -8.06
CA ARG D 458 27.81 3.93 -8.56
C ARG D 458 27.99 3.31 -9.94
N ARG D 459 28.59 4.08 -10.89
CA ARG D 459 28.78 3.65 -12.27
C ARG D 459 29.88 2.61 -12.37
N TRP D 460 30.97 2.72 -11.58
CA TRP D 460 32.04 1.73 -11.56
C TRP D 460 31.64 0.49 -10.78
N LYS D 461 30.53 0.60 -10.01
CA LYS D 461 29.97 -0.45 -9.14
C LYS D 461 31.03 -0.91 -8.13
N ILE D 462 31.53 0.04 -7.29
CA ILE D 462 32.55 -0.21 -6.27
C ILE D 462 32.06 0.20 -4.85
N GLY D 463 30.74 0.12 -4.64
CA GLY D 463 30.09 0.45 -3.38
C GLY D 463 30.57 -0.39 -2.20
N PRO D 464 30.65 -1.73 -2.33
CA PRO D 464 31.11 -2.55 -1.20
C PRO D 464 32.52 -2.21 -0.74
N GLU D 465 33.40 -1.85 -1.68
CA GLU D 465 34.80 -1.51 -1.46
C GLU D 465 34.95 -0.12 -0.80
N THR D 466 34.03 0.81 -1.06
CA THR D 466 34.14 2.19 -0.58
C THR D 466 33.25 2.50 0.63
N GLN D 467 32.00 1.98 0.67
CA GLN D 467 31.09 2.25 1.80
C GLN D 467 31.34 1.23 2.93
N THR D 468 32.47 1.42 3.64
CA THR D 468 32.92 0.58 4.76
C THR D 468 33.23 1.45 5.96
N THR D 469 34.22 1.01 6.76
CA THR D 469 34.67 1.78 7.91
C THR D 469 35.67 2.82 7.39
N LEU D 470 35.32 4.10 7.59
CA LEU D 470 36.14 5.23 7.18
C LEU D 470 36.85 5.79 8.40
N HIS D 471 37.99 6.44 8.17
CA HIS D 471 38.86 6.90 9.24
C HIS D 471 39.20 8.38 9.16
N GLY D 472 39.87 8.85 10.19
CA GLY D 472 40.31 10.23 10.34
C GLY D 472 41.40 10.31 11.38
N VAL D 473 41.74 11.53 11.81
CA VAL D 473 42.78 11.69 12.83
C VAL D 473 42.22 12.49 14.00
N ARG D 474 42.88 12.35 15.16
CA ARG D 474 42.52 13.04 16.39
C ARG D 474 43.82 13.42 17.07
N PHE D 475 43.97 14.72 17.45
CA PHE D 475 45.22 15.18 18.06
C PHE D 475 45.17 15.06 19.58
N VAL D 476 46.21 14.43 20.14
CA VAL D 476 46.36 14.17 21.58
C VAL D 476 47.29 15.22 22.22
N SER D 477 47.98 15.97 21.36
CA SER D 477 48.94 17.01 21.70
C SER D 477 49.10 17.94 20.47
N PRO D 478 49.79 19.10 20.58
CA PRO D 478 49.95 19.97 19.40
C PRO D 478 50.67 19.34 18.22
N THR D 479 51.41 18.27 18.46
CA THR D 479 52.26 17.61 17.46
C THR D 479 51.88 16.12 17.21
N GLU D 480 51.19 15.49 18.19
CA GLU D 480 50.85 14.09 18.14
C GLU D 480 49.37 13.82 17.89
N PHE D 481 49.09 12.78 17.06
CA PHE D 481 47.76 12.31 16.68
C PHE D 481 47.65 10.75 16.66
N LYS D 482 46.41 10.25 16.67
CA LYS D 482 45.99 8.84 16.55
C LYS D 482 45.01 8.72 15.39
N VAL D 483 44.93 7.55 14.74
CA VAL D 483 43.99 7.33 13.64
C VAL D 483 42.69 6.81 14.26
N THR D 484 41.57 7.44 13.88
CA THR D 484 40.24 7.13 14.41
C THR D 484 39.30 6.54 13.36
N LYS D 485 38.23 5.85 13.80
CA LYS D 485 37.14 5.40 12.94
C LYS D 485 36.18 6.62 12.87
N THR D 486 35.79 7.07 11.68
CA THR D 486 34.94 8.25 11.57
C THR D 486 33.51 7.92 11.15
N ASP D 487 33.29 6.73 10.55
CA ASP D 487 31.97 6.26 10.13
C ASP D 487 32.00 4.76 9.83
N ILE D 488 31.07 3.99 10.43
CA ILE D 488 30.95 2.55 10.17
C ILE D 488 29.77 2.38 9.20
N ARG D 489 30.10 2.47 7.90
CA ARG D 489 29.11 2.39 6.82
C ARG D 489 28.86 0.95 6.38
N THR D 490 27.66 0.73 5.79
CA THR D 490 27.17 -0.57 5.30
C THR D 490 26.63 -0.40 3.85
N TRP D 491 26.87 -1.43 2.98
CA TRP D 491 26.47 -1.44 1.57
C TRP D 491 25.40 -2.53 1.29
N ASN D 492 24.58 -2.26 0.27
CA ASN D 492 23.63 -3.17 -0.37
C ASN D 492 23.52 -2.72 -1.82
N ASP D 493 23.53 -3.67 -2.75
CA ASP D 493 23.51 -3.36 -4.18
C ASP D 493 22.30 -2.54 -4.63
N ARG D 494 21.22 -2.48 -3.82
CA ARG D 494 20.04 -1.67 -4.18
C ARG D 494 20.40 -0.17 -4.19
N LEU D 495 21.48 0.21 -3.47
CA LEU D 495 22.00 1.58 -3.35
C LEU D 495 22.67 2.06 -4.65
N TYR D 496 22.70 1.21 -5.71
CA TYR D 496 23.23 1.62 -7.02
C TYR D 496 22.18 2.47 -7.75
N LEU D 497 20.96 2.57 -7.17
CA LEU D 497 19.88 3.42 -7.64
C LEU D 497 19.17 4.05 -6.46
N THR D 498 18.72 5.28 -6.64
CA THR D 498 18.00 6.05 -5.63
C THR D 498 16.53 5.58 -5.66
N PRO D 499 15.83 5.42 -4.51
CA PRO D 499 14.41 5.02 -4.59
C PRO D 499 13.53 6.15 -5.15
N VAL D 500 12.47 5.76 -5.87
CA VAL D 500 11.47 6.68 -6.40
C VAL D 500 10.57 7.01 -5.19
N PRO D 501 10.32 8.29 -4.86
CA PRO D 501 9.49 8.60 -3.68
C PRO D 501 8.18 7.82 -3.68
N HIS D 502 7.85 7.23 -2.53
CA HIS D 502 6.68 6.37 -2.31
C HIS D 502 5.37 6.98 -2.78
N ASP D 503 5.12 8.24 -2.42
CA ASP D 503 3.87 8.92 -2.78
C ASP D 503 3.67 9.05 -4.28
N GLU D 504 4.79 9.11 -5.02
CA GLU D 504 4.78 9.18 -6.47
C GLU D 504 4.34 7.82 -7.08
N ILE D 505 4.85 6.71 -6.51
CA ILE D 505 4.57 5.32 -6.90
C ILE D 505 3.10 4.97 -6.68
N VAL D 506 2.54 5.37 -5.51
CA VAL D 506 1.15 5.02 -5.13
C VAL D 506 0.14 5.80 -5.98
N ARG D 507 0.55 6.96 -6.51
CA ARG D 507 -0.21 7.89 -7.37
C ARG D 507 -0.55 7.27 -8.72
N SER D 508 0.35 6.41 -9.25
CA SER D 508 0.25 5.80 -10.58
C SER D 508 0.37 4.28 -10.56
N SER D 509 -0.53 3.59 -11.27
CA SER D 509 -0.49 2.12 -11.37
C SER D 509 0.73 1.66 -12.16
N VAL D 510 1.06 2.40 -13.24
CA VAL D 510 2.12 2.10 -14.20
C VAL D 510 3.53 2.49 -13.69
N LEU D 511 3.60 3.35 -12.66
CA LEU D 511 4.88 3.77 -12.09
C LEU D 511 5.39 2.70 -11.15
N LYS D 512 6.56 2.12 -11.51
CA LYS D 512 7.23 1.02 -10.81
C LYS D 512 8.49 1.50 -10.07
N GLN D 513 8.69 0.96 -8.86
CA GLN D 513 9.82 1.29 -7.98
C GLN D 513 11.11 0.62 -8.46
N ASN D 514 12.26 1.17 -8.02
CA ASN D 514 13.57 0.61 -8.30
C ASN D 514 13.76 -0.65 -7.45
N LEU D 515 14.60 -1.56 -7.92
CA LEU D 515 14.91 -2.82 -7.27
C LEU D 515 15.42 -2.64 -5.84
N GLY D 516 14.87 -3.44 -4.91
CA GLY D 516 15.28 -3.44 -3.51
C GLY D 516 14.50 -2.53 -2.58
N TYR D 517 13.65 -1.64 -3.14
CA TYR D 517 12.83 -0.71 -2.35
C TYR D 517 11.32 -0.98 -2.49
#